data_8TYE
#
_entry.id   8TYE
#
loop_
_entity.id
_entity.type
_entity.pdbx_description
1 polymer 'Polyclonal Fv heavy chain'
2 polymer 'Polyclonal Fv light chain'
3 polymer 'Glycoprotein GP1'
4 polymer 'Glycoprotein GP2'
5 branched alpha-L-fucopyranose-(1-6)-2-acetamido-2-deoxy-beta-D-glucopyranose
6 branched alpha-D-mannopyranose-(1-6)-beta-D-mannopyranose-(1-4)-2-acetamido-2-deoxy-beta-D-glucopyranose-(1-4)-2-acetamido-2-deoxy-beta-D-glucopyranose
7 branched 2-acetamido-2-deoxy-beta-D-glucopyranose-(1-4)-[alpha-L-fucopyranose-(1-6)]2-acetamido-2-deoxy-beta-D-glucopyranose
8 branched 2-acetamido-2-deoxy-beta-D-glucopyranose-(1-4)-2-acetamido-2-deoxy-beta-D-glucopyranose
9 branched beta-D-mannopyranose-(1-4)-2-acetamido-2-deoxy-beta-D-glucopyranose-(1-4)-2-acetamido-2-deoxy-beta-D-glucopyranose
10 non-polymer 2-acetamido-2-deoxy-beta-D-glucopyranose
#
loop_
_entity_poly.entity_id
_entity_poly.type
_entity_poly.pdbx_seq_one_letter_code
_entity_poly.pdbx_strand_id
1 'polypeptide(L)'
;(UNK)(UNK)(UNK)(UNK)(UNK)(UNK)(UNK)(UNK)(UNK)(UNK)(UNK)(UNK)(UNK)(UNK)(UNK)(UNK)
(UNK)(UNK)(UNK)(UNK)(UNK)(UNK)(UNK)(UNK)(UNK)(UNK)(UNK)(UNK)(UNK)(UNK)(UNK)(UNK)
(UNK)(UNK)(UNK)(UNK)(UNK)(UNK)(UNK)(UNK)(UNK)(UNK)(UNK)(UNK)(UNK)(UNK)(UNK)(UNK)
(UNK)(UNK)(UNK)(UNK)(UNK)(UNK)(UNK)(UNK)(UNK)(UNK)(UNK)(UNK)(UNK)(UNK)(UNK)(UNK)
(UNK)(UNK)(UNK)(UNK)(UNK)(UNK)(UNK)(UNK)(UNK)(UNK)(UNK)(UNK)(UNK)(UNK)(UNK)(UNK)
(UNK)(UNK)(UNK)(UNK)(UNK)(UNK)(UNK)(UNK)(UNK)(UNK)(UNK)(UNK)(UNK)(UNK)(UNK)(UNK)
(UNK)(UNK)(UNK)(UNK)(UNK)(UNK)(UNK)(UNK)(UNK)(UNK)(UNK)(UNK)(UNK)(UNK)(UNK)(UNK)
(UNK)(UNK)(UNK)(UNK)
;
H
2 'polypeptide(L)'
;(UNK)(UNK)(UNK)(UNK)(UNK)(UNK)(UNK)(UNK)(UNK)(UNK)(UNK)(UNK)(UNK)(UNK)(UNK)(UNK)
(UNK)(UNK)(UNK)(UNK)(UNK)(UNK)(UNK)(UNK)(UNK)(UNK)(UNK)(UNK)(UNK)(UNK)(UNK)(UNK)
(UNK)(UNK)(UNK)(UNK)(UNK)(UNK)(UNK)(UNK)(UNK)(UNK)(UNK)(UNK)(UNK)(UNK)(UNK)(UNK)
(UNK)(UNK)(UNK)(UNK)(UNK)(UNK)(UNK)(UNK)(UNK)(UNK)(UNK)(UNK)(UNK)(UNK)(UNK)(UNK)
(UNK)(UNK)(UNK)(UNK)(UNK)(UNK)(UNK)(UNK)(UNK)(UNK)(UNK)(UNK)(UNK)(UNK)(UNK)(UNK)
(UNK)(UNK)(UNK)(UNK)(UNK)(UNK)(UNK)(UNK)(UNK)(UNK)(UNK)(UNK)(UNK)(UNK)(UNK)(UNK)
(UNK)(UNK)(UNK)(UNK)(UNK)(UNK)
;
L
3 'polypeptide(L)'
;MGQIVTFFQEVPHVIEEVMNIVLIALSVLAVLKGLYNFATCGLVGLVTFLLLCGRSCTTSLYKGVYELQTLELNMETLNM
TMPLSCTKNNSHHYIMVGNETGLELTLTNTSIINHKFCNLSDAHKKNLYDHALMSIISTFHLSIPNFNQYEAMSCDFNGG
KISVQYNLSHSYAGDAANHCGTVANGVLQTFMRMAWGGSYIALDSGCGNWDCIMTSYQYLIIQNTTWEDHCQFSRPSPIG
YLGLLSQRTRDIYISRRLL
;
C,A,B
4 'polypeptide(L)'
;GTFTWTLSDSEGKDTPGGYCLTRWMLIEAELKCFGNTAVAKCNEKHDEEFCDMLRLFDFNKQAIQRLKAPAQMSIQLINK
AVNALINDQLIMKNHLRDIMCIPYCNYSKYWYLNHTTTGRTSLPKCWLVSNGSYLNETHFSDDIEQQADNMITEMLQKEY
MERQGGSGGSGGSGGSGGSEKAAKAEEAARKMEELFKKHKIVAVLRANSVEEAIEKAVAVFAGGVHLIEITFTVPDADTV
IKALSVLKEKGAIIGAGTVTSVEQCRKAVESGAEFIVSPHLDEEISQFCKEKGVFYMPGVMTPTELVKAMKLGHDILKLF
PGEVVGPEFVKAMKGPFPNVKFVPTGGVDLDNVCEWFDAGVLAVGVGDALVEGDPDEVREKAKEFVEKIRGCTEGSLEWS
HPQFEK
;
c,a,b
#
loop_
_chem_comp.id
_chem_comp.type
_chem_comp.name
_chem_comp.formula
BMA D-saccharide, beta linking beta-D-mannopyranose 'C6 H12 O6'
FUC L-saccharide, alpha linking alpha-L-fucopyranose 'C6 H12 O5'
MAN D-saccharide, alpha linking alpha-D-mannopyranose 'C6 H12 O6'
NAG D-saccharide, beta linking 2-acetamido-2-deoxy-beta-D-glucopyranose 'C8 H15 N O6'
#
# COMPACT_ATOMS: atom_id res chain seq x y z
N UNK A 1 -21.10 -29.08 -30.93
CA UNK A 1 -21.62 -30.46 -31.10
C UNK A 1 -21.57 -30.89 -32.57
N UNK A 2 -21.91 -29.96 -33.45
CA UNK A 2 -21.91 -30.17 -34.89
C UNK A 2 -20.91 -29.22 -35.55
N UNK A 3 -20.48 -29.59 -36.76
CA UNK A 3 -19.49 -28.81 -37.46
C UNK A 3 -20.06 -27.48 -37.94
N UNK A 4 -19.21 -26.46 -37.97
CA UNK A 4 -19.55 -25.18 -38.53
C UNK A 4 -19.44 -25.26 -40.05
N UNK A 5 -19.50 -24.12 -40.74
CA UNK A 5 -19.38 -24.11 -42.19
C UNK A 5 -19.00 -22.71 -42.65
N UNK A 6 -18.19 -22.65 -43.70
CA UNK A 6 -17.79 -21.40 -44.33
C UNK A 6 -18.76 -21.06 -45.45
N UNK A 7 -18.39 -20.08 -46.29
CA UNK A 7 -19.20 -19.64 -47.42
C UNK A 7 -18.41 -19.83 -48.70
N UNK A 8 -19.14 -20.08 -49.79
CA UNK A 8 -18.54 -20.35 -51.10
C UNK A 8 -18.22 -19.02 -51.80
N UNK A 9 -17.25 -18.31 -51.24
CA UNK A 9 -16.69 -17.10 -51.82
C UNK A 9 -15.43 -17.43 -52.58
N UNK A 10 -15.19 -16.71 -53.68
CA UNK A 10 -14.00 -16.91 -54.48
C UNK A 10 -13.82 -15.79 -55.50
N UNK A 11 -12.60 -15.27 -55.62
CA UNK A 11 -12.25 -14.24 -56.59
C UNK A 11 -13.12 -12.99 -56.40
N UNK A 12 -13.17 -12.50 -55.16
CA UNK A 12 -13.93 -11.30 -54.88
C UNK A 12 -13.34 -10.08 -55.59
N UNK A 13 -12.04 -9.88 -55.43
CA UNK A 13 -11.34 -8.79 -56.10
C UNK A 13 -9.84 -9.00 -55.89
N UNK A 14 -9.04 -8.25 -56.65
CA UNK A 14 -7.59 -8.33 -56.56
C UNK A 14 -7.10 -7.36 -55.49
N UNK A 15 -6.48 -7.90 -54.45
CA UNK A 15 -5.96 -7.11 -53.33
C UNK A 15 -7.04 -6.31 -52.63
N UNK A 16 -8.28 -6.83 -52.61
CA UNK A 16 -9.38 -6.20 -51.87
C UNK A 16 -10.32 -7.32 -51.42
N UNK A 17 -10.13 -7.78 -50.19
CA UNK A 17 -10.92 -8.88 -49.67
C UNK A 17 -12.25 -8.39 -49.14
N UNK A 18 -13.26 -9.25 -49.23
CA UNK A 18 -14.59 -8.94 -48.70
C UNK A 18 -15.35 -10.25 -48.56
N UNK A 19 -15.68 -10.63 -47.33
CA UNK A 19 -16.39 -11.88 -47.10
C UNK A 19 -16.94 -11.90 -45.68
N UNK A 20 -17.96 -12.75 -45.48
CA UNK A 20 -18.50 -13.05 -44.16
C UNK A 20 -18.97 -14.50 -44.21
N UNK A 21 -18.10 -15.41 -43.78
CA UNK A 21 -18.18 -16.81 -44.15
C UNK A 21 -18.68 -17.75 -43.06
N UNK A 22 -18.35 -17.50 -41.80
CA UNK A 22 -18.54 -18.51 -40.77
C UNK A 22 -20.03 -18.74 -40.50
N UNK A 23 -20.29 -19.81 -39.74
CA UNK A 23 -21.64 -20.22 -39.36
C UNK A 23 -21.60 -20.71 -37.92
N UNK A 24 -22.66 -21.37 -37.49
CA UNK A 24 -22.76 -21.88 -36.12
C UNK A 24 -23.53 -23.18 -36.12
N UNK A 25 -23.37 -23.94 -35.04
CA UNK A 25 -23.93 -25.27 -34.90
C UNK A 25 -25.25 -25.22 -34.12
N UNK A 26 -25.94 -26.35 -34.10
CA UNK A 26 -27.21 -26.43 -33.40
C UNK A 26 -27.05 -26.28 -31.89
N UNK A 27 -25.89 -26.65 -31.35
CA UNK A 27 -25.65 -26.59 -29.92
C UNK A 27 -25.39 -25.14 -29.51
N UNK A 28 -24.96 -24.93 -28.27
CA UNK A 28 -24.73 -23.59 -27.75
C UNK A 28 -23.62 -22.89 -28.53
N UNK A 29 -23.85 -21.62 -28.86
CA UNK A 29 -22.90 -20.79 -29.60
C UNK A 29 -22.79 -19.41 -28.99
N UNK A 30 -22.89 -19.31 -27.67
CA UNK A 30 -22.83 -18.02 -27.00
C UNK A 30 -21.41 -17.46 -27.05
N UNK A 31 -21.25 -16.25 -26.52
CA UNK A 31 -19.93 -15.63 -26.46
C UNK A 31 -18.97 -16.38 -25.53
N UNK A 32 -19.49 -17.16 -24.58
CA UNK A 32 -18.63 -17.93 -23.70
C UNK A 32 -17.84 -18.97 -24.49
N UNK A 33 -18.51 -19.68 -25.39
CA UNK A 33 -17.85 -20.63 -26.28
C UNK A 33 -17.19 -19.84 -27.39
N UNK A 34 -15.88 -19.68 -27.31
CA UNK A 34 -15.16 -18.81 -28.23
C UNK A 34 -15.20 -19.37 -29.66
N UNK A 35 -14.89 -18.50 -30.62
CA UNK A 35 -14.83 -18.85 -32.03
C UNK A 35 -13.55 -18.27 -32.62
N UNK A 36 -12.78 -19.11 -33.29
CA UNK A 36 -11.47 -18.75 -33.84
C UNK A 36 -11.43 -19.09 -35.32
N UNK A 37 -10.27 -18.87 -35.94
CA UNK A 37 -10.08 -19.15 -37.35
C UNK A 37 -8.60 -19.37 -37.60
N UNK A 38 -8.30 -19.98 -38.75
CA UNK A 38 -6.93 -20.27 -39.18
C UNK A 38 -6.78 -19.76 -40.60
N UNK A 39 -6.02 -18.67 -40.76
CA UNK A 39 -5.79 -18.09 -42.08
C UNK A 39 -4.84 -18.99 -42.86
N UNK A 40 -5.36 -19.63 -43.91
CA UNK A 40 -4.57 -20.58 -44.67
C UNK A 40 -3.55 -19.85 -45.54
N UNK A 41 -2.82 -20.62 -46.34
CA UNK A 41 -1.81 -20.10 -47.26
C UNK A 41 -1.89 -20.88 -48.56
N UNK A 42 -1.31 -20.29 -49.61
CA UNK A 42 -1.31 -20.94 -50.92
C UNK A 42 -0.53 -22.25 -50.88
N UNK A 43 0.61 -22.26 -50.21
CA UNK A 43 1.41 -23.48 -50.04
C UNK A 43 0.77 -24.32 -48.94
N UNK A 44 0.01 -25.33 -49.34
CA UNK A 44 -0.68 -26.19 -48.38
C UNK A 44 0.25 -27.13 -47.64
N UNK A 45 1.51 -27.28 -48.08
CA UNK A 45 2.44 -28.17 -47.40
C UNK A 45 2.73 -27.69 -45.98
N UNK A 46 2.87 -26.38 -45.81
CA UNK A 46 3.16 -25.79 -44.51
C UNK A 46 1.86 -25.32 -43.86
N UNK A 47 1.68 -25.63 -42.58
CA UNK A 47 0.51 -25.18 -41.85
C UNK A 47 0.64 -23.69 -41.58
N UNK A 48 -0.33 -22.91 -42.05
CA UNK A 48 -0.29 -21.46 -41.93
C UNK A 48 -0.70 -21.06 -40.52
N UNK A 49 -0.95 -19.76 -40.32
CA UNK A 49 -1.33 -19.26 -39.00
C UNK A 49 -2.67 -19.85 -38.58
N UNK A 50 -2.75 -20.23 -37.30
CA UNK A 50 -3.93 -20.85 -36.70
C UNK A 50 -4.28 -20.16 -35.40
N UNK A 51 -4.15 -18.84 -35.36
CA UNK A 51 -4.32 -18.04 -34.15
C UNK A 51 -5.09 -16.76 -34.45
N UNK A 52 -6.19 -16.88 -35.20
CA UNK A 52 -7.04 -15.72 -35.45
C UNK A 52 -7.74 -15.31 -34.15
N UNK A 53 -8.51 -14.22 -34.25
CA UNK A 53 -9.18 -13.67 -33.08
C UNK A 53 -10.23 -14.61 -32.53
N UNK A 54 -10.40 -14.58 -31.21
CA UNK A 54 -11.41 -15.39 -30.53
C UNK A 54 -12.78 -14.70 -30.69
N UNK A 55 -13.77 -15.16 -29.92
CA UNK A 55 -15.08 -14.50 -29.95
C UNK A 55 -14.98 -13.05 -29.54
N UNK A 56 -14.22 -12.77 -28.48
CA UNK A 56 -13.80 -11.41 -28.17
C UNK A 56 -12.68 -11.03 -29.13
N UNK A 57 -12.84 -9.92 -29.84
CA UNK A 57 -11.92 -9.54 -30.91
C UNK A 57 -10.56 -9.19 -30.31
N UNK A 58 -9.60 -10.12 -30.45
CA UNK A 58 -8.23 -9.91 -30.04
C UNK A 58 -7.36 -9.75 -31.28
N UNK A 59 -6.54 -8.71 -31.31
CA UNK A 59 -5.76 -8.39 -32.49
C UNK A 59 -4.65 -9.41 -32.72
N UNK A 60 -4.24 -9.52 -33.98
CA UNK A 60 -3.13 -10.37 -34.40
C UNK A 60 -2.13 -9.55 -35.21
N UNK A 61 -1.16 -10.21 -35.83
CA UNK A 61 -0.20 -9.50 -36.66
C UNK A 61 -0.89 -8.92 -37.88
N UNK A 62 -0.65 -7.63 -38.14
CA UNK A 62 -1.28 -6.90 -39.24
C UNK A 62 -2.81 -6.95 -39.12
N UNK A 63 -3.31 -6.40 -38.01
CA UNK A 63 -4.71 -6.45 -37.67
C UNK A 63 -5.53 -5.30 -38.25
N UNK A 64 -4.93 -4.44 -39.07
CA UNK A 64 -5.67 -3.32 -39.64
C UNK A 64 -6.79 -3.82 -40.56
N UNK A 65 -6.49 -4.77 -41.43
CA UNK A 65 -7.45 -5.32 -42.38
C UNK A 65 -8.02 -6.64 -41.85
N UNK A 66 -8.85 -6.51 -40.81
CA UNK A 66 -9.48 -7.68 -40.21
C UNK A 66 -10.60 -7.22 -39.29
N UNK A 67 -11.66 -8.02 -39.22
CA UNK A 67 -12.79 -7.75 -38.35
C UNK A 67 -13.60 -9.01 -38.19
N UNK A 68 -14.29 -9.12 -37.04
CA UNK A 68 -15.09 -10.29 -36.71
C UNK A 68 -16.40 -9.83 -36.07
N UNK A 69 -17.39 -10.72 -36.13
CA UNK A 69 -18.72 -10.41 -35.58
C UNK A 69 -19.39 -11.72 -35.17
N UNK A 70 -19.97 -11.73 -33.97
CA UNK A 70 -20.60 -12.92 -33.42
C UNK A 70 -21.98 -13.20 -34.02
N UNK A 71 -22.60 -12.20 -34.66
CA UNK A 71 -23.88 -12.38 -35.36
C UNK A 71 -25.00 -12.87 -34.43
N UNK A 72 -24.96 -12.43 -33.17
CA UNK A 72 -26.01 -12.73 -32.19
C UNK A 72 -26.17 -14.23 -31.94
N UNK A 73 -25.09 -14.99 -32.09
CA UNK A 73 -25.00 -16.40 -31.71
C UNK A 73 -25.76 -17.36 -32.65
N UNK A 74 -26.51 -16.83 -33.63
CA UNK A 74 -27.13 -17.69 -34.62
C UNK A 74 -26.13 -18.16 -35.67
N UNK A 75 -25.12 -17.35 -35.95
CA UNK A 75 -24.07 -17.68 -36.90
C UNK A 75 -22.79 -16.98 -36.44
N UNK A 76 -21.83 -16.84 -37.34
CA UNK A 76 -20.62 -16.07 -37.10
C UNK A 76 -20.20 -15.41 -38.40
N UNK A 77 -19.31 -14.42 -38.29
CA UNK A 77 -18.87 -13.68 -39.46
C UNK A 77 -17.47 -13.15 -39.26
N UNK A 78 -16.69 -13.13 -40.34
CA UNK A 78 -15.34 -12.57 -40.34
C UNK A 78 -15.07 -11.96 -41.70
N UNK A 79 -14.46 -10.77 -41.70
CA UNK A 79 -14.17 -10.03 -42.91
C UNK A 79 -12.77 -9.45 -42.81
N UNK A 80 -12.22 -9.07 -43.97
CA UNK A 80 -10.87 -8.54 -44.04
C UNK A 80 -10.73 -7.73 -45.32
N UNK A 81 -9.50 -7.31 -45.62
CA UNK A 81 -9.20 -6.56 -46.83
C UNK A 81 -7.75 -6.84 -47.22
N UNK A 82 -7.45 -6.58 -48.49
CA UNK A 82 -6.10 -6.77 -49.04
C UNK A 82 -5.64 -8.22 -48.88
N UNK A 83 -6.33 -9.11 -49.56
CA UNK A 83 -5.99 -10.53 -49.55
C UNK A 83 -4.70 -10.74 -50.32
N UNK A 84 -3.58 -10.89 -49.61
CA UNK A 84 -2.29 -11.07 -50.24
C UNK A 84 -2.22 -12.42 -50.94
N UNK A 85 -1.33 -12.51 -51.92
CA UNK A 85 -1.11 -13.78 -52.62
C UNK A 85 -0.58 -14.85 -51.68
N UNK A 86 0.23 -14.46 -50.70
CA UNK A 86 0.69 -15.42 -49.70
C UNK A 86 -0.48 -15.97 -48.89
N UNK A 87 -1.45 -15.12 -48.58
CA UNK A 87 -2.68 -15.50 -47.90
C UNK A 87 -3.82 -15.74 -48.88
N UNK A 88 -3.51 -16.25 -50.08
CA UNK A 88 -4.52 -16.46 -51.10
C UNK A 88 -5.57 -17.48 -50.65
N UNK A 89 -5.12 -18.57 -50.02
CA UNK A 89 -6.06 -19.54 -49.48
C UNK A 89 -6.85 -18.91 -48.34
N UNK A 90 -8.17 -19.13 -48.34
CA UNK A 90 -9.03 -18.47 -47.38
C UNK A 90 -8.85 -19.07 -45.98
N UNK A 91 -9.39 -18.37 -44.99
CA UNK A 91 -9.30 -18.82 -43.61
C UNK A 91 -10.38 -19.86 -43.32
N UNK A 92 -9.97 -20.92 -42.64
CA UNK A 92 -10.90 -21.95 -42.17
C UNK A 92 -11.34 -21.58 -40.76
N UNK A 93 -12.64 -21.38 -40.58
CA UNK A 93 -13.18 -20.97 -39.30
C UNK A 93 -13.39 -22.20 -38.40
N UNK A 94 -13.52 -21.93 -37.10
CA UNK A 94 -13.75 -22.98 -36.12
C UNK A 94 -14.46 -22.35 -34.92
N UNK A 95 -15.78 -22.54 -34.84
CA UNK A 95 -16.60 -21.96 -33.79
C UNK A 95 -16.85 -22.94 -32.64
N UNK A 96 -15.87 -23.80 -32.34
CA UNK A 96 -16.00 -24.86 -31.35
C UNK A 96 -14.93 -24.77 -30.26
N UNK A 97 -14.32 -23.61 -30.06
CA UNK A 97 -13.39 -23.45 -28.95
C UNK A 97 -14.15 -23.53 -27.64
N UNK A 98 -13.84 -24.54 -26.83
CA UNK A 98 -14.62 -24.82 -25.64
C UNK A 98 -14.52 -23.68 -24.63
N UNK A 99 -15.63 -23.43 -23.94
CA UNK A 99 -15.66 -22.35 -22.96
C UNK A 99 -14.76 -22.62 -21.76
N UNK A 100 -14.49 -23.90 -21.46
CA UNK A 100 -13.74 -24.28 -20.28
C UNK A 100 -12.23 -24.22 -20.55
N UNK A 101 -11.45 -24.56 -19.53
CA UNK A 101 -9.99 -24.55 -19.63
C UNK A 101 -9.46 -25.87 -20.19
N UNK A 102 -9.82 -26.98 -19.55
CA UNK A 102 -9.45 -28.28 -20.09
C UNK A 102 -10.18 -28.53 -21.40
N UNK A 103 -9.48 -29.17 -22.34
CA UNK A 103 -9.98 -29.37 -23.70
C UNK A 103 -10.29 -28.04 -24.39
N UNK A 104 -9.50 -27.01 -24.07
CA UNK A 104 -9.66 -25.72 -24.73
C UNK A 104 -9.29 -25.83 -26.20
N UNK A 105 -9.96 -25.01 -27.02
CA UNK A 105 -9.79 -25.04 -28.47
C UNK A 105 -10.09 -26.43 -29.03
N UNK A 106 -11.14 -27.06 -28.51
CA UNK A 106 -11.56 -28.37 -28.98
C UNK A 106 -11.98 -28.26 -30.44
N UNK A 107 -11.16 -28.79 -31.34
CA UNK A 107 -11.31 -28.50 -32.77
C UNK A 107 -12.47 -29.28 -33.35
N UNK A 108 -13.50 -28.56 -33.76
CA UNK A 108 -14.56 -29.05 -34.65
C UNK A 108 -14.69 -28.09 -35.83
N UNK A 109 -13.55 -27.77 -36.43
CA UNK A 109 -13.43 -26.69 -37.38
C UNK A 109 -14.30 -26.92 -38.62
N UNK A 110 -14.42 -25.87 -39.43
CA UNK A 110 -15.26 -25.91 -40.61
C UNK A 110 -14.73 -26.92 -41.62
N UNK A 111 -15.63 -27.36 -42.51
CA UNK A 111 -15.26 -28.36 -43.49
C UNK A 111 -14.21 -27.85 -44.47
N UNK A 112 -14.37 -26.62 -44.95
CA UNK A 112 -13.44 -26.09 -45.93
C UNK A 112 -13.68 -24.58 -46.08
N UNK A 113 -12.70 -23.93 -46.70
CA UNK A 113 -12.80 -22.51 -47.06
C UNK A 113 -11.72 -22.23 -48.10
N UNK A 114 -12.14 -21.79 -49.30
CA UNK A 114 -11.24 -21.76 -50.45
C UNK A 114 -11.40 -20.50 -51.30
N UNK A 115 -11.75 -19.38 -50.67
CA UNK A 115 -11.75 -18.11 -51.39
C UNK A 115 -10.31 -17.65 -51.65
N UNK A 116 -10.11 -17.05 -52.82
CA UNK A 116 -8.79 -16.58 -53.22
C UNK A 116 -8.88 -15.57 -54.35
N UNK B 1 1.79 -13.77 -29.59
CA UNK B 1 2.92 -13.71 -30.57
C UNK B 1 4.02 -14.70 -30.17
N UNK B 2 3.65 -15.98 -30.14
CA UNK B 2 4.56 -17.07 -29.80
C UNK B 2 4.59 -18.08 -30.94
N UNK B 3 5.80 -18.54 -31.28
CA UNK B 3 6.02 -19.49 -32.37
C UNK B 3 6.81 -20.68 -31.85
N UNK B 4 6.29 -21.88 -32.08
CA UNK B 4 6.99 -23.09 -31.73
C UNK B 4 8.01 -23.43 -32.81
N UNK B 5 9.18 -23.91 -32.39
CA UNK B 5 10.24 -24.22 -33.34
C UNK B 5 9.84 -25.40 -34.21
N UNK B 6 10.04 -25.24 -35.52
CA UNK B 6 9.66 -26.30 -36.45
C UNK B 6 10.59 -27.50 -36.29
N UNK B 7 10.01 -28.69 -36.38
CA UNK B 7 10.78 -29.92 -36.33
C UNK B 7 11.54 -30.13 -37.64
N UNK B 8 12.24 -31.25 -37.74
CA UNK B 8 12.92 -31.58 -38.98
C UNK B 8 11.90 -31.88 -40.07
N UNK B 9 12.07 -31.25 -41.23
CA UNK B 9 11.13 -31.43 -42.33
C UNK B 9 11.21 -32.86 -42.85
N UNK B 10 10.04 -33.40 -43.22
CA UNK B 10 9.92 -34.76 -43.75
C UNK B 10 10.44 -35.78 -42.72
N UNK B 11 9.92 -35.68 -41.50
CA UNK B 11 10.34 -36.56 -40.41
C UNK B 11 9.55 -37.87 -40.48
N UNK B 12 9.83 -38.63 -41.54
CA UNK B 12 9.19 -39.90 -41.79
C UNK B 12 9.96 -41.04 -41.12
N UNK B 13 9.36 -42.22 -41.14
CA UNK B 13 9.97 -43.40 -40.54
C UNK B 13 9.27 -44.64 -41.08
N UNK B 14 9.73 -45.80 -40.65
CA UNK B 14 9.12 -47.06 -41.07
C UNK B 14 7.79 -47.28 -40.37
N UNK B 15 7.02 -48.23 -40.91
CA UNK B 15 5.72 -48.53 -40.33
C UNK B 15 5.85 -49.11 -38.94
N UNK B 16 6.83 -49.99 -38.73
CA UNK B 16 6.99 -50.63 -37.43
C UNK B 16 7.56 -49.67 -36.39
N UNK B 17 8.57 -48.90 -36.77
CA UNK B 17 9.25 -48.04 -35.82
C UNK B 17 8.46 -46.76 -35.56
N UNK B 18 8.42 -46.36 -34.30
CA UNK B 18 7.74 -45.12 -33.93
C UNK B 18 8.57 -43.91 -34.33
N UNK B 19 7.90 -42.78 -34.50
CA UNK B 19 8.52 -41.51 -34.86
C UNK B 19 7.98 -40.40 -33.97
N UNK B 20 8.82 -39.40 -33.72
CA UNK B 20 8.49 -38.27 -32.87
C UNK B 20 8.90 -36.97 -33.56
N UNK B 21 8.12 -35.92 -33.30
CA UNK B 21 8.37 -34.58 -33.81
C UNK B 21 8.39 -33.61 -32.63
N UNK B 22 9.48 -32.84 -32.53
CA UNK B 22 9.73 -31.97 -31.40
C UNK B 22 9.62 -30.51 -31.81
N UNK B 23 9.11 -29.69 -30.90
CA UNK B 23 8.91 -28.26 -31.16
C UNK B 23 8.94 -27.51 -29.83
N UNK B 24 9.80 -26.50 -29.74
CA UNK B 24 9.99 -25.70 -28.54
C UNK B 24 9.52 -24.28 -28.80
N UNK B 25 8.64 -23.79 -27.92
CA UNK B 25 8.12 -22.42 -27.99
C UNK B 25 8.84 -21.57 -26.97
N UNK B 26 9.52 -20.52 -27.44
CA UNK B 26 10.24 -19.64 -26.54
C UNK B 26 9.28 -18.86 -25.64
N UNK B 27 8.23 -18.30 -26.23
CA UNK B 27 7.24 -17.50 -25.51
C UNK B 27 6.06 -18.38 -25.11
N UNK B 28 6.32 -19.27 -24.15
CA UNK B 28 5.28 -20.16 -23.63
C UNK B 28 5.64 -20.54 -22.20
N UNK B 29 4.62 -20.89 -21.43
CA UNK B 29 4.77 -21.23 -20.02
C UNK B 29 3.48 -21.87 -19.55
N UNK B 30 3.40 -22.17 -18.26
CA UNK B 30 2.21 -22.72 -17.61
C UNK B 30 1.80 -24.07 -18.17
N UNK B 31 2.73 -24.80 -18.79
CA UNK B 31 2.47 -26.12 -19.36
C UNK B 31 1.34 -26.07 -20.40
N UNK B 32 1.45 -25.14 -21.33
CA UNK B 32 0.50 -24.97 -22.42
C UNK B 32 1.04 -25.65 -23.67
N UNK B 33 0.29 -26.61 -24.21
CA UNK B 33 0.70 -27.33 -25.40
C UNK B 33 -0.54 -27.89 -26.08
N UNK B 34 -0.57 -27.80 -27.40
CA UNK B 34 -1.71 -28.29 -28.18
C UNK B 34 -1.25 -28.52 -29.61
N UNK B 35 -1.40 -29.75 -30.09
CA UNK B 35 -0.98 -30.16 -31.43
C UNK B 35 -2.14 -30.82 -32.14
N UNK B 36 -2.31 -30.48 -33.42
CA UNK B 36 -3.33 -31.07 -34.29
C UNK B 36 -2.66 -31.52 -35.58
N UNK B 37 -3.07 -32.68 -36.09
CA UNK B 37 -2.41 -33.32 -37.22
C UNK B 37 -3.47 -33.93 -38.13
N UNK B 38 -3.50 -33.51 -39.38
CA UNK B 38 -4.42 -34.06 -40.37
C UNK B 38 -4.00 -33.61 -41.76
N UNK B 39 -4.29 -34.45 -42.75
CA UNK B 39 -3.98 -34.18 -44.14
C UNK B 39 -5.09 -33.33 -44.75
N UNK B 40 -5.08 -33.21 -46.08
CA UNK B 40 -6.11 -32.49 -46.83
C UNK B 40 -6.10 -31.01 -46.48
N UNK B 41 -7.16 -30.28 -46.87
CA UNK B 41 -7.23 -28.84 -46.73
C UNK B 41 -8.01 -28.40 -45.48
N UNK B 42 -7.93 -29.19 -44.40
CA UNK B 42 -8.61 -28.82 -43.16
C UNK B 42 -8.07 -29.66 -42.03
N UNK B 43 -7.78 -29.01 -40.90
CA UNK B 43 -7.28 -29.71 -39.73
C UNK B 43 -8.40 -30.43 -39.00
N UNK B 44 -8.11 -31.65 -38.54
CA UNK B 44 -9.08 -32.50 -37.88
C UNK B 44 -9.01 -32.29 -36.38
N UNK B 45 -9.67 -33.15 -35.62
CA UNK B 45 -9.62 -33.08 -34.16
C UNK B 45 -8.20 -33.35 -33.67
N UNK B 46 -7.80 -32.62 -32.64
CA UNK B 46 -6.44 -32.71 -32.13
C UNK B 46 -6.17 -34.08 -31.54
N UNK B 47 -5.16 -34.77 -32.07
CA UNK B 47 -4.78 -36.06 -31.53
C UNK B 47 -4.27 -35.93 -30.09
N UNK B 48 -3.47 -34.90 -29.83
CA UNK B 48 -2.97 -34.59 -28.50
C UNK B 48 -3.82 -33.48 -27.90
N UNK B 49 -4.45 -33.75 -26.76
CA UNK B 49 -5.28 -32.75 -26.09
C UNK B 49 -4.41 -31.62 -25.55
N UNK B 50 -5.08 -30.65 -24.92
CA UNK B 50 -4.38 -29.51 -24.37
C UNK B 50 -3.45 -29.94 -23.24
N UNK B 51 -2.40 -29.14 -23.02
CA UNK B 51 -1.39 -29.41 -22.00
C UNK B 51 -0.71 -30.75 -22.23
N UNK B 52 -0.48 -31.10 -23.50
CA UNK B 52 0.24 -32.31 -23.88
C UNK B 52 -0.42 -33.57 -23.35
N UNK B 53 -1.75 -33.59 -23.36
CA UNK B 53 -2.56 -34.73 -22.96
C UNK B 53 -3.17 -35.37 -24.21
N UNK B 54 -3.85 -36.50 -24.00
CA UNK B 54 -4.45 -37.28 -25.08
C UNK B 54 -5.92 -36.94 -25.22
N UNK B 55 -6.36 -36.69 -26.46
CA UNK B 55 -7.75 -36.39 -26.72
C UNK B 55 -8.61 -37.65 -26.59
N UNK B 56 -9.91 -37.43 -26.41
CA UNK B 56 -10.83 -38.54 -26.26
C UNK B 56 -10.95 -39.33 -27.55
N UNK B 57 -11.10 -40.66 -27.41
CA UNK B 57 -11.26 -41.57 -28.55
C UNK B 57 -10.07 -41.53 -29.50
N UNK B 58 -8.86 -41.44 -28.95
CA UNK B 58 -7.61 -41.49 -29.69
C UNK B 58 -6.80 -42.70 -29.25
N UNK B 59 -5.81 -43.05 -30.05
CA UNK B 59 -4.98 -44.21 -29.76
C UNK B 59 -4.15 -43.95 -28.50
N UNK B 60 -4.17 -44.92 -27.59
CA UNK B 60 -3.42 -44.79 -26.34
C UNK B 60 -1.92 -44.71 -26.61
N UNK B 61 -1.44 -45.51 -27.55
CA UNK B 61 -0.02 -45.45 -27.91
C UNK B 61 0.34 -44.10 -28.51
N UNK B 62 -0.61 -43.42 -29.16
CA UNK B 62 -0.39 -42.09 -29.71
C UNK B 62 -0.60 -41.06 -28.60
N UNK B 63 0.37 -41.04 -27.67
CA UNK B 63 0.35 -40.13 -26.53
C UNK B 63 1.78 -39.72 -26.21
N UNK B 64 2.01 -38.40 -26.16
CA UNK B 64 3.32 -37.84 -25.87
C UNK B 64 3.17 -36.68 -24.91
N UNK B 65 4.21 -36.48 -24.08
CA UNK B 65 4.20 -35.48 -23.02
C UNK B 65 5.43 -34.60 -23.15
N UNK B 66 5.22 -33.29 -23.08
CA UNK B 66 6.29 -32.30 -23.01
C UNK B 66 5.96 -31.31 -21.91
N UNK B 67 6.87 -31.15 -20.96
CA UNK B 67 6.56 -30.40 -19.74
C UNK B 67 6.33 -28.92 -20.02
N UNK B 68 7.25 -28.27 -20.73
CA UNK B 68 7.14 -26.84 -20.96
C UNK B 68 8.15 -26.41 -22.00
N UNK B 69 7.73 -25.50 -22.89
CA UNK B 69 8.59 -24.97 -23.95
C UNK B 69 9.14 -26.09 -24.83
N UNK B 70 8.31 -27.11 -25.06
CA UNK B 70 8.73 -28.29 -25.79
C UNK B 70 7.51 -29.03 -26.28
N UNK B 71 7.72 -29.94 -27.23
CA UNK B 71 6.67 -30.78 -27.78
C UNK B 71 7.26 -32.15 -28.10
N UNK B 72 6.37 -33.13 -28.22
CA UNK B 72 6.78 -34.49 -28.53
C UNK B 72 5.61 -35.23 -29.14
N UNK B 73 5.92 -36.33 -29.81
CA UNK B 73 4.92 -37.21 -30.41
C UNK B 73 5.38 -38.65 -30.24
N UNK B 74 4.40 -39.55 -30.26
CA UNK B 74 4.67 -40.98 -30.07
C UNK B 74 3.67 -41.83 -30.84
N UNK B 75 2.87 -45.00 -37.24
CA UNK B 75 4.05 -44.18 -37.48
C UNK B 75 4.36 -44.11 -38.97
N UNK B 76 3.77 -43.12 -39.64
CA UNK B 76 3.87 -42.95 -41.09
C UNK B 76 3.37 -44.18 -41.84
N UNK B 77 2.39 -44.89 -41.25
CA UNK B 77 1.72 -46.03 -41.85
C UNK B 77 0.23 -45.77 -42.03
N UNK B 78 -0.46 -45.35 -40.96
CA UNK B 78 -1.85 -44.92 -41.02
C UNK B 78 -2.05 -43.49 -40.55
N UNK B 79 -1.10 -42.92 -39.80
CA UNK B 79 -1.18 -41.54 -39.32
C UNK B 79 -0.48 -40.55 -40.24
N UNK B 80 -0.47 -40.82 -41.55
CA UNK B 80 0.21 -39.96 -42.51
C UNK B 80 -0.50 -38.61 -42.57
N UNK B 81 0.14 -37.58 -42.02
CA UNK B 81 -0.45 -36.25 -42.00
C UNK B 81 0.58 -35.26 -41.47
N UNK B 82 0.51 -34.03 -41.97
CA UNK B 82 1.46 -32.98 -41.58
C UNK B 82 1.00 -32.37 -40.26
N UNK B 83 1.75 -32.63 -39.19
CA UNK B 83 1.38 -32.14 -37.87
C UNK B 83 1.56 -30.63 -37.79
N UNK B 84 0.90 -30.04 -36.80
CA UNK B 84 1.03 -28.62 -36.51
C UNK B 84 0.77 -28.42 -35.03
N UNK B 85 1.25 -27.30 -34.49
CA UNK B 85 1.18 -27.00 -33.07
C UNK B 85 0.90 -25.53 -32.85
N UNK B 86 0.01 -25.24 -31.91
CA UNK B 86 -0.32 -23.86 -31.56
C UNK B 86 -0.93 -23.88 -30.17
N UNK B 87 -0.24 -23.28 -29.21
CA UNK B 87 -0.68 -23.23 -27.81
C UNK B 87 -0.41 -21.86 -27.24
N UNK B 88 -1.26 -21.45 -26.31
CA UNK B 88 -1.18 -20.16 -25.64
C UNK B 88 -1.20 -20.36 -24.14
N UNK B 89 -0.36 -19.61 -23.43
CA UNK B 89 -0.22 -19.70 -21.98
C UNK B 89 -0.99 -18.59 -21.27
N UNK B 90 -0.69 -17.33 -21.60
CA UNK B 90 -1.26 -16.16 -20.94
C UNK B 90 -2.13 -15.35 -21.88
N UNK B 91 -1.60 -14.90 -23.02
CA UNK B 91 -2.30 -13.99 -23.91
C UNK B 91 -3.16 -14.77 -24.91
N UNK B 92 -4.14 -14.06 -25.47
CA UNK B 92 -4.98 -14.63 -26.52
C UNK B 92 -4.33 -14.57 -27.90
N UNK B 93 -3.27 -13.78 -28.07
CA UNK B 93 -2.54 -13.70 -29.34
C UNK B 93 -1.45 -14.77 -29.37
N UNK B 94 -1.44 -15.57 -30.43
CA UNK B 94 -0.48 -16.64 -30.59
C UNK B 94 -0.18 -16.81 -32.08
N UNK B 95 0.51 -17.88 -32.43
CA UNK B 95 0.84 -18.17 -33.82
C UNK B 95 1.16 -19.64 -33.96
N UNK B 96 1.16 -20.11 -35.21
CA UNK B 96 1.48 -21.49 -35.57
C UNK B 96 2.64 -21.48 -36.55
N UNK B 97 3.68 -22.25 -36.24
CA UNK B 97 4.88 -22.31 -37.07
C UNK B 97 5.46 -23.71 -37.19
N UNK B 98 4.66 -24.75 -36.93
CA UNK B 98 5.11 -26.14 -37.01
C UNK B 98 4.64 -26.73 -38.33
N UNK B 99 5.58 -27.27 -39.11
CA UNK B 99 5.27 -27.85 -40.41
C UNK B 99 6.25 -28.98 -40.68
N UNK B 100 5.73 -30.20 -40.81
CA UNK B 100 6.56 -31.37 -41.03
C UNK B 100 5.67 -32.48 -41.59
N UNK B 101 6.21 -33.70 -41.66
CA UNK B 101 5.46 -34.88 -42.08
C UNK B 101 5.84 -36.04 -41.18
N UNK B 102 4.84 -36.86 -40.83
CA UNK B 102 5.06 -38.01 -39.95
C UNK B 102 4.10 -39.14 -40.29
N SER C 60 -20.29 -28.65 -1.34
CA SER C 60 -21.71 -28.48 -1.09
C SER C 60 -22.37 -27.64 -2.18
N LEU C 61 -23.63 -27.28 -1.97
CA LEU C 61 -24.36 -26.45 -2.92
C LEU C 61 -25.37 -25.61 -2.17
N TYR C 62 -25.44 -24.32 -2.51
CA TYR C 62 -26.32 -23.36 -1.85
C TYR C 62 -27.07 -22.57 -2.90
N LYS C 63 -28.38 -22.41 -2.68
CA LYS C 63 -29.25 -21.61 -3.55
C LYS C 63 -29.25 -22.13 -4.99
N GLY C 64 -29.14 -23.46 -5.14
CA GLY C 64 -29.35 -24.08 -6.43
C GLY C 64 -28.19 -23.98 -7.40
N VAL C 65 -27.81 -22.74 -7.77
CA VAL C 65 -26.89 -22.49 -8.88
C VAL C 65 -25.66 -21.72 -8.40
N TYR C 66 -25.23 -21.96 -7.16
CA TYR C 66 -24.02 -21.35 -6.62
C TYR C 66 -23.27 -22.41 -5.82
N GLU C 67 -22.13 -22.86 -6.37
CA GLU C 67 -21.30 -23.88 -5.74
C GLU C 67 -20.18 -23.21 -4.97
N LEU C 68 -19.92 -23.72 -3.75
CA LEU C 68 -18.90 -23.17 -2.86
C LEU C 68 -17.57 -23.84 -3.18
N GLN C 69 -16.79 -23.23 -4.07
CA GLN C 69 -15.49 -23.75 -4.42
C GLN C 69 -14.47 -23.34 -3.34
N THR C 70 -13.22 -23.78 -3.52
CA THR C 70 -12.14 -23.52 -2.59
C THR C 70 -10.92 -23.04 -3.38
N LEU C 71 -10.01 -22.38 -2.67
CA LEU C 71 -8.82 -21.79 -3.28
C LEU C 71 -7.70 -21.78 -2.26
N GLU C 72 -6.53 -22.27 -2.67
CA GLU C 72 -5.34 -22.32 -1.84
C GLU C 72 -4.20 -21.62 -2.57
N LEU C 73 -3.42 -20.84 -1.84
CA LEU C 73 -2.37 -19.99 -2.41
C LEU C 73 -1.00 -20.58 -2.09
N ASN C 74 -0.24 -20.90 -3.15
CA ASN C 74 1.16 -21.26 -3.01
C ASN C 74 1.97 -19.98 -2.86
N MET C 75 2.56 -19.79 -1.68
CA MET C 75 3.26 -18.55 -1.36
C MET C 75 4.76 -18.61 -1.63
N GLU C 76 5.31 -19.76 -2.01
CA GLU C 76 6.74 -19.85 -2.28
C GLU C 76 7.16 -19.05 -3.51
N THR C 77 6.21 -18.68 -4.38
CA THR C 77 6.57 -17.91 -5.56
C THR C 77 7.11 -16.53 -5.20
N LEU C 78 6.73 -15.99 -4.05
CA LEU C 78 7.17 -14.68 -3.60
C LEU C 78 8.49 -14.72 -2.83
N ASN C 79 9.22 -15.83 -2.88
CA ASN C 79 10.48 -15.92 -2.13
C ASN C 79 11.51 -14.90 -2.63
N MET C 80 11.47 -14.56 -3.92
CA MET C 80 12.44 -13.60 -4.45
C MET C 80 12.18 -12.19 -3.92
N THR C 81 10.92 -11.81 -3.77
CA THR C 81 10.59 -10.40 -3.65
C THR C 81 10.62 -9.89 -2.20
N MET C 82 10.21 -10.70 -1.23
CA MET C 82 10.33 -10.31 0.18
C MET C 82 10.56 -11.58 1.00
N PRO C 83 10.97 -11.43 2.27
CA PRO C 83 11.17 -12.62 3.10
C PRO C 83 9.88 -13.38 3.35
N LEU C 84 10.04 -14.69 3.55
CA LEU C 84 8.94 -15.61 3.82
C LEU C 84 9.16 -16.27 5.18
N SER C 85 8.06 -16.41 5.94
CA SER C 85 8.13 -16.95 7.29
C SER C 85 7.97 -18.47 7.28
N CYS C 86 7.96 -19.04 8.48
CA CYS C 86 7.83 -20.47 8.76
C CYS C 86 7.54 -20.72 10.23
N THR C 87 7.15 -21.97 10.51
CA THR C 87 6.96 -22.49 11.85
C THR C 87 7.25 -23.99 11.84
N LYS C 88 7.88 -24.47 12.91
CA LYS C 88 8.05 -25.89 13.17
C LYS C 88 8.23 -26.04 14.67
N ASN C 89 7.62 -27.07 15.25
CA ASN C 89 7.48 -27.18 16.70
C ASN C 89 6.68 -25.98 17.21
N ASN C 90 6.70 -25.75 18.53
CA ASN C 90 6.24 -24.50 19.11
C ASN C 90 7.36 -23.49 19.32
N SER C 91 8.62 -23.91 19.15
CA SER C 91 9.78 -23.05 19.38
C SER C 91 10.37 -22.50 18.08
N HIS C 92 10.77 -23.37 17.17
CA HIS C 92 11.47 -22.93 15.96
C HIS C 92 10.51 -22.18 15.05
N HIS C 93 10.99 -21.06 14.50
CA HIS C 93 10.22 -20.24 13.56
C HIS C 93 11.21 -19.71 12.53
N TYR C 94 11.38 -20.46 11.45
CA TYR C 94 12.30 -20.04 10.40
C TYR C 94 11.75 -18.83 9.66
N ILE C 95 12.66 -18.10 9.02
CA ILE C 95 12.28 -17.02 8.12
C ILE C 95 13.34 -16.92 7.02
N MET C 96 12.91 -17.05 5.77
CA MET C 96 13.80 -17.17 4.62
C MET C 96 13.80 -15.85 3.86
N VAL C 97 14.94 -15.17 3.87
CA VAL C 97 15.06 -13.91 3.15
C VAL C 97 14.94 -14.13 1.65
N GLY C 98 15.45 -15.24 1.16
CA GLY C 98 15.33 -15.58 -0.25
C GLY C 98 15.61 -17.04 -0.46
N ASN C 99 16.13 -17.37 -1.64
CA ASN C 99 16.47 -18.74 -2.00
C ASN C 99 17.92 -19.10 -1.67
N GLU C 100 18.57 -18.31 -0.82
CA GLU C 100 19.98 -18.50 -0.46
C GLU C 100 20.19 -18.73 1.03
N THR C 101 19.49 -17.99 1.89
CA THR C 101 19.73 -18.08 3.32
C THR C 101 18.50 -17.57 4.06
N GLY C 102 18.51 -17.76 5.38
CA GLY C 102 17.46 -17.25 6.22
C GLY C 102 17.97 -17.10 7.64
N LEU C 103 17.04 -16.79 8.55
CA LEU C 103 17.33 -16.70 9.97
C LEU C 103 16.52 -17.76 10.71
N GLU C 104 17.23 -18.60 11.48
CA GLU C 104 16.60 -19.50 12.42
C GLU C 104 16.40 -18.76 13.74
N LEU C 105 15.16 -18.74 14.22
CA LEU C 105 14.73 -18.03 15.42
C LEU C 105 14.24 -19.09 16.40
N THR C 106 15.16 -19.63 17.21
CA THR C 106 14.89 -20.80 18.04
C THR C 106 14.85 -20.43 19.51
N LEU C 107 13.77 -20.80 20.19
CA LEU C 107 13.78 -20.81 21.65
C LEU C 107 14.55 -22.03 22.13
N THR C 108 15.34 -21.85 23.19
CA THR C 108 16.07 -22.97 23.77
C THR C 108 16.44 -22.60 25.20
N ASN C 109 16.76 -23.64 25.98
CA ASN C 109 17.32 -23.45 27.31
C ASN C 109 18.84 -23.29 27.28
N THR C 110 19.50 -23.90 26.30
CA THR C 110 20.96 -23.88 26.19
C THR C 110 21.37 -22.66 25.38
N SER C 111 22.05 -21.71 26.02
CA SER C 111 22.54 -20.52 25.34
C SER C 111 23.72 -20.88 24.44
N ILE C 112 24.15 -19.90 23.65
CA ILE C 112 25.32 -20.02 22.78
C ILE C 112 26.35 -18.94 23.08
N ILE C 113 25.91 -17.80 23.60
CA ILE C 113 26.77 -16.68 23.95
C ILE C 113 26.71 -16.51 25.47
N ASN C 114 27.88 -16.56 26.11
CA ASN C 114 28.01 -16.43 27.55
C ASN C 114 28.66 -15.11 27.95
N HIS C 115 28.37 -14.04 27.20
CA HIS C 115 28.87 -12.72 27.52
C HIS C 115 27.86 -11.69 27.04
N LYS C 116 27.84 -10.55 27.73
CA LYS C 116 26.86 -9.49 27.49
C LYS C 116 27.41 -8.39 26.57
N PHE C 117 28.31 -8.74 25.66
CA PHE C 117 28.97 -7.81 24.75
C PHE C 117 28.47 -8.06 23.33
N CYS C 118 28.27 -6.97 22.57
CA CYS C 118 28.02 -7.04 21.13
C CYS C 118 29.05 -6.34 20.27
N ASN C 119 29.35 -5.07 20.53
CA ASN C 119 30.17 -4.25 19.63
C ASN C 119 29.51 -4.17 18.26
N LEU C 120 28.22 -3.82 18.25
CA LEU C 120 27.45 -3.83 17.01
C LEU C 120 27.92 -2.76 16.03
N SER C 121 28.40 -1.62 16.54
CA SER C 121 28.94 -0.59 15.66
C SER C 121 30.15 -1.10 14.90
N ASP C 122 30.96 -1.95 15.54
CA ASP C 122 32.07 -2.58 14.83
C ASP C 122 31.56 -3.49 13.73
N ALA C 123 30.42 -4.15 13.96
CA ALA C 123 29.81 -4.96 12.91
C ALA C 123 29.41 -4.11 11.72
N HIS C 124 28.86 -2.92 11.98
CA HIS C 124 28.59 -1.99 10.88
C HIS C 124 29.87 -1.57 10.19
N LYS C 125 30.93 -1.33 10.96
CA LYS C 125 32.17 -0.80 10.39
C LYS C 125 32.82 -1.81 9.46
N LYS C 126 33.01 -3.05 9.93
CA LYS C 126 33.72 -4.04 9.12
C LYS C 126 32.91 -4.46 7.90
N ASN C 127 31.58 -4.56 8.05
CA ASN C 127 30.68 -4.87 6.94
C ASN C 127 30.93 -6.27 6.38
N LEU C 128 31.16 -7.23 7.27
CA LEU C 128 31.38 -8.63 6.89
C LEU C 128 30.08 -9.42 6.71
N TYR C 129 28.93 -8.80 6.94
CA TYR C 129 27.62 -9.47 6.88
C TYR C 129 26.92 -9.14 5.56
N ASP C 130 25.70 -9.66 5.42
CA ASP C 130 24.82 -9.36 4.30
C ASP C 130 23.75 -8.37 4.74
N HIS C 131 23.46 -7.40 3.88
CA HIS C 131 22.65 -6.26 4.29
C HIS C 131 21.23 -6.65 4.65
N ALA C 132 20.64 -7.60 3.92
CA ALA C 132 19.25 -7.97 4.16
C ALA C 132 19.07 -8.59 5.54
N LEU C 133 20.04 -9.38 5.98
CA LEU C 133 19.92 -10.04 7.28
C LEU C 133 19.96 -9.02 8.42
N MET C 134 20.89 -8.07 8.35
CA MET C 134 20.95 -7.01 9.36
C MET C 134 19.68 -6.17 9.29
N SER C 135 19.14 -5.96 8.09
CA SER C 135 17.92 -5.17 7.96
C SER C 135 16.74 -5.86 8.64
N ILE C 136 16.56 -7.16 8.39
CA ILE C 136 15.40 -7.84 8.94
C ILE C 136 15.54 -8.00 10.45
N ILE C 137 16.74 -8.30 10.96
CA ILE C 137 16.88 -8.38 12.42
C ILE C 137 16.73 -7.00 13.05
N SER C 138 17.11 -5.93 12.34
CA SER C 138 16.85 -4.59 12.84
C SER C 138 15.35 -4.33 12.92
N THR C 139 14.60 -4.76 11.91
CA THR C 139 13.14 -4.64 11.95
C THR C 139 12.57 -5.43 13.12
N PHE C 140 13.15 -6.59 13.40
CA PHE C 140 12.71 -7.39 14.55
C PHE C 140 12.96 -6.65 15.85
N HIS C 141 14.16 -6.10 16.03
CA HIS C 141 14.51 -5.53 17.32
C HIS C 141 13.82 -4.19 17.56
N LEU C 142 13.73 -3.35 16.52
CA LEU C 142 13.11 -2.04 16.71
C LEU C 142 11.65 -2.16 17.09
N SER C 143 10.96 -3.18 16.59
CA SER C 143 9.55 -3.38 16.87
C SER C 143 9.28 -4.03 18.23
N ILE C 144 10.31 -4.27 19.03
CA ILE C 144 10.07 -4.86 20.35
C ILE C 144 9.34 -3.84 21.22
N PRO C 145 8.18 -4.17 21.81
CA PRO C 145 7.45 -3.13 22.55
C PRO C 145 8.05 -2.93 23.93
N ASN C 146 8.49 -1.69 24.20
CA ASN C 146 9.04 -1.30 25.50
C ASN C 146 10.25 -2.14 25.87
N PHE C 147 11.31 -2.00 25.08
CA PHE C 147 12.60 -2.60 25.36
C PHE C 147 13.42 -1.65 26.21
N ASN C 148 13.76 -2.06 27.42
CA ASN C 148 14.51 -1.24 28.38
C ASN C 148 15.75 -1.92 28.92
N GLN C 149 15.72 -3.23 29.14
CA GLN C 149 16.86 -3.98 29.66
C GLN C 149 17.77 -4.37 28.51
N TYR C 150 18.89 -3.67 28.34
CA TYR C 150 19.82 -4.00 27.28
C TYR C 150 20.73 -5.17 27.64
N GLU C 151 20.92 -5.45 28.92
CA GLU C 151 21.61 -6.67 29.32
C GLU C 151 20.84 -7.91 28.88
N ALA C 152 19.52 -7.80 28.77
CA ALA C 152 18.67 -8.95 28.45
C ALA C 152 18.91 -9.49 27.05
N MET C 153 19.60 -8.77 26.17
CA MET C 153 20.00 -9.26 24.86
C MET C 153 21.50 -9.07 24.70
N SER C 154 22.17 -10.15 24.29
CA SER C 154 23.56 -10.11 23.85
C SER C 154 23.59 -10.48 22.38
N CYS C 155 24.73 -10.23 21.74
CA CYS C 155 24.83 -10.56 20.33
C CYS C 155 26.30 -10.57 19.93
N ASP C 156 26.54 -11.01 18.70
CA ASP C 156 27.89 -11.05 18.15
C ASP C 156 27.78 -11.17 16.63
N PHE C 157 28.69 -10.46 15.94
CA PHE C 157 28.69 -10.36 14.49
C PHE C 157 30.06 -10.61 13.88
N ASN C 158 31.01 -11.15 14.64
CA ASN C 158 32.35 -11.34 14.13
C ASN C 158 32.37 -12.44 13.07
N GLY C 159 33.16 -12.21 12.02
CA GLY C 159 33.26 -13.16 10.93
C GLY C 159 32.14 -13.14 9.93
N GLY C 160 31.22 -12.16 10.02
CA GLY C 160 30.11 -12.03 9.11
C GLY C 160 28.84 -12.72 9.56
N LYS C 161 28.97 -13.81 10.31
CA LYS C 161 27.78 -14.48 10.83
C LYS C 161 27.05 -13.58 11.82
N ILE C 162 25.73 -13.64 11.79
CA ILE C 162 24.88 -12.94 12.75
C ILE C 162 24.48 -13.93 13.83
N SER C 163 24.65 -13.54 15.10
CA SER C 163 24.22 -14.39 16.20
C SER C 163 23.74 -13.50 17.34
N VAL C 164 22.41 -13.38 17.47
CA VAL C 164 21.78 -12.61 18.53
C VAL C 164 21.18 -13.59 19.53
N GLN C 165 21.12 -13.18 20.80
CA GLN C 165 20.61 -14.03 21.87
C GLN C 165 19.85 -13.12 22.83
N TYR C 166 18.52 -13.15 22.73
CA TYR C 166 17.66 -12.43 23.67
C TYR C 166 17.48 -13.29 24.91
N ASN C 167 18.09 -12.86 26.01
CA ASN C 167 17.87 -13.49 27.30
C ASN C 167 16.56 -12.99 27.89
N LEU C 168 15.81 -13.89 28.52
CA LEU C 168 14.49 -13.56 29.04
C LEU C 168 14.21 -14.41 30.27
N SER C 169 13.75 -13.75 31.34
CA SER C 169 13.49 -14.44 32.60
C SER C 169 12.66 -13.55 33.52
N HIS C 179 3.88 -11.16 38.27
CA HIS C 179 5.24 -11.55 37.96
C HIS C 179 5.66 -11.07 36.57
N CYS C 180 4.69 -10.97 35.66
CA CYS C 180 4.97 -10.58 34.28
C CYS C 180 4.93 -9.05 34.14
N GLY C 181 5.52 -8.58 33.04
CA GLY C 181 5.73 -7.17 32.79
C GLY C 181 7.15 -6.83 32.37
N THR C 182 7.99 -7.84 32.12
CA THR C 182 9.41 -7.65 31.83
C THR C 182 9.64 -7.69 30.32
N VAL C 183 10.92 -7.75 29.93
CA VAL C 183 11.29 -7.79 28.52
C VAL C 183 10.80 -9.07 27.83
N ALA C 184 10.58 -10.14 28.60
CA ALA C 184 10.18 -11.41 28.02
C ALA C 184 8.87 -11.30 27.24
N ASN C 185 7.89 -10.59 27.79
CA ASN C 185 6.61 -10.48 27.11
C ASN C 185 6.74 -9.73 25.78
N GLY C 186 7.52 -8.66 25.76
CA GLY C 186 7.71 -7.90 24.53
C GLY C 186 8.44 -8.71 23.47
N VAL C 187 9.50 -9.41 23.87
CA VAL C 187 10.24 -10.25 22.94
C VAL C 187 9.34 -11.34 22.38
N LEU C 188 8.52 -11.96 23.24
CA LEU C 188 7.65 -13.03 22.76
C LEU C 188 6.53 -12.48 21.88
N GLN C 189 6.03 -11.28 22.18
CA GLN C 189 5.00 -10.68 21.34
C GLN C 189 5.53 -10.42 19.93
N THR C 190 6.71 -9.80 19.84
CA THR C 190 7.29 -9.58 18.53
C THR C 190 7.69 -10.90 17.86
N PHE C 191 7.99 -11.92 18.66
CA PHE C 191 8.33 -13.24 18.09
C PHE C 191 7.12 -13.87 17.42
N MET C 192 5.98 -13.92 18.12
CA MET C 192 4.77 -14.45 17.52
C MET C 192 4.25 -13.56 16.39
N ARG C 193 4.58 -12.27 16.40
CA ARG C 193 4.25 -11.43 15.25
C ARG C 193 5.17 -11.69 14.06
N MET C 194 6.40 -12.16 14.32
CA MET C 194 7.30 -12.50 13.23
C MET C 194 6.75 -13.65 12.40
N ALA C 195 6.11 -14.62 13.04
CA ALA C 195 5.59 -15.80 12.34
C ALA C 195 4.42 -16.34 13.14
N TRP C 196 3.23 -16.28 12.57
CA TRP C 196 2.02 -16.69 13.26
C TRP C 196 2.03 -18.19 13.52
N GLY C 197 1.44 -18.59 14.66
CA GLY C 197 1.34 -19.98 15.02
C GLY C 197 0.20 -20.68 14.31
N CYS C 207 -8.41 -17.94 27.73
CA CYS C 207 -7.15 -17.50 27.13
C CYS C 207 -6.76 -16.11 27.67
N GLY C 208 -6.85 -15.05 26.88
CA GLY C 208 -6.49 -13.73 27.37
C GLY C 208 -5.03 -13.59 27.77
N ASN C 209 -4.11 -14.03 26.91
CA ASN C 209 -2.70 -14.16 27.25
C ASN C 209 -1.81 -13.15 26.54
N TRP C 210 -2.34 -11.97 26.15
CA TRP C 210 -1.52 -11.05 25.39
C TRP C 210 -0.46 -10.41 26.27
N ASP C 211 -0.84 -9.94 27.46
CA ASP C 211 0.10 -9.25 28.35
C ASP C 211 1.02 -10.24 29.06
N CYS C 212 0.45 -11.16 29.83
CA CYS C 212 1.23 -12.05 30.69
C CYS C 212 1.64 -13.28 29.89
N ILE C 213 2.42 -13.02 28.84
CA ILE C 213 2.88 -14.06 27.93
C ILE C 213 4.31 -14.39 28.33
N MET C 214 4.51 -15.63 28.77
CA MET C 214 5.81 -16.17 29.12
C MET C 214 5.97 -17.52 28.48
N THR C 215 7.22 -17.90 28.23
CA THR C 215 7.57 -19.21 27.70
C THR C 215 8.49 -19.89 28.69
N SER C 216 8.39 -21.22 28.76
CA SER C 216 9.26 -21.97 29.65
C SER C 216 10.73 -21.82 29.27
N TYR C 217 11.00 -21.51 28.00
CA TYR C 217 12.37 -21.50 27.51
C TYR C 217 13.08 -20.22 27.94
N GLN C 218 14.35 -20.34 28.29
CA GLN C 218 15.10 -19.26 28.93
C GLN C 218 15.92 -18.42 27.97
N TYR C 219 16.00 -18.76 26.69
CA TYR C 219 16.79 -17.98 25.74
C TYR C 219 16.14 -18.06 24.36
N LEU C 220 16.32 -16.99 23.59
CA LEU C 220 15.86 -16.92 22.20
C LEU C 220 17.07 -16.61 21.33
N ILE C 221 17.54 -17.62 20.60
CA ILE C 221 18.69 -17.50 19.70
C ILE C 221 18.19 -17.11 18.32
N ILE C 222 18.92 -16.24 17.64
CA ILE C 222 18.68 -15.86 16.25
C ILE C 222 20.00 -16.01 15.52
N GLN C 223 20.02 -16.82 14.46
CA GLN C 223 21.27 -17.05 13.74
C GLN C 223 20.99 -17.32 12.28
N ASN C 224 21.91 -16.90 11.42
CA ASN C 224 21.77 -17.18 10.00
C ASN C 224 21.85 -18.67 9.74
N THR C 225 21.15 -19.13 8.71
CA THR C 225 20.95 -20.55 8.48
C THR C 225 20.72 -20.79 6.98
N THR C 226 20.90 -22.05 6.60
CA THR C 226 20.82 -22.47 5.22
C THR C 226 19.36 -22.73 4.81
N TRP C 227 19.18 -23.23 3.58
CA TRP C 227 17.88 -23.26 2.92
C TRP C 227 17.21 -24.64 2.99
N GLU C 228 17.73 -25.54 3.84
CA GLU C 228 17.09 -26.85 4.06
C GLU C 228 15.72 -26.56 4.68
N ASP C 229 14.63 -26.73 3.92
CA ASP C 229 13.29 -26.35 4.43
C ASP C 229 13.00 -27.10 5.72
N HIS C 230 12.60 -26.40 6.78
CA HIS C 230 12.29 -26.99 8.11
C HIS C 230 10.88 -26.57 8.51
N CYS C 231 10.03 -26.17 7.56
CA CYS C 231 8.67 -25.66 7.86
C CYS C 231 7.63 -26.75 7.61
N GLN C 232 7.07 -27.34 8.67
CA GLN C 232 6.05 -28.40 8.56
C GLN C 232 4.73 -27.92 9.17
N PHE C 233 4.77 -27.21 10.30
CA PHE C 233 3.55 -26.74 11.00
C PHE C 233 2.81 -25.72 10.12
N SER C 234 3.54 -24.82 9.45
CA SER C 234 2.93 -23.74 8.63
C SER C 234 3.62 -23.60 7.27
N ARG C 235 2.86 -23.28 6.22
CA ARG C 235 3.43 -23.03 4.92
C ARG C 235 4.05 -21.64 4.93
N PRO C 236 4.93 -21.32 3.98
CA PRO C 236 5.52 -19.98 3.96
C PRO C 236 4.47 -18.90 3.75
N SER C 237 4.72 -17.74 4.36
CA SER C 237 3.84 -16.59 4.22
C SER C 237 4.66 -15.34 4.56
N PRO C 238 4.45 -14.22 3.83
CA PRO C 238 5.18 -13.00 4.18
C PRO C 238 4.41 -12.10 5.15
N ILE C 239 3.32 -12.61 5.73
CA ILE C 239 2.39 -11.75 6.45
C ILE C 239 3.03 -11.17 7.71
N GLY C 240 3.79 -11.99 8.46
CA GLY C 240 4.35 -11.51 9.71
C GLY C 240 5.35 -10.38 9.51
N TYR C 241 6.28 -10.55 8.56
CA TYR C 241 7.29 -9.53 8.35
C TYR C 241 6.67 -8.24 7.79
N LEU C 242 5.76 -8.38 6.83
CA LEU C 242 5.12 -7.19 6.26
C LEU C 242 4.30 -6.46 7.31
N GLY C 243 3.64 -7.21 8.20
CA GLY C 243 2.90 -6.58 9.28
C GLY C 243 3.80 -5.86 10.26
N LEU C 244 4.93 -6.47 10.61
CA LEU C 244 5.83 -5.86 11.58
C LEU C 244 6.65 -4.73 10.99
N LEU C 245 6.76 -4.62 9.66
CA LEU C 245 7.49 -3.51 9.07
C LEU C 245 6.86 -2.18 9.42
N SER C 246 5.52 -2.11 9.41
CA SER C 246 4.84 -0.88 9.74
C SER C 246 5.08 -0.48 11.19
N GLN C 247 4.93 -1.43 12.11
CA GLN C 247 5.10 -1.17 13.54
C GLN C 247 6.58 -1.30 13.89
N ARG C 248 7.37 -0.37 13.34
CA ARG C 248 8.83 -0.41 13.50
C ARG C 248 9.28 0.32 14.75
N THR C 249 9.02 1.64 14.84
CA THR C 249 9.48 2.50 15.92
C THR C 249 8.31 3.05 16.72
N ARG C 250 7.21 2.29 16.78
CA ARG C 250 6.01 2.77 17.43
C ARG C 250 6.04 2.64 18.95
N ASP C 251 6.93 1.80 19.51
CA ASP C 251 6.90 1.47 20.93
C ASP C 251 8.31 1.52 21.52
N ILE C 252 9.15 2.41 21.02
CA ILE C 252 10.50 2.59 21.53
C ILE C 252 10.50 3.62 22.66
N TYR C 253 11.23 3.32 23.73
CA TYR C 253 11.45 4.30 24.79
C TYR C 253 12.56 5.26 24.40
N ILE C 254 12.57 6.40 25.08
CA ILE C 254 13.68 7.34 24.99
C ILE C 254 14.85 6.83 25.81
N SER C 255 16.06 7.00 25.27
CA SER C 255 17.29 6.64 25.95
C SER C 255 18.31 7.78 25.99
N ARG C 256 18.11 8.86 25.23
CA ARG C 256 18.97 10.03 25.26
C ARG C 256 18.09 11.27 25.34
N ARG C 257 18.65 12.34 25.91
CA ARG C 257 17.91 13.59 26.01
C ARG C 257 17.60 14.15 24.62
N LEU C 258 18.58 14.12 23.71
CA LEU C 258 18.46 14.64 22.36
C LEU C 258 18.69 13.48 21.41
N LEU C 259 17.61 12.84 20.98
CA LEU C 259 17.71 11.72 20.05
C LEU C 259 18.15 12.22 18.69
N SER D 60 -38.65 21.47 16.71
CA SER D 60 -37.85 22.04 15.63
C SER D 60 -37.67 21.03 14.50
N LEU D 61 -38.63 21.00 13.58
CA LEU D 61 -38.59 20.09 12.43
C LEU D 61 -37.88 20.82 11.30
N TYR D 62 -36.64 20.44 11.03
CA TYR D 62 -35.81 21.20 10.10
C TYR D 62 -36.30 21.05 8.67
N LYS D 63 -36.53 19.82 8.23
CA LYS D 63 -37.16 19.53 6.94
C LYS D 63 -38.68 19.47 7.02
N GLY D 64 -39.26 19.74 8.20
CA GLY D 64 -40.68 19.66 8.39
C GLY D 64 -41.19 18.31 8.85
N VAL D 65 -40.41 17.25 8.65
CA VAL D 65 -40.76 15.91 9.12
C VAL D 65 -39.56 15.24 9.82
N TYR D 66 -38.36 15.84 9.73
CA TYR D 66 -37.18 15.36 10.45
C TYR D 66 -36.94 16.26 11.66
N GLU D 67 -36.85 15.64 12.84
CA GLU D 67 -36.51 16.33 14.08
C GLU D 67 -35.05 16.07 14.42
N LEU D 68 -34.39 17.10 14.96
CA LEU D 68 -32.99 16.99 15.36
C LEU D 68 -32.88 16.50 16.80
N GLN D 69 -31.82 15.73 17.05
CA GLN D 69 -31.54 15.19 18.38
C GLN D 69 -30.04 15.19 18.60
N THR D 70 -29.61 15.72 19.73
CA THR D 70 -28.19 15.78 20.07
C THR D 70 -27.74 14.48 20.73
N LEU D 71 -26.44 14.39 20.98
CA LEU D 71 -25.85 13.20 21.55
C LEU D 71 -24.50 13.56 22.15
N GLU D 72 -24.15 12.93 23.25
CA GLU D 72 -22.86 13.11 23.91
C GLU D 72 -22.29 11.75 24.27
N LEU D 73 -20.97 11.60 24.12
CA LEU D 73 -20.27 10.35 24.34
C LEU D 73 -19.50 10.42 25.65
N ASN D 74 -19.79 9.49 26.56
CA ASN D 74 -19.12 9.43 27.86
C ASN D 74 -17.86 8.60 27.69
N MET D 75 -16.71 9.26 27.61
CA MET D 75 -15.45 8.58 27.32
C MET D 75 -14.87 7.83 28.51
N GLU D 76 -15.45 7.98 29.70
CA GLU D 76 -14.89 7.33 30.89
C GLU D 76 -14.91 5.81 30.78
N THR D 77 -15.82 5.24 29.97
CA THR D 77 -15.82 3.80 29.74
C THR D 77 -14.53 3.30 29.11
N LEU D 78 -13.79 4.17 28.44
CA LEU D 78 -12.47 3.83 27.89
C LEU D 78 -11.35 3.88 28.92
N ASN D 79 -11.68 3.99 30.22
CA ASN D 79 -10.64 4.15 31.25
C ASN D 79 -9.69 2.96 31.26
N MET D 80 -10.23 1.75 31.11
CA MET D 80 -9.44 0.54 31.33
C MET D 80 -8.32 0.41 30.32
N THR D 81 -8.61 0.59 29.03
CA THR D 81 -7.67 0.27 27.97
C THR D 81 -6.86 1.49 27.54
N MET D 82 -7.54 2.54 27.04
CA MET D 82 -6.83 3.71 26.53
C MET D 82 -6.54 4.69 27.66
N PRO D 83 -5.53 5.56 27.49
CA PRO D 83 -5.36 6.66 28.46
C PRO D 83 -6.15 7.89 28.06
N LEU D 84 -6.74 8.53 29.06
CA LEU D 84 -7.65 9.65 28.89
C LEU D 84 -6.97 10.94 29.31
N SER D 85 -7.54 12.06 28.88
CA SER D 85 -6.93 13.36 29.10
C SER D 85 -8.00 14.40 29.45
N CYS D 86 -7.73 15.18 30.49
CA CYS D 86 -8.55 16.31 30.90
C CYS D 86 -7.65 17.53 31.01
N THR D 87 -8.28 18.70 31.14
CA THR D 87 -7.57 19.98 31.23
C THR D 87 -7.60 20.59 32.63
N LYS D 88 -8.68 20.39 33.37
CA LYS D 88 -8.87 20.98 34.70
C LYS D 88 -8.77 22.51 34.60
N ASN D 89 -7.60 23.09 34.85
CA ASN D 89 -7.38 24.52 34.67
C ASN D 89 -6.61 24.77 33.37
N ASN D 90 -6.53 26.03 32.99
CA ASN D 90 -5.82 26.38 31.75
C ASN D 90 -4.34 26.07 31.87
N SER D 91 -3.75 26.33 33.04
CA SER D 91 -2.32 26.10 33.22
C SER D 91 -1.99 24.61 33.17
N HIS D 92 -2.69 23.80 33.96
CA HIS D 92 -2.40 22.38 34.06
C HIS D 92 -3.15 21.60 32.98
N HIS D 93 -2.65 20.40 32.71
CA HIS D 93 -3.35 19.43 31.87
C HIS D 93 -3.02 18.05 32.41
N TYR D 94 -4.03 17.20 32.58
CA TYR D 94 -3.93 15.96 33.30
C TYR D 94 -4.20 14.78 32.38
N ILE D 95 -3.52 13.66 32.64
CA ILE D 95 -3.69 12.42 31.90
C ILE D 95 -3.89 11.29 32.90
N MET D 96 -4.88 10.44 32.62
CA MET D 96 -5.22 9.28 33.44
C MET D 96 -4.88 8.03 32.64
N VAL D 97 -3.92 7.25 33.15
CA VAL D 97 -3.59 5.93 32.60
C VAL D 97 -4.36 4.95 33.47
N GLY D 98 -5.59 4.68 33.08
CA GLY D 98 -6.46 3.93 33.96
C GLY D 98 -6.85 4.76 35.17
N ASN D 99 -7.46 4.09 36.15
CA ASN D 99 -7.86 4.72 37.39
C ASN D 99 -6.78 4.69 38.46
N GLU D 100 -5.63 4.06 38.20
CA GLU D 100 -4.62 3.79 39.22
C GLU D 100 -3.48 4.80 39.21
N THR D 101 -3.00 5.19 38.04
CA THR D 101 -1.89 6.12 37.89
C THR D 101 -2.17 7.03 36.71
N GLY D 102 -1.54 8.19 36.73
CA GLY D 102 -1.74 9.14 35.65
C GLY D 102 -0.73 10.28 35.65
N LEU D 103 -0.29 10.68 34.46
CA LEU D 103 0.64 11.78 34.38
C LEU D 103 -0.08 13.10 34.70
N GLU D 104 0.72 14.15 34.84
CA GLU D 104 0.21 15.45 35.29
C GLU D 104 1.15 16.51 34.74
N LEU D 105 0.66 17.31 33.80
CA LEU D 105 1.44 18.29 33.07
C LEU D 105 1.09 19.67 33.58
N THR D 106 2.11 20.46 33.93
CA THR D 106 1.92 21.78 34.50
C THR D 106 2.85 22.78 33.84
N LEU D 107 2.45 24.04 33.87
CA LEU D 107 3.28 25.18 33.50
C LEU D 107 3.35 26.11 34.70
N THR D 108 4.51 26.73 34.90
CA THR D 108 4.70 27.55 36.10
C THR D 108 5.91 28.45 35.90
N ASN D 109 6.19 29.25 36.93
CA ASN D 109 7.40 30.06 37.02
C ASN D 109 8.41 29.50 38.02
N THR D 110 8.05 28.47 38.79
CA THR D 110 8.97 27.79 39.68
C THR D 110 9.71 26.69 38.93
N SER D 111 10.51 25.91 39.66
CA SER D 111 11.28 24.82 39.08
C SER D 111 11.45 23.73 40.11
N ILE D 112 11.03 22.52 39.78
CA ILE D 112 11.13 21.38 40.69
C ILE D 112 12.44 20.61 40.52
N ILE D 113 13.01 20.61 39.31
CA ILE D 113 14.31 20.00 39.05
C ILE D 113 15.34 21.13 39.00
N ASN D 114 16.35 21.05 39.85
CA ASN D 114 17.38 22.08 39.96
C ASN D 114 18.70 21.68 39.31
N HIS D 115 18.78 20.53 38.65
CA HIS D 115 20.01 20.02 38.05
C HIS D 115 19.74 19.62 36.60
N LYS D 116 20.78 19.70 35.78
CA LYS D 116 20.64 19.52 34.34
C LYS D 116 20.74 18.06 33.91
N PHE D 117 21.10 17.15 34.80
CA PHE D 117 21.18 15.73 34.45
C PHE D 117 19.82 15.08 34.59
N CYS D 118 19.63 13.98 33.85
CA CYS D 118 18.34 13.31 33.70
C CYS D 118 18.42 11.81 33.98
N ASN D 119 19.52 11.15 33.58
CA ASN D 119 19.75 9.74 33.90
C ASN D 119 18.66 8.85 33.30
N LEU D 120 18.56 8.86 31.97
CA LEU D 120 17.62 7.94 31.32
C LEU D 120 18.09 6.50 31.48
N SER D 121 19.37 6.24 31.14
CA SER D 121 19.86 4.87 31.08
C SER D 121 19.84 4.21 32.45
N ASP D 122 20.17 4.97 33.50
CA ASP D 122 20.12 4.42 34.85
C ASP D 122 18.69 4.03 35.23
N ALA D 123 17.72 4.87 34.86
CA ALA D 123 16.32 4.57 35.14
C ALA D 123 15.88 3.32 34.40
N HIS D 124 16.29 3.17 33.14
CA HIS D 124 15.96 1.95 32.41
C HIS D 124 16.61 0.73 33.04
N LYS D 125 17.85 0.88 33.51
CA LYS D 125 18.54 -0.24 34.14
C LYS D 125 17.84 -0.67 35.42
N LYS D 126 17.44 0.29 36.26
CA LYS D 126 16.78 -0.05 37.52
C LYS D 126 15.39 -0.63 37.27
N ASN D 127 14.63 -0.01 36.36
CA ASN D 127 13.31 -0.50 35.96
C ASN D 127 12.32 -0.51 37.13
N LEU D 128 12.41 0.50 38.00
CA LEU D 128 11.43 0.70 39.05
C LEU D 128 10.21 1.49 38.58
N TYR D 129 10.33 2.21 37.46
CA TYR D 129 9.23 2.99 36.91
C TYR D 129 8.10 2.08 36.42
N ASP D 130 7.01 2.72 36.00
CA ASP D 130 5.85 2.06 35.41
C ASP D 130 5.90 2.23 33.90
N HIS D 131 5.67 1.12 33.18
CA HIS D 131 5.98 1.07 31.76
C HIS D 131 5.11 2.03 30.94
N ALA D 132 3.81 2.08 31.24
CA ALA D 132 2.90 2.89 30.44
C ALA D 132 3.24 4.38 30.56
N LEU D 133 3.55 4.84 31.77
CA LEU D 133 3.87 6.25 31.96
C LEU D 133 5.15 6.63 31.21
N MET D 134 6.19 5.80 31.30
CA MET D 134 7.41 6.09 30.56
C MET D 134 7.16 6.03 29.06
N SER D 135 6.28 5.14 28.61
CA SER D 135 5.92 5.11 27.20
C SER D 135 5.28 6.41 26.76
N ILE D 136 4.40 6.96 27.61
CA ILE D 136 3.73 8.21 27.24
C ILE D 136 4.72 9.37 27.25
N ILE D 137 5.63 9.40 28.22
CA ILE D 137 6.67 10.43 28.22
C ILE D 137 7.55 10.30 26.99
N SER D 138 7.83 9.07 26.55
CA SER D 138 8.59 8.88 25.32
C SER D 138 7.83 9.42 24.12
N THR D 139 6.54 9.12 24.03
CA THR D 139 5.73 9.62 22.93
C THR D 139 5.67 11.15 22.95
N PHE D 140 5.65 11.74 24.14
CA PHE D 140 5.61 13.19 24.25
C PHE D 140 6.94 13.80 23.80
N HIS D 141 8.06 13.26 24.29
CA HIS D 141 9.34 13.90 24.03
C HIS D 141 9.78 13.70 22.58
N LEU D 142 9.66 12.47 22.06
CA LEU D 142 9.96 12.25 20.66
C LEU D 142 9.04 13.01 19.72
N SER D 143 7.84 13.39 20.17
CA SER D 143 6.92 14.14 19.31
C SER D 143 7.26 15.62 19.21
N ILE D 144 8.34 16.08 19.83
CA ILE D 144 8.74 17.48 19.68
C ILE D 144 9.08 17.74 18.21
N PRO D 145 8.75 18.90 17.61
CA PRO D 145 9.18 19.13 16.23
C PRO D 145 10.71 19.21 16.06
N ASN D 146 11.38 20.11 16.78
CA ASN D 146 12.78 20.46 16.55
C ASN D 146 13.56 20.53 17.84
N PHE D 147 13.48 19.48 18.65
CA PHE D 147 14.27 19.43 19.88
C PHE D 147 15.75 19.39 19.52
N ASN D 148 16.47 20.48 19.83
CA ASN D 148 17.89 20.60 19.55
C ASN D 148 18.63 21.27 20.70
N GLN D 149 18.16 21.08 21.93
CA GLN D 149 18.80 21.65 23.11
C GLN D 149 18.62 20.64 24.25
N TYR D 150 19.65 19.82 24.47
CA TYR D 150 19.56 18.84 25.55
C TYR D 150 19.59 19.50 26.92
N GLU D 151 20.17 20.70 27.02
CA GLU D 151 20.22 21.40 28.30
C GLU D 151 18.83 21.79 28.78
N ALA D 152 17.91 22.07 27.85
CA ALA D 152 16.56 22.46 28.25
C ALA D 152 15.86 21.33 29.01
N MET D 153 16.00 20.10 28.53
CA MET D 153 15.48 18.96 29.25
C MET D 153 16.20 18.78 30.58
N SER D 154 15.46 18.30 31.57
CA SER D 154 16.04 17.78 32.80
C SER D 154 15.01 16.85 33.40
N CYS D 155 15.44 15.94 34.27
CA CYS D 155 14.47 15.04 34.87
C CYS D 155 15.09 14.31 36.05
N ASP D 156 14.27 13.48 36.68
CA ASP D 156 14.62 12.68 37.84
C ASP D 156 13.73 11.44 37.84
N PHE D 157 14.35 10.29 38.12
CA PHE D 157 13.70 8.99 38.15
C PHE D 157 14.05 8.25 39.44
N ASN D 158 14.03 8.94 40.57
CA ASN D 158 14.43 8.32 41.83
C ASN D 158 13.34 7.36 42.31
N GLY D 159 13.69 6.09 42.46
CA GLY D 159 12.79 5.11 43.06
C GLY D 159 11.52 4.87 42.29
N GLY D 160 11.61 4.80 40.96
CA GLY D 160 10.43 4.58 40.13
C GLY D 160 9.60 5.80 39.86
N LYS D 161 9.96 6.96 40.42
CA LYS D 161 9.26 8.20 40.14
C LYS D 161 9.49 8.60 38.69
N ILE D 162 8.55 9.38 38.16
CA ILE D 162 8.73 10.12 36.92
C ILE D 162 8.66 11.60 37.30
N SER D 163 9.70 12.36 36.96
CA SER D 163 9.65 13.80 37.18
C SER D 163 10.48 14.47 36.09
N VAL D 164 9.83 14.94 35.04
CA VAL D 164 10.50 15.55 33.89
C VAL D 164 10.22 17.04 33.90
N GLN D 165 11.13 17.81 33.30
CA GLN D 165 11.03 19.25 33.28
C GLN D 165 11.67 19.80 32.02
N TYR D 166 11.05 20.84 31.46
CA TYR D 166 11.52 21.53 30.27
C TYR D 166 11.65 23.01 30.59
N ASN D 167 12.81 23.58 30.24
CA ASN D 167 13.05 25.00 30.32
C ASN D 167 12.66 25.67 29.01
N LEU D 168 12.20 26.92 29.10
CA LEU D 168 11.71 27.67 27.95
C LEU D 168 12.28 29.08 28.01
N SER D 169 12.33 29.72 26.84
CA SER D 169 12.80 31.09 26.73
C SER D 169 12.51 31.66 25.35
N HIS D 179 13.22 36.36 16.19
CA HIS D 179 13.37 36.21 17.63
C HIS D 179 12.91 34.81 18.08
N CYS D 180 11.86 34.31 17.44
CA CYS D 180 11.25 33.04 17.82
C CYS D 180 11.97 31.90 17.08
N GLY D 181 12.91 31.26 17.76
CA GLY D 181 13.57 30.08 17.24
C GLY D 181 13.93 29.06 18.30
N THR D 182 13.30 29.15 19.46
CA THR D 182 13.71 28.40 20.65
C THR D 182 12.91 27.12 20.80
N VAL D 183 13.37 26.28 21.73
CA VAL D 183 12.68 25.03 22.06
C VAL D 183 11.31 25.27 22.68
N ALA D 184 11.07 26.48 23.21
CA ALA D 184 9.76 26.83 23.73
C ALA D 184 8.67 26.64 22.67
N ASN D 185 8.98 27.02 21.43
CA ASN D 185 8.03 26.83 20.33
C ASN D 185 7.66 25.36 20.18
N GLY D 186 8.66 24.47 20.10
CA GLY D 186 8.38 23.07 19.87
C GLY D 186 7.62 22.43 21.03
N VAL D 187 8.07 22.70 22.27
CA VAL D 187 7.44 22.06 23.42
C VAL D 187 6.00 22.55 23.55
N LEU D 188 5.74 23.83 23.32
CA LEU D 188 4.36 24.32 23.42
C LEU D 188 3.49 23.75 22.31
N GLN D 189 4.05 23.62 21.10
CA GLN D 189 3.26 23.08 20.00
C GLN D 189 2.87 21.63 20.24
N THR D 190 3.78 20.80 20.77
CA THR D 190 3.36 19.44 21.10
C THR D 190 2.46 19.41 22.33
N PHE D 191 2.63 20.37 23.25
CA PHE D 191 1.78 20.42 24.43
C PHE D 191 0.33 20.69 24.08
N MET D 192 0.09 21.58 23.12
CA MET D 192 -1.27 21.84 22.68
C MET D 192 -1.90 20.57 22.08
N ARG D 193 -1.09 19.73 21.44
CA ARG D 193 -1.59 18.47 20.92
C ARG D 193 -1.82 17.44 22.01
N MET D 194 -1.03 17.49 23.09
CA MET D 194 -1.10 16.45 24.12
C MET D 194 -2.46 16.43 24.80
N ALA D 195 -2.96 17.59 25.21
CA ALA D 195 -4.27 17.75 25.82
C ALA D 195 -5.03 18.79 25.02
N TRP D 196 -6.21 18.41 24.53
CA TRP D 196 -6.90 19.13 23.48
C TRP D 196 -8.32 19.47 23.93
N GLY D 197 -8.81 20.62 23.49
CA GLY D 197 -10.14 21.08 23.84
C GLY D 197 -10.20 21.74 25.20
N CYS D 207 -7.13 34.60 18.27
CA CYS D 207 -6.78 33.45 17.45
C CYS D 207 -5.53 33.76 16.63
N GLY D 208 -4.39 33.85 17.33
CA GLY D 208 -3.15 34.25 16.70
C GLY D 208 -2.62 33.18 15.75
N ASN D 209 -1.48 33.50 15.15
CA ASN D 209 -0.88 32.60 14.19
C ASN D 209 -0.38 31.34 14.88
N TRP D 210 0.01 30.36 14.07
CA TRP D 210 0.45 29.08 14.60
C TRP D 210 1.84 29.17 15.23
N ASP D 211 2.74 29.91 14.60
CA ASP D 211 4.14 29.89 15.03
C ASP D 211 4.33 30.77 16.26
N CYS D 212 5.23 30.31 17.13
CA CYS D 212 5.68 31.07 18.30
C CYS D 212 4.52 31.43 19.22
N ILE D 213 3.72 30.43 19.58
CA ILE D 213 2.86 30.59 20.74
C ILE D 213 3.76 30.68 21.96
N MET D 214 3.65 31.79 22.70
CA MET D 214 4.56 32.11 23.79
C MET D 214 3.75 32.20 25.08
N THR D 215 3.85 31.17 25.91
CA THR D 215 3.20 31.18 27.21
C THR D 215 3.99 32.05 28.17
N SER D 216 3.26 32.79 29.01
CA SER D 216 3.93 33.65 29.99
C SER D 216 4.74 32.84 30.98
N TYR D 217 4.32 31.61 31.27
CA TYR D 217 5.00 30.80 32.27
C TYR D 217 6.34 30.31 31.73
N GLN D 218 7.25 30.01 32.65
CA GLN D 218 8.66 29.78 32.32
C GLN D 218 8.99 28.30 32.12
N TYR D 219 8.58 27.45 33.06
CA TYR D 219 9.01 26.05 33.12
C TYR D 219 7.81 25.13 33.00
N LEU D 220 7.98 24.07 32.22
CA LEU D 220 6.99 23.00 32.10
C LEU D 220 7.45 21.82 32.93
N ILE D 221 6.55 21.25 33.73
CA ILE D 221 6.83 20.11 34.58
C ILE D 221 5.87 18.98 34.21
N ILE D 222 6.36 17.75 34.29
CA ILE D 222 5.55 16.55 34.10
C ILE D 222 5.83 15.63 35.29
N GLN D 223 4.78 15.13 35.93
CA GLN D 223 4.91 14.30 37.11
C GLN D 223 3.88 13.17 37.05
N ASN D 224 4.00 12.24 38.00
CA ASN D 224 3.04 11.16 38.18
C ASN D 224 2.15 11.48 39.38
N THR D 225 0.88 11.09 39.29
CA THR D 225 -0.08 11.31 40.37
C THR D 225 -1.11 10.19 40.34
N THR D 226 -1.79 10.01 41.48
CA THR D 226 -2.90 9.10 41.57
C THR D 226 -4.15 9.74 40.96
N TRP D 227 -5.28 9.03 41.05
CA TRP D 227 -6.52 9.45 40.40
C TRP D 227 -7.43 10.14 41.42
N GLU D 228 -7.86 11.35 41.08
CA GLU D 228 -8.99 11.99 41.74
C GLU D 228 -9.71 12.81 40.67
N ASP D 229 -10.64 13.66 41.08
CA ASP D 229 -11.34 14.52 40.13
C ASP D 229 -10.37 15.51 39.51
N HIS D 230 -10.11 15.35 38.20
CA HIS D 230 -9.15 16.16 37.46
C HIS D 230 -9.76 16.64 36.14
N CYS D 231 -11.06 16.88 36.12
CA CYS D 231 -11.79 17.26 34.90
C CYS D 231 -12.78 18.36 35.27
N GLN D 232 -12.36 19.61 35.03
CA GLN D 232 -13.15 20.80 35.34
C GLN D 232 -13.46 21.61 34.10
N PHE D 233 -12.45 21.95 33.30
CA PHE D 233 -12.70 22.69 32.06
C PHE D 233 -13.33 21.78 31.03
N SER D 234 -12.84 20.55 30.90
CA SER D 234 -13.26 19.62 29.87
C SER D 234 -13.46 18.24 30.45
N ARG D 235 -14.32 17.46 29.82
CA ARG D 235 -14.50 16.05 30.15
C ARG D 235 -13.34 15.26 29.60
N PRO D 236 -13.18 13.99 30.02
CA PRO D 236 -12.10 13.16 29.46
C PRO D 236 -12.22 12.99 27.96
N SER D 237 -11.06 12.95 27.30
CA SER D 237 -10.97 12.90 25.84
C SER D 237 -9.68 12.19 25.45
N PRO D 238 -9.74 10.98 24.83
CA PRO D 238 -8.50 10.32 24.40
C PRO D 238 -8.01 10.76 23.03
N ILE D 239 -8.49 11.90 22.53
CA ILE D 239 -8.19 12.32 21.17
C ILE D 239 -6.70 12.61 21.02
N GLY D 240 -6.11 13.33 21.97
CA GLY D 240 -4.75 13.79 21.81
C GLY D 240 -3.73 12.66 21.76
N TYR D 241 -3.87 11.70 22.68
CA TYR D 241 -2.89 10.62 22.77
C TYR D 241 -2.91 9.76 21.51
N LEU D 242 -4.10 9.37 21.07
CA LEU D 242 -4.20 8.65 19.80
C LEU D 242 -3.83 9.53 18.61
N GLY D 243 -3.86 10.84 18.77
CA GLY D 243 -3.48 11.74 17.70
C GLY D 243 -1.98 11.78 17.46
N LEU D 244 -1.19 12.09 18.50
CA LEU D 244 0.23 12.35 18.25
C LEU D 244 1.06 11.08 18.10
N LEU D 245 0.45 9.89 18.12
CA LEU D 245 1.23 8.68 17.89
C LEU D 245 1.85 8.66 16.51
N SER D 246 1.13 9.18 15.51
CA SER D 246 1.70 9.33 14.18
C SER D 246 2.82 10.36 14.15
N GLN D 247 2.70 11.41 14.96
CA GLN D 247 3.71 12.46 15.06
C GLN D 247 4.85 12.08 16.02
N ARG D 248 4.88 10.85 16.52
CA ARG D 248 5.83 10.53 17.59
C ARG D 248 7.27 10.59 17.13
N THR D 249 7.54 10.40 15.83
CA THR D 249 8.91 10.39 15.34
C THR D 249 9.09 11.05 13.97
N ARG D 250 8.08 11.76 13.45
CA ARG D 250 8.15 12.29 12.11
C ARG D 250 8.80 13.67 12.02
N ASP D 251 9.25 14.24 13.14
CA ASP D 251 9.99 15.51 13.14
C ASP D 251 11.08 15.42 14.21
N ILE D 252 12.29 15.06 13.78
CA ILE D 252 13.42 14.91 14.68
C ILE D 252 14.68 15.26 13.91
N TYR D 253 15.61 15.92 14.59
CA TYR D 253 16.93 16.21 14.04
C TYR D 253 17.90 15.10 14.43
N ILE D 254 18.70 14.65 13.47
CA ILE D 254 19.71 13.64 13.76
C ILE D 254 20.73 14.19 14.74
N SER D 255 21.07 13.38 15.74
CA SER D 255 22.07 13.73 16.75
C SER D 255 23.40 13.01 16.57
N ARG D 256 23.48 12.04 15.67
CA ARG D 256 24.72 11.33 15.40
C ARG D 256 24.62 10.78 13.98
N ARG D 257 25.78 10.54 13.37
CA ARG D 257 25.83 10.07 11.98
C ARG D 257 25.08 8.75 11.81
N LEU D 258 25.03 7.91 12.85
CA LEU D 258 24.24 6.70 12.88
C LEU D 258 23.22 6.82 13.99
N LEU D 259 21.94 6.67 13.66
CA LEU D 259 20.87 6.71 14.66
C LEU D 259 20.66 5.30 15.23
N SER E 60 -8.55 18.14 -31.27
CA SER E 60 -8.65 16.69 -31.12
C SER E 60 -9.99 16.30 -30.53
N LEU E 61 -10.93 15.92 -31.40
CA LEU E 61 -12.27 15.54 -30.99
C LEU E 61 -12.35 14.04 -30.72
N TYR E 62 -13.12 13.67 -29.71
CA TYR E 62 -13.35 12.27 -29.34
C TYR E 62 -14.82 12.07 -29.05
N LYS E 63 -15.41 11.08 -29.72
CA LYS E 63 -16.82 10.74 -29.56
C LYS E 63 -17.75 11.89 -29.96
N GLY E 64 -17.30 12.76 -30.85
CA GLY E 64 -18.17 13.76 -31.45
C GLY E 64 -18.36 15.04 -30.66
N VAL E 65 -18.39 14.94 -29.33
CA VAL E 65 -18.76 16.07 -28.47
C VAL E 65 -17.70 16.41 -27.43
N TYR E 66 -16.72 15.54 -27.17
CA TYR E 66 -15.66 15.80 -26.21
C TYR E 66 -14.39 16.24 -26.92
N GLU E 67 -13.85 17.39 -26.51
CA GLU E 67 -12.59 17.91 -27.02
C GLU E 67 -11.58 17.90 -25.89
N LEU E 68 -10.42 17.30 -26.14
CA LEU E 68 -9.39 17.16 -25.13
C LEU E 68 -8.64 18.47 -24.97
N GLN E 69 -8.55 18.96 -23.74
CA GLN E 69 -7.83 20.19 -23.42
C GLN E 69 -6.84 19.89 -22.30
N THR E 70 -5.57 20.17 -22.56
CA THR E 70 -4.53 19.96 -21.56
C THR E 70 -4.49 21.13 -20.57
N LEU E 71 -3.88 20.88 -19.42
CA LEU E 71 -3.72 21.90 -18.41
C LEU E 71 -2.56 21.51 -17.51
N GLU E 72 -1.72 22.49 -17.16
CA GLU E 72 -0.51 22.27 -16.39
C GLU E 72 -0.55 23.15 -15.14
N LEU E 73 -0.20 22.56 -14.00
CA LEU E 73 -0.21 23.28 -12.72
C LEU E 73 1.15 23.91 -12.47
N ASN E 74 1.13 25.14 -11.97
CA ASN E 74 2.34 25.88 -11.61
C ASN E 74 2.50 25.82 -10.10
N MET E 75 3.55 25.15 -9.64
CA MET E 75 3.75 24.88 -8.22
C MET E 75 4.58 25.95 -7.52
N GLU E 76 5.00 27.00 -8.21
CA GLU E 76 5.72 28.09 -7.55
C GLU E 76 4.87 28.76 -6.48
N THR E 77 3.54 28.72 -6.64
CA THR E 77 2.65 29.25 -5.61
C THR E 77 2.80 28.52 -4.28
N LEU E 78 3.32 27.29 -4.28
CA LEU E 78 3.59 26.58 -3.04
C LEU E 78 4.90 26.99 -2.37
N ASN E 79 5.58 28.02 -2.86
CA ASN E 79 6.89 28.36 -2.32
C ASN E 79 6.81 28.81 -0.87
N MET E 80 5.68 29.37 -0.45
CA MET E 80 5.53 29.90 0.90
C MET E 80 5.00 28.88 1.91
N THR E 81 4.72 27.65 1.48
CA THR E 81 4.13 26.62 2.34
C THR E 81 5.00 25.40 2.52
N MET E 82 5.76 25.01 1.51
CA MET E 82 6.53 23.76 1.54
C MET E 82 7.69 23.90 0.57
N PRO E 83 8.74 23.08 0.73
CA PRO E 83 9.90 23.22 -0.15
C PRO E 83 9.58 22.80 -1.57
N LEU E 84 10.34 23.35 -2.51
CA LEU E 84 10.20 23.02 -3.93
C LEU E 84 11.54 22.47 -4.42
N SER E 85 11.51 21.20 -4.85
CA SER E 85 12.69 20.54 -5.38
C SER E 85 12.69 20.65 -6.90
N CYS E 86 13.84 20.99 -7.47
CA CYS E 86 13.97 21.15 -8.91
C CYS E 86 15.41 20.88 -9.31
N THR E 87 15.62 20.83 -10.62
CA THR E 87 16.89 20.43 -11.22
C THR E 87 17.39 21.50 -12.18
N LYS E 88 18.69 21.77 -12.11
CA LYS E 88 19.39 22.50 -13.16
C LYS E 88 19.94 21.55 -14.21
N ASN E 89 20.51 20.44 -13.78
CA ASN E 89 21.00 19.38 -14.65
C ASN E 89 21.32 18.20 -13.75
N ASN E 90 21.86 17.12 -14.34
CA ASN E 90 22.08 15.89 -13.60
C ASN E 90 23.06 16.03 -12.44
N SER E 91 23.88 17.08 -12.44
CA SER E 91 24.80 17.34 -11.34
C SER E 91 24.14 18.18 -10.25
N HIS E 92 23.70 19.39 -10.59
CA HIS E 92 23.19 20.35 -9.62
C HIS E 92 21.69 20.20 -9.45
N HIS E 93 21.23 20.33 -8.21
CA HIS E 93 19.82 20.24 -7.87
C HIS E 93 19.54 21.21 -6.73
N TYR E 94 18.37 21.82 -6.73
CA TYR E 94 18.02 22.88 -5.77
C TYR E 94 16.71 22.53 -5.09
N ILE E 95 16.75 22.42 -3.77
CA ILE E 95 15.55 22.30 -2.94
C ILE E 95 15.40 23.64 -2.24
N MET E 96 14.56 24.51 -2.81
CA MET E 96 14.38 25.86 -2.30
C MET E 96 13.31 25.89 -1.21
N VAL E 97 13.61 26.60 -0.12
CA VAL E 97 12.66 26.93 0.92
C VAL E 97 12.52 28.44 0.96
N GLY E 98 11.30 28.93 0.80
CA GLY E 98 11.03 30.34 0.75
C GLY E 98 11.66 31.00 -0.46
N ASN E 99 11.57 32.33 -0.52
CA ASN E 99 12.24 33.10 -1.54
C ASN E 99 13.66 33.49 -1.15
N GLU E 100 14.20 32.91 -0.07
CA GLU E 100 15.46 33.36 0.52
C GLU E 100 16.40 32.23 0.93
N THR E 101 15.97 30.96 0.98
CA THR E 101 16.85 29.87 1.37
C THR E 101 16.73 28.72 0.39
N GLY E 102 17.78 27.91 0.32
CA GLY E 102 17.72 26.70 -0.46
C GLY E 102 18.92 25.83 -0.19
N LEU E 103 18.76 24.54 -0.50
CA LEU E 103 19.82 23.55 -0.40
C LEU E 103 20.24 23.14 -1.80
N GLU E 104 21.51 23.35 -2.11
CA GLU E 104 22.10 22.93 -3.37
C GLU E 104 22.76 21.58 -3.16
N LEU E 105 22.21 20.56 -3.81
CA LEU E 105 22.82 19.24 -3.87
C LEU E 105 23.67 19.19 -5.13
N THR E 106 24.89 18.67 -5.02
CA THR E 106 25.84 18.72 -6.13
C THR E 106 26.74 17.50 -6.06
N LEU E 107 26.74 16.70 -7.12
CA LEU E 107 27.69 15.61 -7.26
C LEU E 107 28.91 16.09 -8.03
N THR E 108 30.09 15.73 -7.54
CA THR E 108 31.33 16.10 -8.19
C THR E 108 32.46 15.29 -7.58
N ASN E 109 33.55 15.17 -8.34
CA ASN E 109 34.76 14.55 -7.83
C ASN E 109 35.52 15.45 -6.86
N THR E 110 35.30 16.77 -6.92
CA THR E 110 35.96 17.68 -6.01
C THR E 110 35.38 17.54 -4.61
N SER E 111 36.21 17.81 -3.60
CA SER E 111 35.83 17.74 -2.19
C SER E 111 35.98 19.10 -1.55
N ILE E 112 34.95 19.51 -0.80
CA ILE E 112 35.04 20.66 0.10
C ILE E 112 35.24 20.22 1.55
N ILE E 113 34.80 19.02 1.91
CA ILE E 113 34.99 18.46 3.25
C ILE E 113 36.09 17.41 3.13
N ASN E 114 37.14 17.57 3.93
CA ASN E 114 38.30 16.68 3.94
C ASN E 114 38.68 16.32 5.36
N HIS E 115 37.68 15.95 6.14
CA HIS E 115 37.88 15.48 7.51
C HIS E 115 36.62 14.77 7.97
N LYS E 116 36.80 13.68 8.73
CA LYS E 116 35.69 12.84 9.16
C LYS E 116 35.11 13.27 10.50
N PHE E 117 35.22 14.55 10.84
CA PHE E 117 34.77 15.10 12.13
C PHE E 117 33.56 15.96 11.86
N CYS E 118 32.37 15.39 12.10
CA CYS E 118 31.13 16.10 11.81
C CYS E 118 30.90 17.24 12.80
N ASN E 119 31.08 16.96 14.10
CA ASN E 119 30.71 17.89 15.16
C ASN E 119 29.24 18.28 15.03
N LEU E 120 28.39 17.27 14.83
CA LEU E 120 26.97 17.52 14.61
C LEU E 120 26.30 18.05 15.89
N SER E 121 26.54 17.39 17.02
CA SER E 121 25.86 17.77 18.25
C SER E 121 26.31 19.15 18.73
N ASP E 122 27.56 19.52 18.48
CA ASP E 122 28.00 20.87 18.81
C ASP E 122 27.23 21.91 18.00
N ALA E 123 27.01 21.63 16.71
CA ALA E 123 26.22 22.55 15.89
C ALA E 123 24.79 22.61 16.37
N HIS E 124 24.24 21.48 16.83
CA HIS E 124 22.89 21.49 17.41
C HIS E 124 22.85 22.37 18.65
N LYS E 125 23.88 22.29 19.48
CA LYS E 125 23.93 23.13 20.68
C LYS E 125 24.05 24.60 20.30
N LYS E 126 24.85 24.92 19.29
CA LYS E 126 25.08 26.31 18.93
C LYS E 126 23.81 26.96 18.40
N ASN E 127 23.17 26.33 17.42
CA ASN E 127 21.88 26.78 16.87
C ASN E 127 21.98 28.19 16.28
N LEU E 128 22.78 28.31 15.22
CA LEU E 128 22.86 29.51 14.40
C LEU E 128 22.55 29.22 12.94
N TYR E 129 21.74 28.17 12.69
CA TYR E 129 21.36 27.75 11.36
C TYR E 129 19.86 27.87 11.19
N ASP E 130 19.42 27.97 9.94
CA ASP E 130 18.00 27.95 9.66
C ASP E 130 17.44 26.57 9.98
N HIS E 131 16.33 26.53 10.71
CA HIS E 131 15.79 25.26 11.17
C HIS E 131 15.29 24.40 10.03
N ALA E 132 14.73 25.03 8.98
CA ALA E 132 14.18 24.25 7.86
C ALA E 132 15.27 23.48 7.13
N LEU E 133 16.43 24.11 6.94
CA LEU E 133 17.53 23.42 6.26
C LEU E 133 17.99 22.21 7.05
N MET E 134 18.13 22.36 8.37
CA MET E 134 18.52 21.22 9.20
C MET E 134 17.45 20.14 9.18
N SER E 135 16.17 20.54 9.16
CA SER E 135 15.10 19.55 9.07
C SER E 135 15.19 18.75 7.78
N ILE E 136 15.45 19.44 6.67
CA ILE E 136 15.59 18.76 5.39
C ILE E 136 16.80 17.83 5.41
N ILE E 137 17.91 18.28 6.00
CA ILE E 137 19.11 17.45 6.07
C ILE E 137 18.83 16.20 6.90
N SER E 138 18.16 16.36 8.04
CA SER E 138 17.85 15.20 8.88
C SER E 138 16.92 14.24 8.17
N THR E 139 15.92 14.75 7.45
CA THR E 139 15.03 13.88 6.71
C THR E 139 15.77 13.14 5.60
N PHE E 140 16.69 13.81 4.91
CA PHE E 140 17.45 13.16 3.86
C PHE E 140 18.35 12.08 4.43
N HIS E 141 19.02 12.35 5.54
CA HIS E 141 19.96 11.37 6.10
C HIS E 141 19.22 10.19 6.72
N LEU E 142 18.10 10.45 7.38
CA LEU E 142 17.38 9.37 8.06
C LEU E 142 16.81 8.37 7.07
N SER E 143 16.42 8.82 5.87
CA SER E 143 15.72 7.99 4.91
C SER E 143 16.65 7.28 3.92
N ILE E 144 17.97 7.37 4.11
CA ILE E 144 18.87 6.68 3.20
C ILE E 144 18.72 5.19 3.49
N PRO E 145 18.40 4.34 2.51
CA PRO E 145 18.17 2.93 2.86
C PRO E 145 19.47 2.21 3.14
N ASN E 146 19.53 1.57 4.31
CA ASN E 146 20.65 0.73 4.71
C ASN E 146 21.96 1.52 4.75
N PHE E 147 21.98 2.54 5.61
CA PHE E 147 23.18 3.33 5.87
C PHE E 147 23.87 2.77 7.12
N ASN E 148 25.09 2.28 6.94
CA ASN E 148 25.89 1.67 8.01
C ASN E 148 27.28 2.28 8.12
N GLN E 149 27.90 2.65 7.01
CA GLN E 149 29.25 3.21 7.03
C GLN E 149 29.17 4.65 7.48
N TYR E 150 29.55 4.92 8.73
CA TYR E 150 29.48 6.27 9.27
C TYR E 150 30.60 7.17 8.77
N GLU E 151 31.73 6.61 8.33
CA GLU E 151 32.81 7.43 7.83
C GLU E 151 32.47 8.14 6.53
N ALA E 152 31.47 7.64 5.79
CA ALA E 152 31.11 8.26 4.52
C ALA E 152 30.61 9.68 4.72
N MET E 153 29.75 9.89 5.70
CA MET E 153 29.25 11.23 5.98
C MET E 153 30.34 12.07 6.62
N SER E 154 30.34 13.35 6.29
CA SER E 154 31.27 14.30 6.90
C SER E 154 30.68 15.68 6.74
N CYS E 155 30.42 16.36 7.86
CA CYS E 155 29.67 17.61 7.86
C CYS E 155 30.49 18.73 8.50
N ASP E 156 30.28 19.93 7.99
CA ASP E 156 30.82 21.17 8.54
C ASP E 156 29.67 22.14 8.74
N PHE E 157 29.61 22.71 9.94
CA PHE E 157 28.60 23.68 10.33
C PHE E 157 29.27 24.88 11.00
N ASN E 158 30.32 25.38 10.37
CA ASN E 158 31.09 26.50 10.91
C ASN E 158 30.23 27.75 10.91
N GLY E 159 29.82 28.18 12.10
CA GLY E 159 29.08 29.43 12.24
C GLY E 159 27.73 29.44 11.55
N GLY E 160 26.95 28.38 11.73
CA GLY E 160 25.63 28.29 11.14
C GLY E 160 25.60 27.81 9.71
N LYS E 161 26.76 27.56 9.09
CA LYS E 161 26.80 27.05 7.74
C LYS E 161 26.20 25.65 7.69
N ILE E 162 25.87 25.20 6.48
CA ILE E 162 25.48 23.82 6.21
C ILE E 162 26.36 23.32 5.09
N SER E 163 27.20 22.32 5.36
CA SER E 163 28.01 21.71 4.30
C SER E 163 28.20 20.23 4.66
N VAL E 164 27.34 19.38 4.11
CA VAL E 164 27.33 17.95 4.41
C VAL E 164 27.76 17.20 3.16
N GLN E 165 28.88 16.48 3.27
CA GLN E 165 29.40 15.72 2.10
C GLN E 165 29.29 14.23 2.40
N TYR E 166 28.77 13.44 1.47
CA TYR E 166 28.71 11.97 1.64
C TYR E 166 29.76 11.37 0.69
N ASN E 167 30.66 10.54 1.20
CA ASN E 167 31.76 10.02 0.35
C ASN E 167 31.27 8.75 -0.33
N LEU E 168 30.89 8.83 -1.60
CA LEU E 168 30.29 7.65 -2.31
C LEU E 168 31.30 6.49 -2.43
N SER E 169 32.56 6.77 -2.78
CA SER E 169 33.54 5.67 -3.01
C SER E 169 32.85 4.31 -2.95
N HIS E 179 30.51 -4.76 -6.75
CA HIS E 179 30.23 -3.66 -5.84
C HIS E 179 28.88 -3.03 -6.19
N CYS E 180 27.83 -3.55 -5.57
CA CYS E 180 26.44 -3.21 -5.88
C CYS E 180 25.63 -2.76 -4.69
N GLY E 181 25.83 -3.36 -3.51
CA GLY E 181 25.09 -3.05 -2.31
C GLY E 181 25.72 -2.00 -1.41
N THR E 182 26.75 -1.29 -1.87
CA THR E 182 27.48 -0.37 -1.02
C THR E 182 26.63 0.86 -0.69
N VAL E 183 27.20 1.75 0.13
CA VAL E 183 26.47 2.92 0.64
C VAL E 183 26.06 3.85 -0.49
N ALA E 184 26.86 3.89 -1.56
CA ALA E 184 26.53 4.75 -2.70
C ALA E 184 25.19 4.39 -3.32
N ASN E 185 24.80 3.11 -3.25
CA ASN E 185 23.49 2.72 -3.75
C ASN E 185 22.37 3.44 -3.01
N GLY E 186 22.37 3.37 -1.68
CA GLY E 186 21.33 4.03 -0.91
C GLY E 186 21.38 5.53 -1.06
N VAL E 187 22.59 6.10 -1.08
CA VAL E 187 22.72 7.55 -1.20
C VAL E 187 22.17 8.03 -2.53
N LEU E 188 22.55 7.38 -3.63
CA LEU E 188 22.04 7.79 -4.93
C LEU E 188 20.55 7.49 -5.09
N GLN E 189 20.05 6.42 -4.46
CA GLN E 189 18.62 6.15 -4.52
C GLN E 189 17.82 7.28 -3.87
N THR E 190 18.17 7.62 -2.63
CA THR E 190 17.45 8.71 -1.97
C THR E 190 17.72 10.05 -2.65
N PHE E 191 18.88 10.20 -3.29
CA PHE E 191 19.15 11.40 -4.07
C PHE E 191 18.19 11.53 -5.24
N MET E 192 18.05 10.47 -6.04
CA MET E 192 17.13 10.52 -7.16
C MET E 192 15.69 10.68 -6.70
N ARG E 193 15.37 10.15 -5.52
CA ARG E 193 14.04 10.38 -4.97
C ARG E 193 13.83 11.83 -4.57
N MET E 194 14.88 12.51 -4.09
CA MET E 194 14.76 13.92 -3.72
C MET E 194 14.42 14.78 -4.93
N ALA E 195 15.19 14.65 -6.00
CA ALA E 195 15.00 15.41 -7.24
C ALA E 195 14.34 14.47 -8.25
N TRP E 196 13.02 14.48 -8.26
CA TRP E 196 12.28 13.52 -9.08
C TRP E 196 12.37 13.91 -10.56
N GLY E 197 12.18 12.91 -11.42
CA GLY E 197 12.31 13.13 -12.84
C GLY E 197 13.71 13.39 -13.30
N GLY E 198 14.72 12.95 -12.56
CA GLY E 198 16.11 13.16 -12.93
C GLY E 198 17.06 12.98 -11.75
N CYS E 207 16.14 -0.42 -18.93
CA CYS E 207 15.76 0.21 -17.67
C CYS E 207 15.82 -0.86 -16.58
N GLY E 208 15.17 -0.59 -15.44
CA GLY E 208 14.80 -1.64 -14.52
C GLY E 208 15.80 -2.00 -13.45
N ASN E 209 16.76 -1.12 -13.16
CA ASN E 209 17.80 -1.38 -12.17
C ASN E 209 17.59 -0.50 -10.94
N TRP E 210 16.81 -1.00 -9.98
CA TRP E 210 16.57 -0.19 -8.82
C TRP E 210 17.83 -0.18 -7.94
N ASP E 211 18.58 -1.29 -7.98
CA ASP E 211 19.76 -1.56 -7.19
C ASP E 211 20.96 -1.45 -8.15
N CYS E 212 22.19 -1.56 -7.63
CA CYS E 212 23.40 -1.37 -8.44
C CYS E 212 23.43 -0.02 -9.14
N ILE E 213 22.86 1.02 -8.52
CA ILE E 213 22.93 2.36 -9.11
C ILE E 213 24.38 2.82 -9.09
N MET E 214 24.89 3.19 -10.26
CA MET E 214 26.28 3.60 -10.44
C MET E 214 26.32 5.05 -10.88
N THR E 215 27.32 5.78 -10.38
CA THR E 215 27.53 7.17 -10.76
C THR E 215 29.02 7.45 -10.73
N SER E 216 29.54 7.97 -11.84
CA SER E 216 30.98 8.24 -11.93
C SER E 216 31.40 9.32 -10.96
N TYR E 217 30.51 10.28 -10.67
CA TYR E 217 30.86 11.37 -9.77
C TYR E 217 31.09 10.82 -8.37
N GLN E 218 32.18 11.24 -7.74
CA GLN E 218 32.74 10.51 -6.60
C GLN E 218 32.21 10.97 -5.26
N TYR E 219 31.83 12.25 -5.12
CA TYR E 219 31.40 12.81 -3.86
C TYR E 219 30.10 13.58 -4.05
N LEU E 220 29.29 13.62 -3.00
CA LEU E 220 27.98 14.27 -3.01
C LEU E 220 27.95 15.36 -1.94
N ILE E 221 28.05 16.62 -2.37
CA ILE E 221 28.08 17.77 -1.47
C ILE E 221 26.66 18.32 -1.36
N ILE E 222 26.32 18.81 -0.17
CA ILE E 222 25.04 19.43 0.13
C ILE E 222 25.37 20.74 0.82
N GLN E 223 25.15 21.86 0.14
CA GLN E 223 25.59 23.18 0.59
C GLN E 223 24.42 24.15 0.54
N ASN E 224 24.30 25.00 1.56
CA ASN E 224 23.21 25.96 1.57
C ASN E 224 23.50 27.10 0.59
N THR E 225 22.42 27.76 0.17
CA THR E 225 22.54 28.86 -0.79
C THR E 225 21.30 29.73 -0.71
N THR E 226 21.42 30.92 -1.29
CA THR E 226 20.28 31.82 -1.41
C THR E 226 19.42 31.43 -2.61
N TRP E 227 18.23 32.02 -2.68
CA TRP E 227 17.29 31.70 -3.75
C TRP E 227 17.85 32.20 -5.08
N GLU E 228 17.87 31.30 -6.07
CA GLU E 228 18.28 31.65 -7.42
C GLU E 228 17.51 30.77 -8.40
N ASP E 229 17.14 31.35 -9.54
CA ASP E 229 16.43 30.60 -10.57
C ASP E 229 17.38 29.59 -11.19
N HIS E 230 17.17 28.30 -10.86
CA HIS E 230 17.98 27.22 -11.40
C HIS E 230 17.14 25.99 -11.75
N CYS E 231 15.83 26.14 -11.86
CA CYS E 231 14.93 25.04 -12.20
C CYS E 231 14.75 24.94 -13.72
N GLN E 232 15.88 24.75 -14.40
CA GLN E 232 15.88 24.72 -15.86
C GLN E 232 15.47 23.36 -16.39
N PHE E 233 16.08 22.28 -15.87
CA PHE E 233 15.83 20.95 -16.41
C PHE E 233 14.46 20.42 -16.02
N SER E 234 13.87 20.92 -14.95
CA SER E 234 12.55 20.47 -14.51
C SER E 234 11.87 21.60 -13.76
N ARG E 235 10.53 21.61 -13.81
CA ARG E 235 9.77 22.61 -13.10
C ARG E 235 9.85 22.35 -11.60
N PRO E 236 9.68 23.37 -10.77
CA PRO E 236 9.67 23.12 -9.32
C PRO E 236 8.45 22.31 -8.92
N SER E 237 8.67 21.37 -8.01
CA SER E 237 7.61 20.52 -7.49
C SER E 237 7.92 20.22 -6.02
N PRO E 238 6.92 19.90 -5.21
CA PRO E 238 7.18 19.41 -3.85
C PRO E 238 7.16 17.90 -3.70
N ILE E 239 6.84 17.15 -4.77
CA ILE E 239 6.45 15.76 -4.62
C ILE E 239 7.59 14.90 -4.09
N GLY E 240 8.82 15.22 -4.45
CA GLY E 240 9.95 14.43 -3.95
C GLY E 240 10.05 14.47 -2.44
N TYR E 241 10.01 15.67 -1.86
CA TYR E 241 10.14 15.82 -0.42
C TYR E 241 8.96 15.19 0.31
N LEU E 242 7.74 15.45 -0.17
CA LEU E 242 6.56 14.92 0.50
C LEU E 242 6.51 13.41 0.42
N GLY E 243 6.89 12.84 -0.72
CA GLY E 243 6.98 11.39 -0.83
C GLY E 243 8.06 10.81 0.05
N LEU E 244 9.16 11.54 0.22
CA LEU E 244 10.26 11.04 1.03
C LEU E 244 9.92 11.10 2.53
N LEU E 245 9.01 12.01 2.92
CA LEU E 245 8.67 12.16 4.33
C LEU E 245 8.13 10.87 4.94
N SER E 246 7.42 10.06 4.15
CA SER E 246 6.81 8.84 4.69
C SER E 246 7.85 7.81 5.13
N GLN E 247 9.09 7.90 4.64
CA GLN E 247 10.09 6.87 4.82
C GLN E 247 11.10 7.18 5.91
N ARG E 248 10.86 8.21 6.73
CA ARG E 248 11.79 8.54 7.79
C ARG E 248 11.80 7.44 8.84
N THR E 249 13.01 6.99 9.21
CA THR E 249 13.19 6.00 10.27
C THR E 249 12.45 4.70 9.98
N ARG E 250 12.54 4.25 8.72
CA ARG E 250 11.94 3.00 8.27
C ARG E 250 12.93 2.06 7.60
N ASP E 251 14.02 2.56 7.03
CA ASP E 251 14.99 1.79 6.27
C ASP E 251 16.39 1.99 6.81
N ILE E 252 16.52 1.93 8.14
CA ILE E 252 17.78 2.16 8.84
C ILE E 252 18.12 0.92 9.66
N TYR E 253 19.40 0.77 9.96
CA TYR E 253 19.87 -0.30 10.83
C TYR E 253 19.89 0.18 12.27
N ILE E 254 19.76 -0.77 13.20
CA ILE E 254 20.00 -0.42 14.60
C ILE E 254 21.47 -0.06 14.79
N SER E 255 21.75 0.68 15.86
CA SER E 255 23.11 1.04 16.25
C SER E 255 23.41 0.83 17.72
N ARG E 256 22.39 0.76 18.58
CA ARG E 256 22.58 0.46 20.00
C ARG E 256 21.50 -0.52 20.43
N ARG E 257 21.81 -1.30 21.47
CA ARG E 257 20.85 -2.28 21.97
C ARG E 257 19.60 -1.59 22.51
N LEU E 258 19.80 -0.57 23.34
CA LEU E 258 18.69 0.21 23.89
C LEU E 258 18.23 1.33 22.97
N LEU E 259 18.98 1.63 21.91
CA LEU E 259 18.66 2.70 20.96
C LEU E 259 18.55 4.04 21.69
N GLY F 1 -0.60 5.03 3.90
CA GLY F 1 -1.82 5.75 3.61
C GLY F 1 -2.94 4.85 3.15
N THR F 2 -2.94 4.52 1.85
CA THR F 2 -3.92 3.62 1.28
C THR F 2 -3.30 2.93 0.07
N PHE F 3 -3.75 1.72 -0.21
CA PHE F 3 -3.24 1.00 -1.37
C PHE F 3 -3.57 1.74 -2.65
N THR F 4 -2.63 1.73 -3.59
CA THR F 4 -2.81 2.39 -4.88
C THR F 4 -2.30 1.55 -6.05
N TRP F 5 -1.99 0.27 -5.84
CA TRP F 5 -1.46 -0.57 -6.91
C TRP F 5 -2.59 -1.01 -7.84
N THR F 6 -2.40 -0.81 -9.13
CA THR F 6 -3.37 -1.21 -10.14
C THR F 6 -3.07 -2.64 -10.58
N LEU F 7 -4.05 -3.52 -10.45
CA LEU F 7 -3.85 -4.91 -10.84
C LEU F 7 -3.73 -5.03 -12.35
N SER F 8 -2.84 -5.90 -12.79
CA SER F 8 -2.67 -6.15 -14.22
C SER F 8 -3.85 -6.94 -14.77
N ASP F 9 -3.83 -7.18 -16.07
CA ASP F 9 -4.92 -7.83 -16.79
C ASP F 9 -4.41 -9.07 -17.52
N SER F 10 -5.12 -10.18 -17.35
CA SER F 10 -4.88 -11.41 -18.10
C SER F 10 -6.01 -11.56 -19.12
N GLU F 11 -5.63 -11.63 -20.40
CA GLU F 11 -6.59 -11.66 -21.51
C GLU F 11 -6.74 -13.07 -22.08
N GLY F 12 -6.76 -14.07 -21.20
CA GLY F 12 -6.80 -15.46 -21.62
C GLY F 12 -8.23 -15.99 -21.67
N LYS F 13 -8.61 -16.77 -20.66
CA LYS F 13 -9.93 -17.38 -20.65
C LYS F 13 -11.04 -16.34 -20.63
N ASP F 14 -10.79 -15.16 -20.05
CA ASP F 14 -11.71 -14.03 -20.04
C ASP F 14 -11.13 -12.88 -20.84
N THR F 15 -12.00 -11.91 -21.13
CA THR F 15 -11.60 -10.75 -21.91
C THR F 15 -10.74 -9.84 -21.03
N PRO F 16 -10.07 -8.84 -21.62
CA PRO F 16 -9.32 -7.89 -20.78
C PRO F 16 -10.23 -7.16 -19.81
N GLY F 17 -9.70 -6.96 -18.60
CA GLY F 17 -10.47 -6.41 -17.49
C GLY F 17 -10.44 -7.34 -16.29
N GLY F 18 -10.48 -8.64 -16.56
CA GLY F 18 -10.41 -9.64 -15.51
C GLY F 18 -8.98 -9.94 -15.11
N TYR F 19 -8.83 -11.00 -14.32
CA TYR F 19 -7.52 -11.44 -13.85
C TYR F 19 -7.53 -12.95 -13.73
N CYS F 20 -6.34 -13.54 -13.70
CA CYS F 20 -6.20 -14.98 -13.60
C CYS F 20 -4.95 -15.31 -12.78
N LEU F 21 -4.90 -16.55 -12.30
CA LEU F 21 -3.79 -17.07 -11.51
C LEU F 21 -3.37 -18.41 -12.10
N THR F 22 -2.06 -18.58 -12.26
CA THR F 22 -1.51 -19.78 -12.87
C THR F 22 -1.36 -20.89 -11.82
N ARG F 23 -0.84 -22.04 -12.27
CA ARG F 23 -0.61 -23.15 -11.34
C ARG F 23 0.51 -22.86 -10.35
N TRP F 24 1.41 -21.92 -10.66
CA TRP F 24 2.48 -21.60 -9.72
C TRP F 24 1.92 -20.93 -8.48
N MET F 25 0.89 -20.09 -8.67
CA MET F 25 0.34 -19.33 -7.56
C MET F 25 -0.37 -20.22 -6.54
N LEU F 26 -1.02 -21.29 -7.01
CA LEU F 26 -1.91 -22.11 -6.21
C LEU F 26 -1.33 -23.52 -6.02
N ILE F 27 -1.51 -24.05 -4.81
CA ILE F 27 -1.19 -25.45 -4.53
C ILE F 27 -2.36 -26.33 -4.93
N GLU F 28 -2.07 -27.38 -5.70
CA GLU F 28 -3.06 -28.39 -6.12
C GLU F 28 -4.23 -27.71 -6.84
N ALA F 29 -3.90 -27.18 -8.02
CA ALA F 29 -4.89 -26.49 -8.84
C ALA F 29 -4.27 -26.14 -10.18
N GLU F 30 -5.15 -25.91 -11.15
CA GLU F 30 -4.78 -25.46 -12.49
C GLU F 30 -5.04 -23.96 -12.58
N LEU F 31 -4.94 -23.41 -13.79
CA LEU F 31 -5.17 -21.99 -13.99
C LEU F 31 -6.62 -21.64 -13.66
N LYS F 32 -6.79 -20.63 -12.81
CA LYS F 32 -8.11 -20.16 -12.37
C LYS F 32 -8.29 -18.70 -12.72
N CYS F 33 -9.39 -18.37 -13.39
CA CYS F 33 -9.66 -17.03 -13.90
C CYS F 33 -10.87 -16.44 -13.21
N PHE F 34 -10.72 -15.22 -12.69
CA PHE F 34 -11.79 -14.42 -12.14
C PHE F 34 -12.09 -13.26 -13.08
N GLY F 35 -13.37 -13.02 -13.34
CA GLY F 35 -13.76 -12.03 -14.32
C GLY F 35 -13.56 -10.61 -13.84
N ASN F 36 -13.91 -9.67 -14.73
CA ASN F 36 -13.74 -8.26 -14.43
C ASN F 36 -14.62 -7.81 -13.27
N THR F 37 -15.77 -8.46 -13.08
CA THR F 37 -16.70 -8.06 -12.03
C THR F 37 -16.08 -8.20 -10.65
N ALA F 38 -15.38 -9.31 -10.41
CA ALA F 38 -14.76 -9.52 -9.10
C ALA F 38 -13.59 -8.57 -8.88
N VAL F 39 -12.68 -8.48 -9.86
CA VAL F 39 -11.47 -7.67 -9.68
C VAL F 39 -11.79 -6.19 -9.65
N ALA F 40 -12.92 -5.75 -10.20
CA ALA F 40 -13.28 -4.35 -10.11
C ALA F 40 -13.57 -3.93 -8.68
N LYS F 41 -14.10 -4.85 -7.86
CA LYS F 41 -14.37 -4.53 -6.46
C LYS F 41 -13.09 -4.27 -5.66
N CYS F 42 -11.96 -4.83 -6.08
CA CYS F 42 -10.73 -4.67 -5.31
C CYS F 42 -10.23 -3.24 -5.30
N ASN F 43 -10.60 -2.43 -6.29
CA ASN F 43 -10.13 -1.06 -6.36
C ASN F 43 -10.85 -0.10 -5.42
N GLU F 44 -11.88 -0.56 -4.71
CA GLU F 44 -12.62 0.27 -3.76
C GLU F 44 -12.69 -0.36 -2.38
N LYS F 45 -12.72 -1.69 -2.31
CA LYS F 45 -12.87 -2.37 -1.03
C LYS F 45 -11.54 -2.41 -0.30
N HIS F 46 -11.47 -1.77 0.86
CA HIS F 46 -10.27 -1.77 1.69
C HIS F 46 -10.23 -2.92 2.68
N ASP F 47 -11.22 -3.82 2.67
CA ASP F 47 -11.35 -4.86 3.70
C ASP F 47 -11.46 -6.22 3.01
N GLU F 48 -10.51 -6.50 2.10
CA GLU F 48 -10.47 -7.76 1.37
C GLU F 48 -9.02 -8.26 1.40
N GLU F 49 -8.83 -9.46 1.93
CA GLU F 49 -7.49 -10.02 2.02
C GLU F 49 -7.01 -10.50 0.65
N PHE F 50 -7.90 -11.13 -0.11
CA PHE F 50 -7.52 -11.71 -1.39
C PHE F 50 -7.10 -10.64 -2.39
N CYS F 51 -7.70 -9.45 -2.31
CA CYS F 51 -7.26 -8.35 -3.18
C CYS F 51 -5.82 -7.97 -2.87
N ASP F 52 -5.46 -7.89 -1.59
CA ASP F 52 -4.09 -7.60 -1.22
C ASP F 52 -3.14 -8.69 -1.71
N MET F 53 -3.54 -9.95 -1.58
CA MET F 53 -2.66 -11.02 -2.05
C MET F 53 -2.53 -10.99 -3.56
N LEU F 54 -3.60 -10.63 -4.27
CA LEU F 54 -3.50 -10.46 -5.72
C LEU F 54 -2.53 -9.36 -6.08
N ARG F 55 -2.58 -8.23 -5.35
CA ARG F 55 -1.65 -7.14 -5.64
C ARG F 55 -0.22 -7.57 -5.35
N LEU F 56 -0.01 -8.33 -4.28
CA LEU F 56 1.32 -8.85 -3.98
C LEU F 56 1.83 -9.75 -5.10
N PHE F 57 0.99 -10.68 -5.56
CA PHE F 57 1.40 -11.59 -6.62
C PHE F 57 1.68 -10.84 -7.92
N ASP F 58 0.85 -9.85 -8.24
CA ASP F 58 1.06 -9.07 -9.46
C ASP F 58 2.37 -8.29 -9.40
N PHE F 59 2.65 -7.64 -8.27
CA PHE F 59 3.90 -6.91 -8.16
C PHE F 59 5.08 -7.85 -8.22
N ASN F 60 4.95 -9.03 -7.61
CA ASN F 60 6.03 -10.02 -7.67
C ASN F 60 6.28 -10.45 -9.11
N LYS F 61 5.21 -10.68 -9.87
CA LYS F 61 5.35 -11.07 -11.27
C LYS F 61 6.08 -9.99 -12.06
N GLN F 62 5.65 -8.73 -11.93
CA GLN F 62 6.27 -7.68 -12.72
C GLN F 62 7.72 -7.45 -12.29
N ALA F 63 8.00 -7.51 -11.00
CA ALA F 63 9.36 -7.34 -10.51
C ALA F 63 10.29 -8.44 -11.01
N ILE F 64 9.83 -9.70 -10.93
CA ILE F 64 10.67 -10.87 -11.30
C ILE F 64 10.76 -10.96 -12.82
N GLN F 65 9.96 -10.20 -13.56
CA GLN F 65 9.89 -10.32 -15.04
C GLN F 65 10.59 -9.17 -15.76
N ARG F 66 10.21 -7.92 -15.49
CA ARG F 66 10.71 -6.79 -16.27
C ARG F 66 11.95 -6.14 -15.71
N LEU F 67 12.09 -6.07 -14.39
CA LEU F 67 13.28 -5.47 -13.78
C LEU F 67 14.48 -6.39 -13.94
N LYS F 68 15.66 -5.80 -14.07
CA LYS F 68 16.87 -6.60 -14.21
C LYS F 68 17.14 -7.40 -12.94
N ALA F 69 17.64 -8.61 -13.12
CA ALA F 69 17.90 -9.48 -11.99
C ALA F 69 19.05 -8.94 -11.14
N PRO F 70 18.98 -9.04 -9.81
CA PRO F 70 20.05 -8.48 -8.99
C PRO F 70 21.25 -9.42 -8.90
N ALA F 71 22.45 -8.83 -9.02
CA ALA F 71 23.66 -9.60 -8.78
C ALA F 71 23.74 -10.08 -7.34
N GLN F 72 23.42 -9.21 -6.39
CA GLN F 72 23.18 -9.57 -5.00
C GLN F 72 21.78 -9.10 -4.65
N MET F 73 20.91 -10.04 -4.28
CA MET F 73 19.51 -9.73 -4.07
C MET F 73 19.35 -8.86 -2.83
N SER F 74 18.39 -7.95 -2.90
CA SER F 74 18.06 -7.04 -1.81
C SER F 74 16.56 -6.95 -1.67
N ILE F 75 16.11 -6.62 -0.45
CA ILE F 75 14.70 -6.50 -0.13
C ILE F 75 14.33 -5.04 0.07
N GLN F 76 15.05 -4.14 -0.61
CA GLN F 76 14.78 -2.72 -0.45
C GLN F 76 13.42 -2.35 -1.02
N LEU F 77 13.06 -2.91 -2.17
CA LEU F 77 11.87 -2.45 -2.89
C LEU F 77 10.59 -2.71 -2.10
N ILE F 78 10.46 -3.90 -1.52
CA ILE F 78 9.31 -4.17 -0.68
C ILE F 78 9.33 -3.29 0.56
N ASN F 79 10.51 -3.02 1.11
CA ASN F 79 10.60 -2.16 2.28
C ASN F 79 10.10 -0.76 1.96
N LYS F 80 10.28 -0.31 0.72
CA LYS F 80 9.71 0.97 0.31
C LYS F 80 8.20 0.86 0.08
N ALA F 81 7.74 -0.21 -0.58
CA ALA F 81 6.41 -0.25 -1.16
C ALA F 81 5.39 -1.10 -0.39
N VAL F 82 5.73 -1.57 0.82
CA VAL F 82 4.88 -2.52 1.51
C VAL F 82 3.49 -1.94 1.80
N ASN F 83 3.44 -0.68 2.25
CA ASN F 83 2.16 -0.05 2.52
C ASN F 83 1.47 0.37 1.23
N ALA F 84 2.23 0.59 0.15
CA ALA F 84 1.63 0.95 -1.11
C ALA F 84 0.89 -0.22 -1.76
N LEU F 85 1.46 -1.42 -1.67
CA LEU F 85 0.75 -2.58 -2.22
C LEU F 85 -0.48 -2.92 -1.38
N ILE F 86 -0.33 -2.96 -0.05
CA ILE F 86 -1.32 -3.56 0.83
C ILE F 86 -1.59 -2.65 2.03
N ASN F 87 -2.72 -2.89 2.68
CA ASN F 87 -3.08 -2.21 3.92
C ASN F 87 -2.55 -3.01 5.09
N ASP F 88 -1.55 -2.46 5.78
CA ASP F 88 -0.95 -3.15 6.92
C ASP F 88 -1.96 -3.39 8.02
N GLN F 89 -2.90 -2.47 8.21
CA GLN F 89 -3.84 -2.65 9.31
C GLN F 89 -4.83 -3.77 9.08
N LEU F 90 -4.95 -4.31 7.87
CA LEU F 90 -5.65 -5.57 7.71
C LEU F 90 -4.90 -6.70 8.41
N ILE F 91 -3.57 -6.70 8.29
CA ILE F 91 -2.78 -7.67 9.04
C ILE F 91 -2.91 -7.39 10.54
N MET F 92 -2.99 -6.12 10.92
CA MET F 92 -3.18 -5.81 12.34
C MET F 92 -4.54 -6.31 12.84
N LYS F 93 -5.58 -6.18 12.01
CA LYS F 93 -6.90 -6.66 12.40
C LYS F 93 -6.93 -8.18 12.52
N ASN F 94 -6.25 -8.87 11.59
CA ASN F 94 -6.16 -10.32 11.71
C ASN F 94 -5.39 -10.72 12.98
N HIS F 95 -4.33 -9.97 13.30
CA HIS F 95 -3.62 -10.20 14.55
C HIS F 95 -4.53 -9.96 15.75
N LEU F 96 -5.38 -8.92 15.67
CA LEU F 96 -6.29 -8.65 16.76
C LEU F 96 -7.31 -9.78 16.94
N ARG F 97 -7.79 -10.32 15.82
CA ARG F 97 -8.67 -11.47 15.90
C ARG F 97 -7.96 -12.68 16.50
N ASP F 98 -6.68 -12.86 16.17
CA ASP F 98 -5.88 -13.91 16.79
C ASP F 98 -5.74 -13.70 18.29
N ILE F 99 -5.38 -12.49 18.71
CA ILE F 99 -5.12 -12.20 20.11
C ILE F 99 -6.42 -12.31 20.91
N MET F 100 -7.54 -11.92 20.32
CA MET F 100 -8.83 -11.99 21.00
C MET F 100 -9.39 -13.41 21.06
N CYS F 101 -8.67 -14.42 20.57
CA CYS F 101 -9.10 -15.81 20.53
C CYS F 101 -10.37 -15.94 19.70
N ILE F 102 -10.44 -15.19 18.59
CA ILE F 102 -11.59 -15.15 17.68
C ILE F 102 -11.10 -15.83 16.40
N PRO F 103 -11.97 -16.36 15.54
CA PRO F 103 -11.51 -16.82 14.22
C PRO F 103 -10.84 -15.70 13.44
N TYR F 104 -9.81 -16.06 12.68
CA TYR F 104 -8.99 -15.10 11.96
C TYR F 104 -8.47 -15.73 10.68
N CYS F 105 -8.04 -14.87 9.76
CA CYS F 105 -7.48 -15.29 8.49
C CYS F 105 -5.95 -15.34 8.57
N ASN F 106 -5.37 -16.46 8.12
CA ASN F 106 -3.93 -16.55 7.90
C ASN F 106 -3.56 -16.56 6.42
N TYR F 107 -4.47 -16.11 5.54
CA TYR F 107 -4.22 -15.79 4.14
C TYR F 107 -3.86 -17.01 3.29
N SER F 108 -4.07 -18.22 3.81
CA SER F 108 -3.69 -19.43 3.08
C SER F 108 -4.80 -19.94 2.18
N LYS F 109 -5.95 -20.28 2.77
CA LYS F 109 -7.07 -20.87 2.06
C LYS F 109 -8.23 -19.87 2.02
N TYR F 110 -8.82 -19.70 0.85
CA TYR F 110 -9.95 -18.81 0.63
C TYR F 110 -11.15 -19.63 0.14
N TRP F 111 -12.29 -18.96 0.10
CA TRP F 111 -13.53 -19.52 -0.44
C TRP F 111 -14.14 -18.51 -1.39
N TYR F 112 -15.02 -19.02 -2.26
CA TYR F 112 -15.67 -18.16 -3.24
C TYR F 112 -16.82 -18.92 -3.87
N LEU F 113 -17.96 -18.24 -4.01
CA LEU F 113 -19.13 -18.83 -4.66
C LEU F 113 -18.93 -18.78 -6.17
N ASN F 114 -19.17 -19.91 -6.83
CA ASN F 114 -19.06 -20.05 -8.28
C ASN F 114 -20.40 -20.50 -8.83
N HIS F 115 -20.81 -19.88 -9.93
CA HIS F 115 -22.09 -20.18 -10.55
C HIS F 115 -21.97 -21.44 -11.39
N THR F 116 -22.97 -22.31 -11.28
CA THR F 116 -22.89 -23.62 -11.94
C THR F 116 -22.96 -23.49 -13.45
N THR F 117 -23.94 -22.72 -13.95
CA THR F 117 -24.23 -22.70 -15.38
C THR F 117 -23.44 -21.61 -16.11
N THR F 118 -23.64 -20.35 -15.74
CA THR F 118 -22.97 -19.26 -16.44
C THR F 118 -21.49 -19.15 -16.09
N GLY F 119 -21.03 -19.82 -15.03
CA GLY F 119 -19.62 -19.81 -14.70
C GLY F 119 -19.12 -18.54 -14.06
N ARG F 120 -20.01 -17.70 -13.56
CA ARG F 120 -19.60 -16.48 -12.88
C ARG F 120 -19.18 -16.78 -11.45
N THR F 121 -18.48 -15.82 -10.84
CA THR F 121 -17.85 -16.02 -9.55
C THR F 121 -17.82 -14.72 -8.78
N SER F 122 -18.10 -14.80 -7.49
CA SER F 122 -17.98 -13.66 -6.61
C SER F 122 -16.51 -13.43 -6.24
N LEU F 123 -16.24 -12.29 -5.62
CA LEU F 123 -14.89 -12.02 -5.15
C LEU F 123 -14.54 -13.00 -4.03
N PRO F 124 -13.41 -13.71 -4.09
CA PRO F 124 -13.06 -14.59 -2.97
C PRO F 124 -12.82 -13.82 -1.68
N LYS F 125 -13.15 -14.48 -0.57
CA LYS F 125 -12.92 -13.96 0.76
C LYS F 125 -12.38 -15.08 1.64
N CYS F 126 -11.69 -14.70 2.70
CA CYS F 126 -10.81 -15.63 3.38
C CYS F 126 -11.57 -16.63 4.25
N TRP F 127 -11.07 -17.87 4.24
CA TRP F 127 -11.51 -18.90 5.17
C TRP F 127 -10.94 -18.57 6.54
N LEU F 128 -11.80 -18.21 7.49
CA LEU F 128 -11.31 -17.86 8.82
C LEU F 128 -10.88 -19.12 9.56
N VAL F 129 -9.93 -18.94 10.48
CA VAL F 129 -9.24 -20.03 11.17
C VAL F 129 -9.37 -19.80 12.67
N SER F 130 -9.85 -20.82 13.38
CA SER F 130 -10.03 -20.76 14.83
C SER F 130 -9.38 -21.98 15.48
N ASN F 131 -8.71 -21.74 16.60
CA ASN F 131 -8.09 -22.79 17.39
C ASN F 131 -7.03 -23.55 16.57
N GLY F 132 -6.34 -22.83 15.70
CA GLY F 132 -5.33 -23.45 14.86
C GLY F 132 -5.87 -24.51 13.92
N SER F 133 -7.10 -24.34 13.44
CA SER F 133 -7.68 -25.28 12.51
C SER F 133 -8.80 -24.59 11.75
N TYR F 134 -9.01 -25.03 10.51
CA TYR F 134 -10.03 -24.42 9.65
C TYR F 134 -11.42 -24.66 10.23
N LEU F 135 -12.31 -23.71 10.00
CA LEU F 135 -13.68 -23.84 10.42
C LEU F 135 -14.45 -24.76 9.49
N ASN F 136 -15.50 -25.38 10.01
CA ASN F 136 -16.45 -26.09 9.17
C ASN F 136 -17.30 -25.08 8.40
N GLU F 137 -17.85 -25.53 7.26
CA GLU F 137 -18.66 -24.64 6.44
C GLU F 137 -19.92 -24.18 7.16
N THR F 138 -20.49 -25.03 8.02
CA THR F 138 -21.70 -24.67 8.74
C THR F 138 -21.43 -23.64 9.83
N HIS F 139 -20.19 -23.54 10.32
CA HIS F 139 -19.89 -22.61 11.41
C HIS F 139 -20.10 -21.17 10.98
N PHE F 140 -19.68 -20.82 9.75
CA PHE F 140 -19.77 -19.47 9.22
C PHE F 140 -20.73 -19.38 8.03
N SER F 141 -21.70 -20.29 7.96
CA SER F 141 -22.61 -20.31 6.82
C SER F 141 -23.53 -19.09 6.77
N ASP F 142 -23.66 -18.34 7.87
CA ASP F 142 -24.42 -17.10 7.82
C ASP F 142 -23.80 -16.12 6.84
N ASP F 143 -22.48 -16.00 6.84
CA ASP F 143 -21.79 -15.14 5.90
C ASP F 143 -22.02 -15.63 4.48
N ILE F 144 -22.05 -16.95 4.30
CA ILE F 144 -22.27 -17.52 2.96
C ILE F 144 -23.67 -17.18 2.47
N GLU F 145 -24.67 -17.30 3.34
CA GLU F 145 -26.03 -16.96 2.96
C GLU F 145 -26.16 -15.48 2.63
N GLN F 146 -25.53 -14.62 3.44
CA GLN F 146 -25.59 -13.18 3.16
C GLN F 146 -24.89 -12.85 1.85
N GLN F 147 -23.78 -13.54 1.55
CA GLN F 147 -23.11 -13.33 0.28
C GLN F 147 -23.93 -13.83 -0.90
N ALA F 148 -24.67 -14.92 -0.73
CA ALA F 148 -25.60 -15.33 -1.79
C ALA F 148 -26.68 -14.27 -1.99
N ASP F 149 -27.16 -13.68 -0.89
CA ASP F 149 -28.17 -12.63 -0.98
C ASP F 149 -27.63 -11.41 -1.72
N ASN F 150 -26.38 -11.05 -1.47
CA ASN F 150 -25.77 -9.94 -2.22
C ASN F 150 -25.46 -10.33 -3.66
N MET F 151 -25.15 -11.61 -3.90
CA MET F 151 -24.79 -12.03 -5.26
C MET F 151 -26.01 -12.02 -6.17
N ILE F 152 -27.18 -12.41 -5.64
CA ILE F 152 -28.39 -12.33 -6.46
C ILE F 152 -28.79 -10.89 -6.77
N THR F 153 -28.28 -9.91 -6.02
CA THR F 153 -28.69 -8.51 -6.23
C THR F 153 -28.27 -8.01 -7.60
N GLU F 154 -27.06 -8.38 -8.06
CA GLU F 154 -26.60 -7.92 -9.37
C GLU F 154 -27.47 -8.49 -10.49
N MET F 155 -27.84 -9.77 -10.39
CA MET F 155 -28.70 -10.43 -11.37
C MET F 155 -30.09 -10.61 -10.79
N GLY G 1 -2.12 3.21 5.81
CA GLY G 1 -3.15 2.24 6.15
C GLY G 1 -4.50 2.88 6.37
N THR G 2 -5.55 2.07 6.39
CA THR G 2 -6.92 2.54 6.55
C THR G 2 -7.63 1.70 7.61
N PHE G 3 -8.66 2.27 8.22
CA PHE G 3 -9.41 1.57 9.31
C PHE G 3 -10.06 0.30 8.78
N THR G 4 -9.91 -0.81 9.51
CA THR G 4 -10.50 -2.10 9.06
C THR G 4 -11.44 -2.70 10.12
N TRP G 5 -11.52 -2.10 11.31
CA TRP G 5 -12.32 -2.74 12.41
C TRP G 5 -13.79 -2.92 11.99
N THR G 6 -14.37 -4.09 12.29
CA THR G 6 -15.78 -4.33 12.01
C THR G 6 -16.62 -3.92 13.21
N LEU G 7 -17.94 -3.95 13.02
CA LEU G 7 -18.93 -3.57 14.03
C LEU G 7 -19.76 -4.81 14.37
N SER G 8 -19.34 -5.53 15.41
CA SER G 8 -20.04 -6.73 15.83
C SER G 8 -21.32 -6.38 16.59
N GLY G 18 -27.08 -3.28 12.51
CA GLY G 18 -27.17 -2.19 13.47
C GLY G 18 -26.44 -2.50 14.76
N TYR G 19 -26.03 -1.46 15.48
CA TYR G 19 -25.34 -1.59 16.75
C TYR G 19 -25.87 -0.54 17.71
N CYS G 20 -26.23 -0.97 18.91
CA CYS G 20 -26.86 -0.12 19.92
C CYS G 20 -25.85 0.31 20.96
N LEU G 21 -25.91 1.58 21.34
CA LEU G 21 -25.10 2.13 22.42
C LEU G 21 -25.94 2.20 23.69
N THR G 22 -25.41 1.67 24.77
CA THR G 22 -26.14 1.53 26.02
C THR G 22 -26.00 2.80 26.86
N ARG G 23 -26.49 2.75 28.09
CA ARG G 23 -26.42 3.90 28.99
C ARG G 23 -24.99 4.26 29.38
N TRP G 24 -24.06 3.31 29.31
CA TRP G 24 -22.74 3.53 29.90
C TRP G 24 -21.93 4.53 29.07
N MET G 25 -21.89 4.36 27.75
CA MET G 25 -21.08 5.25 26.90
C MET G 25 -21.78 6.55 26.55
N LEU G 26 -23.03 6.76 26.96
CA LEU G 26 -23.76 8.01 26.78
C LEU G 26 -24.00 8.66 28.14
N ILE G 27 -23.69 9.94 28.24
CA ILE G 27 -23.91 10.70 29.47
C ILE G 27 -25.35 11.21 29.49
N GLU G 28 -26.09 10.86 30.53
CA GLU G 28 -27.46 11.30 30.75
C GLU G 28 -28.36 10.94 29.57
N ALA G 29 -28.50 9.64 29.33
CA ALA G 29 -29.35 9.17 28.24
C ALA G 29 -29.71 7.71 28.48
N GLU G 30 -30.75 7.27 27.78
CA GLU G 30 -31.22 5.89 27.83
C GLU G 30 -30.56 5.08 26.71
N LEU G 31 -30.80 3.78 26.72
CA LEU G 31 -30.32 2.90 25.65
C LEU G 31 -30.81 3.39 24.29
N LYS G 32 -29.89 3.42 23.32
CA LYS G 32 -30.14 3.98 22.00
C LYS G 32 -29.66 3.00 20.94
N CYS G 33 -30.36 3.01 19.80
CA CYS G 33 -30.09 2.07 18.71
C CYS G 33 -30.13 2.82 17.39
N PHE G 34 -29.41 2.27 16.41
CA PHE G 34 -29.30 2.82 15.07
C PHE G 34 -29.58 1.73 14.05
N GLY G 35 -30.10 2.15 12.89
CA GLY G 35 -30.46 1.21 11.86
C GLY G 35 -29.24 0.62 11.16
N ASN G 36 -29.51 -0.41 10.35
CA ASN G 36 -28.44 -1.07 9.61
C ASN G 36 -27.79 -0.14 8.59
N THR G 37 -28.58 0.77 8.00
CA THR G 37 -28.03 1.64 6.98
C THR G 37 -26.99 2.60 7.55
N ALA G 38 -27.20 3.08 8.78
CA ALA G 38 -26.27 4.02 9.39
C ALA G 38 -24.92 3.38 9.63
N VAL G 39 -24.91 2.18 10.23
CA VAL G 39 -23.65 1.48 10.46
C VAL G 39 -23.04 1.03 9.14
N ALA G 40 -23.87 0.67 8.16
CA ALA G 40 -23.34 0.24 6.87
C ALA G 40 -22.64 1.40 6.15
N LYS G 41 -23.14 2.62 6.32
CA LYS G 41 -22.53 3.77 5.67
C LYS G 41 -21.12 4.04 6.18
N CYS G 42 -20.80 3.58 7.40
CA CYS G 42 -19.48 3.83 7.96
C CYS G 42 -18.38 3.11 7.20
N ASN G 43 -18.69 1.94 6.64
CA ASN G 43 -17.65 1.06 6.11
C ASN G 43 -16.97 1.62 4.85
N GLU G 44 -17.56 2.62 4.19
CA GLU G 44 -17.05 3.17 2.93
C GLU G 44 -17.07 4.69 2.98
N LYS G 45 -16.49 5.26 4.04
CA LYS G 45 -16.40 6.72 4.16
C LYS G 45 -15.25 7.02 5.11
N HIS G 46 -14.28 7.81 4.62
CA HIS G 46 -13.04 8.09 5.34
C HIS G 46 -13.02 9.49 5.93
N ASP G 47 -14.19 10.00 6.36
CA ASP G 47 -14.32 11.34 6.92
C ASP G 47 -15.15 11.40 8.19
N GLU G 48 -16.04 10.43 8.43
CA GLU G 48 -16.95 10.48 9.57
C GLU G 48 -16.19 10.39 10.90
N GLU G 49 -16.85 10.90 11.94
CA GLU G 49 -16.36 10.89 13.30
C GLU G 49 -17.09 9.91 14.19
N PHE G 50 -18.39 9.70 13.97
CA PHE G 50 -19.14 8.74 14.76
C PHE G 50 -18.67 7.31 14.51
N CYS G 51 -18.25 7.02 13.29
CA CYS G 51 -17.73 5.70 12.99
C CYS G 51 -16.50 5.40 13.84
N ASP G 52 -15.65 6.41 14.06
CA ASP G 52 -14.46 6.22 14.87
C ASP G 52 -14.81 5.79 16.29
N MET G 53 -15.69 6.55 16.96
CA MET G 53 -16.02 6.20 18.34
C MET G 53 -16.85 4.94 18.41
N LEU G 54 -17.63 4.63 17.38
CA LEU G 54 -18.33 3.35 17.35
C LEU G 54 -17.33 2.20 17.36
N ARG G 55 -16.28 2.30 16.53
CA ARG G 55 -15.25 1.27 16.54
C ARG G 55 -14.49 1.24 17.86
N LEU G 56 -14.17 2.42 18.43
CA LEU G 56 -13.47 2.44 19.71
C LEU G 56 -14.29 1.76 20.80
N PHE G 57 -15.60 2.01 20.85
CA PHE G 57 -16.40 1.41 21.91
C PHE G 57 -16.61 -0.08 21.68
N ASP G 58 -16.80 -0.52 20.43
CA ASP G 58 -16.91 -1.95 20.15
C ASP G 58 -15.61 -2.66 20.54
N PHE G 59 -14.48 -2.10 20.13
CA PHE G 59 -13.18 -2.63 20.47
C PHE G 59 -12.96 -2.66 21.98
N ASN G 60 -13.37 -1.60 22.68
CA ASN G 60 -13.22 -1.55 24.13
C ASN G 60 -14.03 -2.65 24.80
N LYS G 61 -15.28 -2.85 24.33
CA LYS G 61 -16.12 -3.90 24.90
C LYS G 61 -15.47 -5.25 24.69
N GLN G 62 -14.92 -5.48 23.50
CA GLN G 62 -14.18 -6.72 23.25
C GLN G 62 -12.97 -6.82 24.18
N ALA G 63 -12.34 -5.69 24.50
CA ALA G 63 -11.17 -5.71 25.36
C ALA G 63 -11.52 -6.16 26.77
N ILE G 64 -12.61 -5.63 27.34
CA ILE G 64 -13.01 -6.13 28.65
C ILE G 64 -13.44 -7.60 28.57
N GLN G 65 -14.34 -7.95 27.65
CA GLN G 65 -14.94 -9.27 27.77
C GLN G 65 -13.99 -10.40 27.35
N ARG G 66 -13.12 -10.18 26.36
CA ARG G 66 -12.26 -11.22 25.80
C ARG G 66 -10.80 -11.10 26.21
N LEU G 67 -10.47 -10.27 27.19
CA LEU G 67 -9.10 -10.13 27.67
C LEU G 67 -9.14 -9.77 29.14
N LYS G 68 -8.58 -10.63 29.98
CA LYS G 68 -8.62 -10.40 31.42
C LYS G 68 -7.73 -9.21 31.79
N ALA G 69 -8.12 -8.53 32.86
CA ALA G 69 -7.37 -7.38 33.33
C ALA G 69 -6.02 -7.83 33.90
N PRO G 70 -4.89 -7.30 33.42
CA PRO G 70 -3.62 -7.61 34.09
C PRO G 70 -3.53 -6.94 35.45
N ALA G 71 -2.59 -7.43 36.26
CA ALA G 71 -2.30 -6.77 37.53
C ALA G 71 -1.79 -5.36 37.29
N GLN G 72 -0.94 -5.18 36.28
CA GLN G 72 -0.45 -3.89 35.83
C GLN G 72 -0.88 -3.73 34.38
N MET G 73 -1.89 -2.88 34.15
CA MET G 73 -2.46 -2.77 32.81
C MET G 73 -1.50 -2.01 31.91
N SER G 74 -1.62 -2.26 30.60
CA SER G 74 -0.67 -1.80 29.60
C SER G 74 -1.37 -1.01 28.51
N ILE G 75 -0.63 -0.01 27.98
CA ILE G 75 -1.10 0.82 26.88
C ILE G 75 -0.58 0.34 25.52
N GLN G 76 0.29 -0.69 25.50
CA GLN G 76 0.85 -1.18 24.24
C GLN G 76 -0.23 -1.70 23.29
N LEU G 77 -1.37 -2.12 23.84
CA LEU G 77 -2.39 -2.78 23.02
C LEU G 77 -3.01 -1.80 22.02
N ILE G 78 -3.35 -0.59 22.45
CA ILE G 78 -3.85 0.43 21.53
C ILE G 78 -2.76 1.07 20.69
N ASN G 79 -1.51 1.05 21.16
CA ASN G 79 -0.44 1.63 20.34
C ASN G 79 -0.35 0.90 19.02
N LYS G 80 -0.19 -0.42 19.05
CA LYS G 80 -0.01 -1.18 17.83
C LYS G 80 -1.26 -1.25 16.94
N ALA G 81 -2.42 -0.85 17.44
CA ALA G 81 -3.69 -0.97 16.74
C ALA G 81 -4.50 0.33 16.85
N VAL G 82 -3.85 1.46 16.58
CA VAL G 82 -4.52 2.76 16.63
C VAL G 82 -5.14 3.12 15.29
N ASN G 83 -4.41 2.93 14.19
CA ASN G 83 -4.92 3.27 12.86
C ASN G 83 -5.81 2.19 12.28
N ALA G 84 -5.84 0.99 12.86
CA ALA G 84 -6.80 -0.02 12.43
C ALA G 84 -8.23 0.36 12.76
N LEU G 85 -8.42 1.20 13.79
CA LEU G 85 -9.75 1.63 14.21
C LEU G 85 -10.17 2.95 13.56
N ILE G 86 -9.23 3.90 13.43
CA ILE G 86 -9.55 5.26 13.04
C ILE G 86 -8.55 5.77 12.01
N ASN G 87 -8.97 6.80 11.29
CA ASN G 87 -8.08 7.61 10.46
C ASN G 87 -7.46 8.67 11.35
N ASP G 88 -6.18 8.50 11.70
CA ASP G 88 -5.49 9.52 12.50
C ASP G 88 -5.42 10.86 11.76
N GLN G 89 -5.44 10.83 10.43
CA GLN G 89 -5.48 12.06 9.67
C GLN G 89 -6.75 12.85 9.93
N LEU G 90 -7.84 12.20 10.37
CA LEU G 90 -9.01 12.94 10.80
C LEU G 90 -8.68 13.81 12.02
N ILE G 91 -7.92 13.26 12.97
CA ILE G 91 -7.49 14.03 14.12
C ILE G 91 -6.57 15.16 13.67
N MET G 92 -5.65 14.87 12.75
CA MET G 92 -4.75 15.92 12.26
C MET G 92 -5.51 17.02 11.53
N LYS G 93 -6.51 16.64 10.73
CA LYS G 93 -7.29 17.62 10.01
C LYS G 93 -8.09 18.50 10.96
N ASN G 94 -8.71 17.90 11.99
CA ASN G 94 -9.43 18.70 12.96
C ASN G 94 -8.49 19.60 13.75
N HIS G 95 -7.26 19.14 13.99
CA HIS G 95 -6.25 20.02 14.55
C HIS G 95 -5.97 21.20 13.63
N LEU G 96 -5.96 20.95 12.32
CA LEU G 96 -5.76 22.06 11.38
C LEU G 96 -6.91 23.05 11.43
N ARG G 97 -8.16 22.57 11.54
CA ARG G 97 -9.27 23.51 11.69
C ARG G 97 -9.18 24.27 13.02
N ASP G 98 -8.69 23.62 14.07
CA ASP G 98 -8.44 24.32 15.32
C ASP G 98 -7.41 25.44 15.14
N ILE G 99 -6.31 25.14 14.45
CA ILE G 99 -5.22 26.11 14.32
C ILE G 99 -5.65 27.27 13.43
N MET G 100 -6.41 26.99 12.38
CA MET G 100 -6.69 27.97 11.34
C MET G 100 -7.92 28.83 11.64
N CYS G 101 -8.33 28.93 12.91
CA CYS G 101 -9.47 29.70 13.39
C CYS G 101 -10.82 29.15 12.90
N ILE G 102 -10.85 28.02 12.20
CA ILE G 102 -12.07 27.45 11.63
C ILE G 102 -12.75 26.71 12.77
N PRO G 103 -14.07 26.53 12.76
CA PRO G 103 -14.68 25.61 13.73
C PRO G 103 -14.15 24.20 13.55
N TYR G 104 -13.72 23.60 14.66
CA TYR G 104 -13.14 22.27 14.69
C TYR G 104 -14.11 21.31 15.38
N CYS G 105 -13.77 20.01 15.29
CA CYS G 105 -14.62 18.97 15.91
C CYS G 105 -14.04 18.61 17.29
N ASN G 106 -14.88 18.66 18.33
CA ASN G 106 -14.41 18.39 19.72
C ASN G 106 -14.58 16.89 20.01
N TYR G 107 -15.32 16.19 19.16
CA TYR G 107 -15.56 14.75 19.32
C TYR G 107 -16.48 14.43 20.51
N SER G 108 -16.99 15.43 21.24
CA SER G 108 -17.76 15.21 22.46
C SER G 108 -19.27 15.28 22.22
N LYS G 109 -19.77 16.41 21.74
CA LYS G 109 -21.19 16.62 21.47
C LYS G 109 -21.45 16.33 19.99
N TYR G 110 -22.50 15.57 19.72
CA TYR G 110 -22.87 15.13 18.38
C TYR G 110 -24.31 15.54 18.10
N TRP G 111 -24.70 15.46 16.83
CA TRP G 111 -26.08 15.71 16.43
C TRP G 111 -26.46 14.75 15.32
N TYR G 112 -27.76 14.41 15.25
CA TYR G 112 -28.25 13.42 14.26
C TYR G 112 -29.74 13.62 13.99
N LEU G 113 -30.20 13.57 12.73
CA LEU G 113 -31.59 13.72 12.36
C LEU G 113 -32.35 12.43 12.61
N ASN G 114 -33.64 12.57 12.96
CA ASN G 114 -34.48 11.40 13.27
C ASN G 114 -35.88 11.62 12.66
N HIS G 115 -36.44 10.60 12.01
CA HIS G 115 -37.74 10.67 11.36
C HIS G 115 -38.82 10.33 12.38
N THR G 116 -39.92 11.07 12.34
CA THR G 116 -40.93 10.96 13.40
C THR G 116 -41.66 9.62 13.36
N THR G 117 -42.15 9.23 12.18
CA THR G 117 -43.07 8.10 12.12
C THR G 117 -42.33 6.77 12.29
N THR G 118 -41.26 6.57 11.52
CA THR G 118 -40.56 5.29 11.44
C THR G 118 -39.23 5.28 12.18
N GLY G 119 -38.75 6.43 12.68
CA GLY G 119 -37.48 6.45 13.35
C GLY G 119 -36.29 6.13 12.46
N ARG G 120 -36.36 6.50 11.19
CA ARG G 120 -35.23 6.33 10.27
C ARG G 120 -34.23 7.43 10.56
N THR G 121 -33.20 7.09 11.32
CA THR G 121 -32.25 8.06 11.84
C THR G 121 -31.23 8.42 10.75
N SER G 122 -30.20 9.16 11.13
CA SER G 122 -29.08 9.49 10.26
C SER G 122 -27.79 9.14 10.99
N LEU G 123 -26.72 8.93 10.23
CA LEU G 123 -25.42 8.79 10.84
C LEU G 123 -25.05 10.14 11.48
N PRO G 124 -24.75 10.20 12.78
CA PRO G 124 -24.45 11.50 13.38
C PRO G 124 -23.18 12.12 12.81
N LYS G 125 -23.24 13.43 12.59
CA LYS G 125 -22.10 14.24 12.21
C LYS G 125 -21.67 15.02 13.44
N CYS G 126 -20.37 14.99 13.74
CA CYS G 126 -19.88 15.58 14.98
C CYS G 126 -20.11 17.07 14.98
N TRP G 127 -20.43 17.60 16.15
CA TRP G 127 -20.70 19.01 16.30
C TRP G 127 -19.41 19.77 16.02
N LEU G 128 -19.50 20.92 15.37
CA LEU G 128 -18.33 21.78 15.15
C LEU G 128 -18.32 22.89 16.19
N VAL G 129 -17.32 22.89 17.06
CA VAL G 129 -17.15 23.90 18.11
C VAL G 129 -16.18 24.97 17.61
N SER G 130 -16.30 26.17 18.18
CA SER G 130 -15.38 27.26 17.90
C SER G 130 -15.35 28.21 19.09
N ASN G 131 -14.19 28.83 19.28
CA ASN G 131 -14.03 29.87 20.31
C ASN G 131 -14.29 29.34 21.71
N GLY G 132 -14.01 28.05 21.92
CA GLY G 132 -14.25 27.46 23.22
C GLY G 132 -15.72 27.38 23.59
N SER G 133 -16.61 27.43 22.60
CA SER G 133 -18.04 27.42 22.83
C SER G 133 -18.74 26.68 21.70
N TYR G 134 -19.92 26.15 22.01
CA TYR G 134 -20.72 25.41 21.04
C TYR G 134 -21.48 26.37 20.14
N LEU G 135 -21.42 26.12 18.83
CA LEU G 135 -21.94 27.05 17.82
C LEU G 135 -23.45 27.24 17.97
N ASN G 136 -23.96 28.24 17.26
CA ASN G 136 -25.40 28.41 17.11
C ASN G 136 -25.92 27.42 16.08
N GLU G 137 -27.23 27.16 16.13
CA GLU G 137 -27.84 26.32 15.12
C GLU G 137 -27.76 26.93 13.73
N THR G 138 -27.74 28.27 13.65
CA THR G 138 -27.84 28.94 12.35
C THR G 138 -26.59 28.73 11.51
N HIS G 139 -25.41 28.63 12.16
CA HIS G 139 -24.15 28.66 11.41
C HIS G 139 -24.02 27.45 10.49
N PHE G 140 -24.42 26.28 10.96
CA PHE G 140 -24.41 25.05 10.16
C PHE G 140 -25.80 24.69 9.64
N SER G 141 -26.73 25.65 9.59
CA SER G 141 -28.07 25.36 9.09
C SER G 141 -28.03 24.90 7.65
N ASP G 142 -27.09 25.42 6.85
CA ASP G 142 -26.89 24.90 5.51
C ASP G 142 -26.51 23.43 5.55
N ASP G 143 -25.64 23.04 6.48
CA ASP G 143 -25.18 21.66 6.55
C ASP G 143 -26.31 20.72 6.92
N ILE G 144 -27.09 21.05 7.94
CA ILE G 144 -28.17 20.16 8.34
C ILE G 144 -29.26 20.15 7.27
N GLU G 145 -29.50 21.28 6.60
CA GLU G 145 -30.49 21.31 5.53
C GLU G 145 -30.08 20.42 4.36
N GLN G 146 -28.81 20.51 3.93
CA GLN G 146 -28.39 19.66 2.81
C GLN G 146 -28.30 18.20 3.23
N GLN G 147 -27.98 17.92 4.49
CA GLN G 147 -28.03 16.54 4.97
C GLN G 147 -29.46 16.00 4.92
N ALA G 148 -30.44 16.82 5.32
CA ALA G 148 -31.83 16.39 5.25
C ALA G 148 -32.25 16.16 3.80
N ASP G 149 -31.81 17.03 2.89
CA ASP G 149 -32.12 16.84 1.47
C ASP G 149 -31.50 15.54 0.95
N ASN G 150 -30.25 15.27 1.33
CA ASN G 150 -29.61 14.03 0.90
C ASN G 150 -30.27 12.81 1.51
N MET G 151 -30.84 12.94 2.71
CA MET G 151 -31.50 11.80 3.34
C MET G 151 -32.86 11.52 2.70
N ILE G 152 -33.64 12.56 2.41
CA ILE G 152 -34.90 12.35 1.70
C ILE G 152 -34.69 11.99 0.24
N THR G 153 -33.46 12.14 -0.29
CA THR G 153 -33.19 11.75 -1.66
C THR G 153 -33.42 10.26 -1.90
N GLU G 154 -32.97 9.40 -0.97
CA GLU G 154 -33.04 7.96 -1.22
C GLU G 154 -34.48 7.43 -1.27
N MET G 155 -35.43 8.12 -0.65
CA MET G 155 -36.80 7.61 -0.59
C MET G 155 -37.48 7.78 -1.94
N GLY H 1 -2.85 7.72 8.05
CA GLY H 1 -3.61 6.84 7.20
C GLY H 1 -4.08 7.52 5.92
N THR H 2 -5.31 7.20 5.51
CA THR H 2 -5.86 7.79 4.29
C THR H 2 -6.12 9.28 4.50
N PHE H 3 -6.14 10.04 3.39
CA PHE H 3 -6.32 11.52 3.48
C PHE H 3 -7.74 11.88 3.91
N THR H 4 -7.89 12.99 4.65
CA THR H 4 -9.24 13.42 5.10
C THR H 4 -9.46 14.92 4.81
N TRP H 5 -8.69 15.52 3.90
CA TRP H 5 -8.81 16.99 3.70
C TRP H 5 -10.04 17.34 2.85
N THR H 6 -10.74 18.41 3.20
CA THR H 6 -11.90 18.90 2.45
C THR H 6 -11.52 20.14 1.65
N LEU H 7 -12.08 20.26 0.45
CA LEU H 7 -11.76 21.34 -0.46
C LEU H 7 -12.69 22.53 -0.21
N SER H 8 -12.27 23.69 -0.70
CA SER H 8 -13.06 24.91 -0.56
C SER H 8 -14.17 24.96 -1.60
N GLY H 18 -18.79 24.82 -7.54
CA GLY H 18 -17.66 24.08 -8.08
C GLY H 18 -16.36 24.49 -7.42
N TYR H 19 -15.25 24.34 -8.15
CA TYR H 19 -13.95 24.82 -7.70
C TYR H 19 -13.26 25.52 -8.87
N CYS H 20 -12.76 26.72 -8.62
CA CYS H 20 -12.19 27.58 -9.65
C CYS H 20 -10.71 27.81 -9.39
N LEU H 21 -9.96 27.92 -10.48
CA LEU H 21 -8.50 28.01 -10.50
C LEU H 21 -8.11 29.27 -11.25
N THR H 22 -7.31 30.11 -10.59
CA THR H 22 -7.04 31.47 -11.04
C THR H 22 -5.95 31.52 -12.10
N ARG H 23 -5.61 32.73 -12.53
CA ARG H 23 -4.64 32.92 -13.59
C ARG H 23 -3.21 32.77 -13.10
N TRP H 24 -2.89 33.33 -11.93
CA TRP H 24 -1.53 33.24 -11.42
C TRP H 24 -1.20 31.80 -11.00
N MET H 25 -2.18 31.11 -10.43
CA MET H 25 -1.92 29.80 -9.83
C MET H 25 -1.69 28.73 -10.90
N LEU H 26 -2.04 29.00 -12.16
CA LEU H 26 -1.73 28.15 -13.30
C LEU H 26 -0.78 28.89 -14.25
N ILE H 27 -0.36 28.19 -15.31
CA ILE H 27 0.64 28.73 -16.28
C ILE H 27 -0.07 29.21 -17.55
N GLU H 28 -0.11 30.53 -17.78
CA GLU H 28 -0.72 31.11 -18.99
C GLU H 28 -2.13 30.54 -19.14
N ALA H 29 -2.89 30.46 -18.05
CA ALA H 29 -4.24 29.85 -18.05
C ALA H 29 -5.30 30.83 -17.52
N GLU H 30 -6.47 30.88 -18.15
CA GLU H 30 -7.60 31.68 -17.70
C GLU H 30 -8.21 31.06 -16.43
N LEU H 31 -9.32 31.64 -15.97
CA LEU H 31 -10.00 31.15 -14.78
C LEU H 31 -10.78 29.88 -15.11
N LYS H 32 -10.23 28.71 -14.76
CA LYS H 32 -10.87 27.43 -15.04
C LYS H 32 -11.69 26.94 -13.85
N CYS H 33 -12.97 26.67 -14.09
CA CYS H 33 -13.91 26.22 -13.05
C CYS H 33 -14.41 24.83 -13.37
N PHE H 34 -14.30 23.92 -12.41
CA PHE H 34 -14.76 22.55 -12.50
C PHE H 34 -16.05 22.40 -11.69
N GLY H 35 -17.00 21.66 -12.25
CA GLY H 35 -18.29 21.50 -11.60
C GLY H 35 -18.19 20.70 -10.31
N ASN H 36 -19.31 20.72 -9.57
CA ASN H 36 -19.33 20.09 -8.26
C ASN H 36 -19.21 18.57 -8.36
N THR H 37 -19.60 17.97 -9.47
CA THR H 37 -19.60 16.51 -9.56
C THR H 37 -18.18 15.95 -9.56
N ALA H 38 -17.24 16.60 -10.26
CA ALA H 38 -15.86 16.11 -10.27
C ALA H 38 -15.20 16.32 -8.92
N VAL H 39 -15.45 17.47 -8.28
CA VAL H 39 -14.88 17.73 -6.97
C VAL H 39 -15.45 16.76 -5.94
N ALA H 40 -16.71 16.39 -6.09
CA ALA H 40 -17.28 15.34 -5.25
C ALA H 40 -16.66 13.98 -5.58
N LYS H 41 -16.30 13.75 -6.84
CA LYS H 41 -15.59 12.53 -7.19
C LYS H 41 -14.25 12.45 -6.48
N CYS H 42 -13.59 13.59 -6.28
CA CYS H 42 -12.31 13.60 -5.57
C CYS H 42 -12.42 13.10 -4.13
N ASN H 43 -13.61 13.16 -3.51
CA ASN H 43 -13.72 12.81 -2.10
C ASN H 43 -13.41 11.33 -1.86
N GLU H 44 -13.95 10.44 -2.68
CA GLU H 44 -13.81 9.01 -2.48
C GLU H 44 -12.62 8.40 -3.23
N LYS H 45 -12.18 9.02 -4.32
CA LYS H 45 -11.05 8.49 -5.07
C LYS H 45 -9.77 8.56 -4.25
N HIS H 46 -8.88 7.60 -4.49
CA HIS H 46 -7.63 7.45 -3.74
C HIS H 46 -6.38 7.42 -4.60
N ASP H 47 -6.50 7.58 -5.93
CA ASP H 47 -5.35 7.58 -6.82
C ASP H 47 -5.45 8.64 -7.91
N GLU H 48 -6.21 9.70 -7.68
CA GLU H 48 -6.37 10.79 -8.64
C GLU H 48 -5.26 11.81 -8.40
N GLU H 49 -4.45 12.05 -9.43
CA GLU H 49 -3.32 12.97 -9.30
C GLU H 49 -3.82 14.38 -9.04
N PHE H 50 -4.74 14.85 -9.89
CA PHE H 50 -5.18 16.23 -9.81
C PHE H 50 -5.94 16.51 -8.53
N CYS H 51 -6.68 15.54 -8.01
CA CYS H 51 -7.40 15.77 -6.76
C CYS H 51 -6.43 16.04 -5.62
N ASP H 52 -5.37 15.23 -5.51
CA ASP H 52 -4.38 15.43 -4.46
C ASP H 52 -3.65 16.76 -4.62
N MET H 53 -3.25 17.09 -5.85
CA MET H 53 -2.57 18.36 -6.07
C MET H 53 -3.49 19.53 -5.79
N LEU H 54 -4.79 19.39 -6.11
CA LEU H 54 -5.77 20.41 -5.81
C LEU H 54 -5.94 20.61 -4.31
N ARG H 55 -5.93 19.52 -3.54
CA ARG H 55 -6.02 19.65 -2.09
C ARG H 55 -4.80 20.38 -1.53
N LEU H 56 -3.61 20.06 -2.06
CA LEU H 56 -2.41 20.80 -1.66
C LEU H 56 -2.56 22.29 -1.96
N PHE H 57 -3.03 22.62 -3.17
CA PHE H 57 -3.13 24.01 -3.56
C PHE H 57 -4.19 24.74 -2.74
N ASP H 58 -5.29 24.07 -2.40
CA ASP H 58 -6.32 24.68 -1.56
C ASP H 58 -5.78 24.97 -0.16
N PHE H 59 -5.03 24.00 0.40
CA PHE H 59 -4.40 24.22 1.70
C PHE H 59 -3.48 25.41 1.66
N ASN H 60 -2.62 25.49 0.65
CA ASN H 60 -1.72 26.64 0.52
C ASN H 60 -2.51 27.94 0.37
N LYS H 61 -3.57 27.91 -0.45
CA LYS H 61 -4.32 29.12 -0.77
C LYS H 61 -4.93 29.71 0.48
N GLN H 62 -5.67 28.91 1.25
CA GLN H 62 -6.30 29.50 2.43
C GLN H 62 -5.32 29.62 3.60
N ALA H 63 -4.21 28.89 3.61
CA ALA H 63 -3.24 29.03 4.68
C ALA H 63 -2.42 30.30 4.55
N ILE H 64 -2.23 30.79 3.32
CA ILE H 64 -1.51 32.06 3.15
C ILE H 64 -2.29 33.19 3.79
N GLN H 65 -3.61 33.23 3.59
CA GLN H 65 -4.42 34.39 3.98
C GLN H 65 -5.06 34.24 5.35
N ARG H 66 -5.44 33.02 5.76
CA ARG H 66 -6.05 32.85 7.08
C ARG H 66 -5.03 33.09 8.19
N LEU H 67 -3.83 32.55 8.03
CA LEU H 67 -2.73 32.75 8.97
C LEU H 67 -1.81 33.84 8.46
N LYS H 68 -1.36 34.71 9.37
CA LYS H 68 -0.38 35.75 8.98
C LYS H 68 0.93 35.05 8.59
N ALA H 69 1.59 35.49 7.52
CA ALA H 69 2.81 34.81 7.05
C ALA H 69 3.88 34.88 8.16
N PRO H 70 4.58 33.77 8.45
CA PRO H 70 5.65 33.78 9.46
C PRO H 70 6.83 34.63 8.98
N ALA H 71 7.48 35.37 9.90
CA ALA H 71 8.69 36.13 9.52
C ALA H 71 9.74 35.13 9.04
N GLN H 72 9.84 34.00 9.74
CA GLN H 72 10.78 32.93 9.32
C GLN H 72 9.96 31.76 8.77
N MET H 73 10.22 31.35 7.52
CA MET H 73 9.39 30.28 6.91
C MET H 73 9.54 28.99 7.71
N SER H 74 8.44 28.28 7.96
CA SER H 74 8.49 27.06 8.79
C SER H 74 7.89 25.87 8.02
N ILE H 75 8.71 24.86 7.72
CA ILE H 75 8.21 23.64 7.02
C ILE H 75 7.48 22.76 8.04
N GLN H 76 7.51 23.15 9.32
CA GLN H 76 6.85 22.35 10.38
C GLN H 76 5.37 22.17 10.02
N LEU H 77 4.73 23.20 9.46
CA LEU H 77 3.27 23.12 9.21
C LEU H 77 2.97 21.95 8.26
N ILE H 78 3.69 21.87 7.13
CA ILE H 78 3.38 20.83 6.11
C ILE H 78 3.74 19.45 6.64
N ASN H 79 4.87 19.32 7.33
CA ASN H 79 5.31 17.98 7.78
C ASN H 79 4.25 17.41 8.72
N LYS H 80 3.66 18.26 9.57
CA LYS H 80 2.67 17.77 10.57
C LYS H 80 1.44 17.20 9.86
N ALA H 81 1.15 17.64 8.65
CA ALA H 81 -0.08 17.20 7.97
C ALA H 81 0.18 16.91 6.49
N VAL H 82 1.28 16.22 6.18
CA VAL H 82 1.50 15.80 4.81
C VAL H 82 0.50 14.72 4.40
N ASN H 83 0.20 13.79 5.31
CA ASN H 83 -0.59 12.64 4.97
C ASN H 83 -2.09 12.95 4.86
N ALA H 84 -2.57 13.95 5.59
CA ALA H 84 -4.00 14.25 5.58
C ALA H 84 -4.47 14.85 4.27
N LEU H 85 -3.57 15.33 3.42
CA LEU H 85 -3.90 15.98 2.16
C LEU H 85 -3.65 15.11 0.94
N ILE H 86 -2.59 14.31 0.96
CA ILE H 86 -2.16 13.53 -0.20
C ILE H 86 -1.82 12.12 0.26
N ASN H 87 -2.18 11.14 -0.57
CA ASN H 87 -1.80 9.76 -0.32
C ASN H 87 -0.35 9.59 -0.74
N ASP H 88 0.54 9.52 0.26
CA ASP H 88 1.95 9.30 -0.03
C ASP H 88 2.18 7.97 -0.76
N GLN H 89 1.32 6.98 -0.50
CA GLN H 89 1.42 5.72 -1.22
C GLN H 89 1.17 5.89 -2.71
N LEU H 90 0.39 6.90 -3.10
CA LEU H 90 0.27 7.21 -4.52
C LEU H 90 1.61 7.68 -5.08
N ILE H 91 2.35 8.47 -4.30
CA ILE H 91 3.69 8.87 -4.74
C ILE H 91 4.58 7.64 -4.82
N MET H 92 4.43 6.69 -3.90
CA MET H 92 5.24 5.47 -3.96
C MET H 92 4.91 4.67 -5.22
N LYS H 93 3.62 4.56 -5.55
CA LYS H 93 3.19 3.91 -6.79
C LYS H 93 3.78 4.61 -8.01
N ASN H 94 3.75 5.94 -8.01
CA ASN H 94 4.28 6.69 -9.14
C ASN H 94 5.78 6.48 -9.27
N HIS H 95 6.49 6.47 -8.14
CA HIS H 95 7.93 6.22 -8.17
C HIS H 95 8.23 4.80 -8.63
N LEU H 96 7.40 3.84 -8.25
CA LEU H 96 7.59 2.46 -8.69
C LEU H 96 7.43 2.35 -10.20
N ARG H 97 6.43 3.03 -10.76
CA ARG H 97 6.30 3.08 -12.21
C ARG H 97 7.49 3.79 -12.86
N ASP H 98 8.02 4.82 -12.21
CA ASP H 98 9.18 5.52 -12.76
C ASP H 98 10.40 4.59 -12.82
N ILE H 99 10.63 3.84 -11.74
CA ILE H 99 11.86 3.06 -11.64
C ILE H 99 11.74 1.76 -12.44
N MET H 100 10.51 1.27 -12.66
CA MET H 100 10.27 0.14 -13.55
C MET H 100 10.17 0.56 -15.01
N CYS H 101 10.41 1.84 -15.33
CA CYS H 101 10.17 2.48 -16.62
C CYS H 101 8.80 2.15 -17.21
N ILE H 102 7.79 2.00 -16.37
CA ILE H 102 6.40 2.08 -16.81
C ILE H 102 6.19 3.56 -17.09
N PRO H 103 5.27 3.97 -17.95
CA PRO H 103 4.93 5.40 -18.00
C PRO H 103 4.38 5.87 -16.66
N TYR H 104 4.75 7.08 -16.28
CA TYR H 104 4.48 7.60 -14.95
C TYR H 104 4.25 9.11 -15.02
N CYS H 105 3.50 9.62 -14.05
CA CYS H 105 3.13 11.03 -14.00
C CYS H 105 3.98 11.77 -12.98
N ASN H 106 4.59 12.89 -13.42
CA ASN H 106 5.32 13.78 -12.52
C ASN H 106 4.50 15.00 -12.12
N TYR H 107 3.17 14.88 -12.07
CA TYR H 107 2.23 15.83 -11.50
C TYR H 107 2.15 17.17 -12.24
N SER H 108 2.86 17.35 -13.36
CA SER H 108 2.93 18.65 -14.00
C SER H 108 1.76 18.88 -14.97
N LYS H 109 1.68 18.05 -16.01
CA LYS H 109 0.76 18.25 -17.12
C LYS H 109 -0.44 17.32 -17.01
N TYR H 110 -1.63 17.88 -17.12
CA TYR H 110 -2.89 17.17 -16.93
C TYR H 110 -3.77 17.37 -18.15
N TRP H 111 -4.70 16.45 -18.36
CA TRP H 111 -5.65 16.50 -19.46
C TRP H 111 -7.03 16.08 -18.98
N TYR H 112 -8.05 16.63 -19.64
CA TYR H 112 -9.43 16.32 -19.32
C TYR H 112 -10.26 16.41 -20.59
N LEU H 113 -11.36 15.66 -20.62
CA LEU H 113 -12.30 15.69 -21.73
C LEU H 113 -13.33 16.78 -21.47
N ASN H 114 -13.30 17.83 -22.28
CA ASN H 114 -14.22 18.95 -22.17
C ASN H 114 -15.31 18.80 -23.21
N HIS H 115 -16.56 18.88 -22.77
CA HIS H 115 -17.69 18.86 -23.70
C HIS H 115 -17.69 20.14 -24.52
N THR H 116 -17.82 20.00 -25.84
CA THR H 116 -17.68 21.15 -26.72
C THR H 116 -18.82 22.14 -26.54
N THR H 117 -20.06 21.66 -26.54
CA THR H 117 -21.22 22.53 -26.52
C THR H 117 -21.63 22.93 -25.10
N THR H 118 -21.97 21.93 -24.27
CA THR H 118 -22.43 22.23 -22.92
C THR H 118 -21.31 22.78 -22.05
N GLY H 119 -20.07 22.39 -22.31
CA GLY H 119 -18.92 22.91 -21.58
C GLY H 119 -18.51 22.14 -20.35
N ARG H 120 -19.24 21.10 -19.97
CA ARG H 120 -18.85 20.31 -18.81
C ARG H 120 -17.54 19.58 -19.09
N THR H 121 -16.78 19.35 -18.02
CA THR H 121 -15.43 18.77 -18.10
C THR H 121 -15.33 17.56 -17.19
N SER H 122 -14.64 16.53 -17.66
CA SER H 122 -14.36 15.38 -16.83
C SER H 122 -13.35 15.73 -15.75
N LEU H 123 -13.20 14.83 -14.80
CA LEU H 123 -12.13 14.98 -13.81
C LEU H 123 -10.79 14.83 -14.52
N PRO H 124 -9.80 15.72 -14.28
CA PRO H 124 -8.51 15.56 -14.98
C PRO H 124 -7.79 14.29 -14.55
N LYS H 125 -7.33 13.55 -15.56
CA LYS H 125 -6.39 12.45 -15.38
C LYS H 125 -5.01 12.94 -15.84
N CYS H 126 -3.97 12.50 -15.15
CA CYS H 126 -2.66 13.07 -15.42
C CYS H 126 -2.09 12.58 -16.75
N TRP H 127 -1.08 13.30 -17.23
CA TRP H 127 -0.36 12.96 -18.44
C TRP H 127 0.83 12.10 -18.07
N LEU H 128 0.73 10.80 -18.35
CA LEU H 128 1.84 9.90 -18.08
C LEU H 128 3.02 10.25 -18.98
N VAL H 129 4.19 10.44 -18.37
CA VAL H 129 5.40 10.89 -19.06
C VAL H 129 6.48 9.84 -18.91
N SER H 130 7.23 9.61 -19.99
CA SER H 130 8.35 8.68 -19.97
C SER H 130 9.39 9.16 -20.98
N ASN H 131 10.62 8.70 -20.78
CA ASN H 131 11.74 9.04 -21.66
C ASN H 131 12.00 10.56 -21.67
N GLY H 132 11.68 11.23 -20.57
CA GLY H 132 11.89 12.67 -20.49
C GLY H 132 11.10 13.46 -21.50
N SER H 133 9.94 12.95 -21.93
CA SER H 133 9.13 13.63 -22.92
C SER H 133 7.69 13.14 -22.79
N TYR H 134 6.75 14.08 -22.85
CA TYR H 134 5.35 13.74 -22.73
C TYR H 134 4.92 12.84 -23.88
N LEU H 135 4.17 11.79 -23.56
CA LEU H 135 3.73 10.86 -24.60
C LEU H 135 2.72 11.53 -25.52
N ASN H 136 2.70 11.05 -26.76
CA ASN H 136 1.68 11.50 -27.70
C ASN H 136 0.31 11.04 -27.24
N GLU H 137 -0.73 11.69 -27.78
CA GLU H 137 -2.09 11.32 -27.43
C GLU H 137 -2.43 9.92 -27.90
N THR H 138 -1.81 9.47 -28.99
CA THR H 138 -2.08 8.13 -29.50
C THR H 138 -1.57 7.05 -28.54
N HIS H 139 -0.48 7.32 -27.83
CA HIS H 139 0.18 6.29 -27.04
C HIS H 139 -0.65 5.79 -25.86
N PHE H 140 -1.67 6.55 -25.45
CA PHE H 140 -2.56 6.16 -24.37
C PHE H 140 -4.02 6.51 -24.70
N SER H 141 -4.37 6.49 -25.98
CA SER H 141 -5.72 6.89 -26.40
C SER H 141 -6.77 5.93 -25.87
N ASP H 142 -6.41 4.65 -25.69
CA ASP H 142 -7.35 3.68 -25.14
C ASP H 142 -7.83 4.13 -23.76
N ASP H 143 -6.91 4.60 -22.91
CA ASP H 143 -7.29 5.13 -21.61
C ASP H 143 -8.22 6.34 -21.73
N ILE H 144 -8.08 7.14 -22.78
CA ILE H 144 -8.99 8.25 -22.99
C ILE H 144 -10.38 7.74 -23.35
N GLU H 145 -10.45 6.60 -24.06
CA GLU H 145 -11.75 6.08 -24.48
C GLU H 145 -12.62 5.69 -23.27
N GLN H 146 -12.05 5.06 -22.24
CA GLN H 146 -12.87 4.74 -21.07
C GLN H 146 -13.28 6.02 -20.35
N GLN H 147 -12.44 7.05 -20.36
CA GLN H 147 -12.83 8.31 -19.74
C GLN H 147 -14.04 8.91 -20.45
N ALA H 148 -14.11 8.77 -21.77
CA ALA H 148 -15.31 9.21 -22.48
C ALA H 148 -16.51 8.31 -22.13
N ASP H 149 -16.28 6.99 -22.08
CA ASP H 149 -17.38 6.06 -21.86
C ASP H 149 -18.00 6.24 -20.47
N ASN H 150 -17.20 6.58 -19.47
CA ASN H 150 -17.78 6.85 -18.15
C ASN H 150 -18.60 8.14 -18.17
N MET H 151 -18.20 9.14 -18.95
CA MET H 151 -19.04 10.32 -19.11
C MET H 151 -20.36 9.99 -19.76
N ILE H 152 -20.38 9.01 -20.67
CA ILE H 152 -21.65 8.59 -21.27
C ILE H 152 -22.62 8.05 -20.22
N THR H 153 -22.12 7.53 -19.09
CA THR H 153 -23.00 6.92 -18.11
C THR H 153 -23.94 7.94 -17.46
N GLU H 154 -23.50 9.17 -17.24
CA GLU H 154 -24.36 10.16 -16.58
C GLU H 154 -25.58 10.48 -17.42
N MET H 155 -25.41 10.62 -18.73
CA MET H 155 -26.52 10.95 -19.61
C MET H 155 -27.40 9.73 -19.83
C1 NAG I . 13.84 -25.38 30.23
C2 NAG I . 13.13 -26.70 29.90
C3 NAG I . 11.68 -26.53 30.33
C4 NAG I . 11.64 -26.28 31.84
C5 NAG I . 12.53 -25.07 32.18
C6 NAG I . 12.68 -24.88 33.68
C7 NAG I . 13.90 -28.12 28.03
C8 NAG I . 13.87 -28.29 26.54
N2 NAG I . 13.24 -27.05 28.51
O3 NAG I . 10.97 -27.68 29.97
O4 NAG I . 10.30 -26.05 32.19
O5 NAG I . 13.82 -25.21 31.62
O6 NAG I . 13.68 -25.77 34.14
O7 NAG I . 14.49 -28.93 28.73
C1 FUC I . 14.28 -25.26 35.35
C2 FUC I . 15.18 -26.37 35.92
C3 FUC I . 16.31 -26.66 34.93
C4 FUC I . 17.10 -25.39 34.64
C5 FUC I . 16.13 -24.28 34.20
C6 FUC I . 16.80 -22.93 34.06
O2 FUC I . 14.39 -27.50 36.19
O3 FUC I . 17.10 -27.68 35.49
O4 FUC I . 17.82 -25.04 35.79
O5 FUC I . 15.06 -24.13 35.13
C1 NAG J . 11.07 -19.53 -5.27
C2 NAG J . 10.24 -20.67 -5.78
C3 NAG J . 10.67 -20.95 -7.21
C4 NAG J . 10.44 -19.71 -8.05
C5 NAG J . 11.24 -18.59 -7.47
C6 NAG J . 11.00 -17.30 -8.22
C7 NAG J . 11.54 -21.89 -4.16
C8 NAG J . 11.25 -22.10 -2.71
N2 NAG J . 10.47 -21.82 -4.95
O3 NAG J . 9.88 -22.02 -7.72
O4 NAG J . 10.97 -19.81 -9.37
O5 NAG J . 10.82 -18.44 -6.14
O6 NAG J . 11.95 -16.35 -7.76
O7 NAG J . 12.68 -21.78 -4.59
C1 NAG J . 9.93 -20.15 -10.31
C2 NAG J . 10.33 -19.69 -11.70
C3 NAG J . 9.13 -19.86 -12.62
C4 NAG J . 8.73 -21.33 -12.61
C5 NAG J . 8.40 -21.72 -11.18
C6 NAG J . 7.98 -23.19 -11.10
C7 NAG J . 12.09 -18.07 -11.68
C8 NAG J . 12.80 -18.38 -12.96
N2 NAG J . 10.79 -18.32 -11.68
O3 NAG J . 9.49 -19.43 -13.93
O4 NAG J . 7.55 -21.49 -13.40
O5 NAG J . 9.54 -21.52 -10.34
O6 NAG J . 9.08 -24.01 -11.49
O7 NAG J . 12.68 -17.65 -10.70
C1 BMA J . 7.77 -22.33 -14.55
C2 BMA J . 8.42 -21.58 -15.70
C3 BMA J . 8.30 -22.43 -16.94
C4 BMA J . 8.98 -23.75 -16.63
C5 BMA J . 8.31 -24.42 -15.45
C6 BMA J . 8.94 -25.78 -15.21
O2 BMA J . 9.81 -21.36 -15.45
O3 BMA J . 8.95 -21.78 -18.02
O4 BMA J . 8.92 -24.61 -17.76
O5 BMA J . 8.42 -23.58 -14.31
O6 BMA J . 8.39 -26.43 -14.06
C1 MAN J . 7.01 -26.10 -13.90
C2 MAN J . 6.48 -26.81 -12.65
C3 MAN J . 6.42 -28.31 -12.88
C4 MAN J . 5.59 -28.59 -14.12
C5 MAN J . 6.13 -27.82 -15.31
C6 MAN J . 5.22 -28.02 -16.51
O2 MAN J . 5.19 -26.31 -12.32
O3 MAN J . 5.80 -28.94 -11.76
O4 MAN J . 5.62 -30.00 -14.39
O5 MAN J . 6.21 -26.44 -15.03
O6 MAN J . 5.56 -27.05 -17.52
C1 NAG K . 33.91 -6.17 22.15
C2 NAG K . 34.71 -7.48 22.09
C3 NAG K . 35.39 -7.73 23.44
C4 NAG K . 36.11 -6.49 23.97
C5 NAG K . 35.20 -5.26 23.85
C6 NAG K . 35.82 -3.96 24.30
C7 NAG K . 33.71 -9.10 20.51
C8 NAG K . 32.77 -10.27 20.41
N2 NAG K . 33.87 -8.59 21.76
O3 NAG K . 36.29 -8.79 23.26
O4 NAG K . 36.39 -6.77 25.33
O5 NAG K . 34.77 -5.13 22.52
O6 NAG K . 36.94 -3.66 23.52
O7 NAG K . 34.27 -8.65 19.53
C1 NAG K . 37.77 -6.55 25.73
C2 NAG K . 38.62 -7.75 25.25
C3 NAG K . 40.09 -7.52 25.62
C4 NAG K . 40.55 -6.15 25.14
C5 NAG K . 39.59 -5.09 25.70
C6 NAG K . 39.98 -3.67 25.35
C7 NAG K . 38.06 -10.16 25.26
C8 NAG K . 37.55 -11.29 26.11
N2 NAG K . 38.16 -8.97 25.87
O3 NAG K . 40.83 -8.56 25.04
O4 NAG K . 41.87 -5.96 25.61
O5 NAG K . 38.31 -5.36 25.20
O6 NAG K . 39.02 -2.78 25.89
O7 NAG K . 38.36 -10.33 24.08
C1 FUC K . 36.61 -2.56 22.63
C2 FUC K . 37.88 -1.75 22.39
C3 FUC K . 38.91 -2.62 21.66
C4 FUC K . 38.31 -3.13 20.36
C5 FUC K . 37.01 -3.87 20.68
C6 FUC K . 36.28 -4.36 19.45
O2 FUC K . 38.35 -1.27 23.62
O3 FUC K . 40.06 -1.83 21.47
O4 FUC K . 38.10 -2.04 19.50
O5 FUC K . 36.12 -3.05 21.41
C1 NAG L . 20.08 -14.62 31.57
C2 NAG L . 21.52 -14.86 32.01
C3 NAG L . 21.48 -15.75 33.25
C4 NAG L . 20.62 -15.12 34.32
C5 NAG L . 19.24 -14.78 33.75
C6 NAG L . 18.35 -14.04 34.74
C7 NAG L . 23.22 -14.99 30.13
C8 NAG L . 23.60 -13.52 30.22
N2 NAG L . 22.28 -15.50 30.96
O3 NAG L . 22.81 -15.93 33.69
O4 NAG L . 20.52 -16.05 35.36
O5 NAG L . 19.39 -13.97 32.61
O6 NAG L . 18.99 -12.88 35.17
O7 NAG L . 23.76 -15.69 29.30
C1 NAG L . 21.26 -15.56 36.50
C2 NAG L . 21.06 -16.53 37.66
C3 NAG L . 21.97 -16.21 38.84
C4 NAG L . 23.41 -15.94 38.39
C5 NAG L . 23.38 -14.92 37.25
C6 NAG L . 24.75 -14.54 36.74
C7 NAG L . 19.05 -17.46 38.76
C8 NAG L . 17.61 -17.18 39.12
N2 NAG L . 19.69 -16.48 38.09
O3 NAG L . 21.88 -17.30 39.72
O4 NAG L . 24.12 -15.41 39.50
O5 NAG L . 22.64 -15.47 36.19
O6 NAG L . 25.45 -13.84 37.72
O7 NAG L . 19.60 -18.51 39.07
C1 NAG M . 26.49 -17.17 8.41
C2 NAG M . 26.88 -18.62 8.43
C3 NAG M . 28.37 -18.69 8.67
C4 NAG M . 29.11 -17.90 7.62
C5 NAG M . 28.61 -16.48 7.64
C6 NAG M . 29.24 -15.68 6.52
C7 NAG M . 25.34 -20.27 9.18
C8 NAG M . 24.77 -20.19 7.81
N2 NAG M . 26.23 -19.33 9.48
O3 NAG M . 28.75 -20.06 8.62
O4 NAG M . 30.49 -17.87 7.99
O5 NAG M . 27.20 -16.46 7.42
O6 NAG M . 28.98 -16.37 5.30
O7 NAG M . 25.04 -21.14 9.97
C1 NAG M . 31.35 -18.35 6.95
C2 NAG M . 31.07 -19.82 6.70
C3 NAG M . 31.99 -20.36 5.62
C4 NAG M . 31.96 -19.47 4.39
C5 NAG M . 32.20 -18.02 4.74
C6 NAG M . 31.95 -17.14 3.53
C7 NAG M . 31.65 -21.79 7.98
C8 NAG M . 32.99 -22.02 8.63
N2 NAG M . 31.25 -20.52 7.94
O3 NAG M . 31.57 -21.67 5.24
O4 NAG M . 32.98 -19.92 3.50
O5 NAG M . 31.33 -17.57 5.76
O6 NAG M . 32.27 -17.86 2.33
O7 NAG M . 30.98 -22.69 7.52
C1 NAG N . -14.20 2.50 34.10
C2 NAG N . -15.34 2.91 35.04
C3 NAG N . -16.15 1.67 35.38
C4 NAG N . -16.53 0.86 34.14
C5 NAG N . -15.34 0.68 33.20
C6 NAG N . -15.68 0.03 31.88
C7 NAG N . -14.62 4.87 36.36
C8 NAG N . -14.05 5.29 37.69
N2 NAG N . -14.81 3.54 36.21
O3 NAG N . -17.29 2.08 36.09
O4 NAG N . -16.99 -0.40 34.57
O5 NAG N . -14.77 1.93 32.94
O6 NAG N . -16.15 -1.28 32.11
O7 NAG N . -14.88 5.68 35.49
C1 NAG N . -18.43 -0.43 34.59
C2 NAG N . -18.87 -1.87 34.88
C3 NAG N . -20.39 -1.93 34.99
C4 NAG N . -20.87 -0.90 36.01
C5 NAG N . -20.34 0.48 35.63
C6 NAG N . -20.75 1.58 36.59
C7 NAG N . -17.30 -3.53 33.78
C8 NAG N . -16.28 -3.46 34.88
N2 NAG N . -18.43 -2.78 33.85
O3 NAG N . -20.74 -3.24 35.34
O4 NAG N . -22.29 -0.94 36.02
O5 NAG N . -18.93 0.43 35.57
O6 NAG N . -20.25 1.28 37.87
O7 NAG N . -17.09 -4.26 32.81
C1 NAG O . 22.54 11.89 36.55
C2 NAG O . 22.35 11.92 38.07
C3 NAG O . 23.48 12.74 38.66
C4 NAG O . 24.80 12.07 38.29
C5 NAG O . 24.89 11.83 36.78
C6 NAG O . 26.11 11.04 36.36
C7 NAG O . 20.05 11.73 38.96
C8 NAG O . 18.79 12.51 39.23
N2 NAG O . 21.06 12.45 38.43
O3 NAG O . 23.30 12.80 40.05
O4 NAG O . 25.82 12.93 38.74
O5 NAG O . 23.73 11.17 36.30
O6 NAG O . 26.27 9.91 37.20
O7 NAG O . 20.12 10.53 39.20
C1 NAG O . 26.42 12.29 39.88
C2 NAG O . 27.65 13.08 40.33
C3 NAG O . 28.33 12.30 41.45
C4 NAG O . 27.34 12.09 42.58
C5 NAG O . 26.03 11.47 42.05
C6 NAG O . 24.94 11.35 43.09
C7 NAG O . 29.26 12.71 38.37
C8 NAG O . 29.31 11.20 38.47
N2 NAG O . 28.51 13.45 39.21
O3 NAG O . 29.47 13.01 41.86
O4 NAG O . 27.95 11.24 43.52
O5 NAG O . 25.54 12.25 40.98
O6 NAG O . 23.73 11.04 42.45
O7 NAG O . 29.91 13.25 37.48
C1 FUC O . 25.64 8.76 36.59
C2 FUC O . 26.58 7.57 36.74
C3 FUC O . 26.74 7.19 38.21
C4 FUC O . 25.37 6.90 38.82
C5 FUC O . 24.47 8.11 38.59
C6 FUC O . 23.04 7.90 39.07
O2 FUC O . 27.81 7.90 36.15
O3 FUC O . 27.62 6.09 38.29
O4 FUC O . 24.86 5.73 38.23
O5 FUC O . 24.41 8.46 37.21
C1 NAG P . 16.24 28.18 32.37
C2 NAG P . 17.19 28.03 33.55
C3 NAG P . 17.57 29.40 34.11
C4 NAG P . 18.07 30.30 32.99
C5 NAG P . 17.05 30.32 31.85
C6 NAG P . 17.45 31.18 30.68
C7 NAG P . 16.72 25.90 34.71
C8 NAG P . 16.02 25.28 35.89
N2 NAG P . 16.60 27.24 34.60
O3 NAG P . 18.54 29.20 35.10
O4 NAG P . 18.24 31.59 33.55
O5 NAG P . 16.84 29.00 31.40
O6 NAG P . 17.31 32.55 31.03
O7 NAG P . 17.34 25.21 33.92
C1 NAG P . 19.63 31.78 33.87
C2 NAG P . 19.96 33.27 33.63
C3 NAG P . 21.40 33.56 34.06
C4 NAG P . 21.63 33.08 35.48
C5 NAG P . 21.24 31.60 35.58
C6 NAG P . 21.45 31.00 36.95
C7 NAG P . 20.33 33.02 31.20
C8 NAG P . 19.96 33.57 29.84
N2 NAG P . 19.75 33.62 32.26
O3 NAG P . 21.62 34.94 33.92
O4 NAG P . 22.99 33.29 35.78
O5 NAG P . 19.89 31.46 35.22
O6 NAG P . 22.83 31.01 37.26
O7 NAG P . 21.11 32.09 31.30
C1 NAG Q . 4.93 8.41 41.71
C2 NAG Q . 3.89 8.46 42.85
C3 NAG Q . 4.51 8.05 44.18
C4 NAG Q . 5.21 6.71 44.04
C5 NAG Q . 6.25 6.84 42.94
C6 NAG Q . 7.08 5.60 42.69
C7 NAG Q . 3.98 10.91 43.19
C8 NAG Q . 3.12 12.15 43.32
N2 NAG Q . 3.30 9.77 42.98
O3 NAG Q . 3.48 8.00 45.12
O4 NAG Q . 5.77 6.44 45.31
O5 NAG Q . 5.58 7.16 41.73
O6 NAG Q . 6.24 4.50 42.42
O7 NAG Q . 5.19 10.97 43.28
C1 NAG Q . 5.93 5.06 45.73
C2 NAG Q . 5.85 5.09 47.26
C3 NAG Q . 5.79 3.69 47.88
C4 NAG Q . 4.75 2.83 47.16
C5 NAG Q . 5.06 2.85 45.67
C6 NAG Q . 4.17 1.96 44.83
C7 NAG Q . 7.03 7.12 48.04
C8 NAG Q . 8.33 7.63 48.59
N2 NAG Q . 6.99 5.79 47.79
O3 NAG Q . 5.50 3.83 49.24
O4 NAG Q . 4.84 1.52 47.70
O5 NAG Q . 4.93 4.19 45.23
O6 NAG Q . 4.26 0.64 45.30
O7 NAG Q . 6.08 7.86 47.84
C1 NAG R . 5.15 32.34 -3.54
C2 NAG R . 5.49 33.27 -4.71
C3 NAG R . 4.80 34.62 -4.51
C4 NAG R . 3.32 34.43 -4.20
C5 NAG R . 3.14 33.40 -3.09
C6 NAG R . 1.69 33.11 -2.74
C7 NAG R . 7.73 32.74 -5.63
C8 NAG R . 9.20 33.09 -5.54
N2 NAG R . 6.92 33.43 -4.79
O3 NAG R . 5.01 35.37 -5.66
O4 NAG R . 2.83 35.68 -3.80
O5 NAG R . 3.76 32.19 -3.47
O6 NAG R . 0.95 32.88 -3.91
O7 NAG R . 7.32 31.89 -6.40
C1 NAG R . 2.00 36.22 -4.85
C2 NAG R . 1.14 37.34 -4.25
C3 NAG R . 0.29 37.97 -5.34
C4 NAG R . 1.17 38.43 -6.48
C5 NAG R . 2.04 37.26 -6.97
C6 NAG R . 3.00 37.64 -8.07
C7 NAG R . -0.54 35.82 -3.24
C8 NAG R . -1.27 35.50 -1.96
N2 NAG R . 0.33 36.85 -3.16
O3 NAG R . -0.44 39.02 -4.78
O4 NAG R . 0.31 38.89 -7.51
O5 NAG R . 2.79 36.77 -5.88
O6 NAG R . 2.29 38.15 -9.17
O7 NAG R . -0.73 35.19 -4.26
C1 NAG S . 35.48 11.36 -11.55
C2 NAG S . 35.89 11.54 -13.03
C3 NAG S . 35.48 10.31 -13.82
C4 NAG S . 36.06 9.06 -13.18
C5 NAG S . 35.65 9.00 -11.71
C6 NAG S . 36.24 7.82 -10.98
C7 NAG S . 34.00 13.01 -13.68
C8 NAG S . 33.65 14.32 -14.34
N2 NAG S . 35.32 12.73 -13.59
O3 NAG S . 35.93 10.49 -15.14
O4 NAG S . 35.54 7.96 -13.91
O5 NAG S . 36.07 10.18 -11.06
O6 NAG S . 37.64 7.85 -11.09
O7 NAG S . 33.13 12.26 -13.27
C1 NAG S . 36.62 7.17 -14.44
C2 NAG S . 36.01 5.91 -15.08
C3 NAG S . 37.08 5.08 -15.77
C4 NAG S . 37.92 5.96 -16.70
C5 NAG S . 38.45 7.16 -15.91
C6 NAG S . 39.34 8.08 -16.70
C7 NAG S . 34.01 4.91 -14.00
C8 NAG S . 33.57 4.03 -12.85
N2 NAG S . 35.35 5.12 -14.08
O3 NAG S . 36.44 4.05 -16.47
O4 NAG S . 38.96 5.15 -17.22
O5 NAG S . 37.34 7.88 -15.42
O6 NAG S . 39.76 9.14 -15.88
O7 NAG S . 33.20 5.38 -14.78
C1 NAG T . 36.64 9.03 0.45
C2 NAG T . 37.85 9.80 1.01
C3 NAG T . 39.13 9.26 0.37
C4 NAG T . 39.20 7.75 0.50
C5 NAG T . 37.91 7.12 -0.01
C6 NAG T . 37.87 5.62 0.12
C7 NAG T . 37.44 12.15 1.65
C8 NAG T . 37.40 13.57 1.12
N2 NAG T . 37.74 11.21 0.73
O3 NAG T . 40.21 9.90 0.98
O4 NAG T . 40.30 7.32 -0.27
O5 NAG T . 36.82 7.67 0.70
O6 NAG T . 38.05 5.26 1.46
O7 NAG T . 37.22 11.92 2.83
C1 NAG T . 41.34 6.82 0.59
C2 NAG T . 42.40 6.19 -0.31
C3 NAG T . 43.61 5.74 0.50
C4 NAG T . 44.10 6.88 1.39
C5 NAG T . 42.93 7.39 2.24
C6 NAG T . 43.30 8.52 3.17
C7 NAG T . 41.34 5.14 -2.28
C8 NAG T . 40.79 3.84 -2.83
N2 NAG T . 41.83 5.08 -1.03
O3 NAG T . 44.60 5.31 -0.40
O4 NAG T . 45.14 6.37 2.19
O5 NAG T . 41.91 7.84 1.37
O6 NAG T . 42.15 8.99 3.83
O7 NAG T . 41.33 6.16 -2.95
C1 NAG U . 25.00 29.63 3.62
C2 NAG U . 24.96 30.95 2.85
C3 NAG U . 26.04 31.89 3.40
C4 NAG U . 25.79 32.10 4.88
C5 NAG U . 25.76 30.73 5.57
C6 NAG U . 25.47 30.80 7.06
C7 NAG U . 26.16 30.16 0.84
C8 NAG U . 26.09 30.09 -0.67
N2 NAG U . 25.11 30.77 1.43
O3 NAG U . 26.00 33.07 2.65
O4 NAG U . 26.82 32.88 5.45
O5 NAG U . 24.79 29.91 4.98
O6 NAG U . 26.32 31.76 7.65
O7 NAG U . 27.10 29.72 1.46
C1 NAG U . 26.67 34.30 5.28
C2 NAG U . 25.98 34.91 6.52
C3 NAG U . 26.05 36.44 6.49
C4 NAG U . 27.48 36.90 6.26
C5 NAG U . 27.98 36.26 4.97
C6 NAG U . 29.39 36.68 4.61
C7 NAG U . 24.03 33.79 7.56
C8 NAG U . 22.55 33.53 7.40
N2 NAG U . 24.59 34.54 6.59
O3 NAG U . 25.54 36.90 7.71
O4 NAG U . 27.46 38.31 6.16
O5 NAG U . 27.95 34.86 5.11
O6 NAG U . 30.24 36.49 5.72
O7 NAG U . 24.64 33.33 8.51
C1 NAG V . -3.37 -21.54 8.19
C2 NAG V . -2.11 -22.13 7.59
C3 NAG V . -2.37 -23.53 7.09
C4 NAG V . -2.85 -24.38 8.25
C5 NAG V . -4.10 -23.72 8.83
C6 NAG V . -4.61 -24.51 10.01
C7 NAG V . -0.81 -20.33 6.69
C8 NAG V . 0.17 -20.09 5.59
N2 NAG V . -1.66 -21.32 6.49
O3 NAG V . -1.14 -24.02 6.56
O4 NAG V . -3.17 -25.69 7.79
O5 NAG V . -3.80 -22.38 9.26
O6 NAG V . -3.57 -24.55 11.00
O7 NAG V . -0.82 -19.68 7.72
C1 NAG V . -2.00 -26.52 7.93
C2 NAG V . -2.35 -27.98 8.10
C3 NAG V . -1.08 -28.77 8.39
C4 NAG V . -0.12 -28.54 7.23
C5 NAG V . 0.16 -27.07 7.09
C6 NAG V . 1.10 -26.80 5.94
C7 NAG V . -3.13 -27.64 10.39
C8 NAG V . -4.31 -27.76 11.29
N2 NAG V . -3.28 -28.18 9.18
O3 NAG V . -1.38 -30.15 8.54
O4 NAG V . 1.12 -29.21 7.51
O5 NAG V . -1.08 -26.37 6.86
O6 NAG V . 2.36 -27.44 6.19
O7 NAG V . -2.10 -27.07 10.73
C1 BMA V . 1.21 -30.42 6.74
C2 BMA V . 2.66 -30.63 6.38
C3 BMA V . 2.84 -31.92 5.61
C4 BMA V . 2.27 -33.05 6.45
C5 BMA V . 0.82 -32.76 6.81
C6 BMA V . 0.25 -33.85 7.71
O2 BMA V . 3.43 -30.74 7.58
O3 BMA V . 4.23 -32.12 5.36
O4 BMA V . 2.35 -34.27 5.70
O5 BMA V . 0.73 -31.53 7.50
O6 BMA V . 0.52 -35.14 7.15
C1 NAG W . -16.65 -22.39 -11.94
C2 NAG W . -15.18 -22.55 -12.28
C3 NAG W . -15.01 -22.79 -13.77
C4 NAG W . -15.86 -23.97 -14.20
C5 NAG W . -17.30 -23.76 -13.79
C6 NAG W . -18.16 -25.00 -14.04
C7 NAG W . -13.95 -21.22 -10.68
C8 NAG W . -12.59 -20.61 -10.64
N2 NAG W . -14.47 -21.36 -11.90
O3 NAG W . -13.64 -23.08 -14.04
O4 NAG W . -15.77 -24.11 -15.63
O5 NAG W . -17.39 -23.50 -12.40
O6 NAG W . -19.49 -24.74 -13.63
O7 NAG W . -14.54 -21.57 -9.69
C1 NAG W . -15.10 -25.35 -15.91
C2 NAG W . -15.81 -26.28 -16.87
C3 NAG W . -15.24 -27.67 -16.71
C4 NAG W . -13.73 -27.59 -16.97
C5 NAG W . -13.10 -26.60 -16.00
C6 NAG W . -11.62 -26.47 -16.26
C7 NAG W . -18.00 -25.44 -17.37
C8 NAG W . -18.54 -25.99 -18.66
N2 NAG W . -17.24 -26.27 -16.66
O3 NAG W . -15.85 -28.55 -17.65
O4 NAG W . -13.18 -28.89 -16.73
O5 NAG W . -13.70 -25.31 -16.16
O6 NAG W . -11.00 -27.75 -16.20
O7 NAG W . -18.24 -24.31 -17.00
C1 BMA W . -12.85 -29.61 -17.94
C2 BMA W . -12.65 -31.07 -17.57
C3 BMA W . -12.20 -31.86 -18.79
C4 BMA W . -13.25 -31.70 -19.88
C5 BMA W . -13.44 -30.21 -20.17
C6 BMA W . -14.52 -30.02 -21.22
O2 BMA W . -13.88 -31.61 -17.12
O3 BMA W . -12.09 -33.25 -18.46
O4 BMA W . -12.83 -32.39 -21.05
O5 BMA W . -13.82 -29.53 -18.98
O6 BMA W . -14.76 -28.61 -21.39
C1 NAG X . -15.14 20.08 24.37
C2 NAG X . -16.07 21.25 24.62
C3 NAG X . -16.08 21.66 26.08
C4 NAG X . -16.53 20.45 26.88
C5 NAG X . -15.57 19.31 26.56
C6 NAG X . -15.96 18.10 27.38
C7 NAG X . -16.02 23.61 23.91
C8 NAG X . -17.07 24.06 22.96
N2 NAG X . -15.63 22.35 23.77
O3 NAG X . -16.99 22.74 26.27
O4 NAG X . -16.49 20.69 28.30
O5 NAG X . -15.59 18.98 25.17
O6 NAG X . -17.36 17.89 27.18
O7 NAG X . -15.55 24.36 24.75
C1 NAG X . -17.79 20.94 28.79
C2 NAG X . -17.65 20.79 30.30
C3 NAG X . -18.99 21.12 30.91
C4 NAG X . -19.28 22.56 30.52
C5 NAG X . -19.38 22.66 29.00
C6 NAG X . -19.73 24.05 28.51
C7 NAG X . -16.77 19.02 31.78
C8 NAG X . -17.75 18.39 32.72
N2 NAG X . -17.26 19.43 30.60
O3 NAG X . -18.95 21.00 32.31
O4 NAG X . -20.46 23.01 31.20
O5 NAG X . -18.11 22.30 28.50
O6 NAG X . -19.62 24.05 27.09
O7 NAG X . -15.59 19.13 32.07
C1 BMA X . -19.92 23.93 32.16
C2 BMA X . -20.97 24.50 33.09
C3 BMA X . -20.32 25.53 34.00
C4 BMA X . -19.15 24.88 34.73
C5 BMA X . -18.16 24.28 33.74
C6 BMA X . -17.01 23.54 34.42
O2 BMA X . -21.56 23.45 33.86
O3 BMA X . -21.28 26.00 34.95
O4 BMA X . -18.50 25.89 35.52
O5 BMA X . -18.83 23.37 32.89
O6 BMA X . -17.46 22.66 35.48
C1 MAN X . -17.87 21.39 34.95
C2 MAN X . -19.36 21.16 35.21
C3 MAN X . -19.59 20.86 36.68
C4 MAN X . -18.75 19.66 37.07
C5 MAN X . -17.29 19.93 36.77
C6 MAN X . -16.45 18.72 37.15
O2 MAN X . -19.81 20.07 34.43
O3 MAN X . -20.97 20.57 36.87
O4 MAN X . -18.89 19.36 38.47
O5 MAN X . -17.12 20.24 35.38
O6 MAN X . -16.98 17.53 36.56
C1 NAG Y . -36.36 8.56 16.83
C2 NAG Y . -35.66 7.85 17.96
C3 NAG Y . -36.34 6.53 18.22
C4 NAG Y . -37.80 6.77 18.53
C5 NAG Y . -38.42 7.53 17.37
C6 NAG Y . -39.89 7.87 17.62
C7 NAG Y . -33.32 8.43 17.80
C8 NAG Y . -32.09 7.86 18.43
N2 NAG Y . -34.29 7.57 17.59
O3 NAG Y . -35.71 5.90 19.35
O4 NAG Y . -38.38 5.47 18.70
O5 NAG Y . -37.73 8.76 17.13
O6 NAG Y . -40.41 8.49 16.45
O7 NAG Y . -33.43 9.60 17.48
C1 NAG Y . -39.22 5.26 19.88
C2 NAG Y . -39.04 6.21 21.07
C3 NAG Y . -39.90 5.79 22.22
C4 NAG Y . -41.34 5.77 21.74
C5 NAG Y . -41.47 4.82 20.56
C6 NAG Y . -42.89 4.79 20.04
C7 NAG Y . -37.13 7.39 21.91
C8 NAG Y . -35.64 7.44 22.01
N2 NAG Y . -37.65 6.24 21.49
O3 NAG Y . -39.76 6.75 23.27
O4 NAG Y . -42.19 5.33 22.80
O5 NAG Y . -40.60 5.26 19.51
O6 NAG Y . -43.21 6.06 19.47
O7 NAG Y . -37.83 8.33 22.21
C1 NAG Z . 7.75 16.62 -15.85
C2 NAG Z . 8.37 17.93 -15.43
C3 NAG Z . 8.23 18.94 -16.54
C4 NAG Z . 8.92 18.39 -17.76
C5 NAG Z . 8.29 17.06 -18.10
C6 NAG Z . 8.99 16.49 -19.32
C7 NAG Z . 8.22 18.07 -13.08
C8 NAG Z . 8.03 19.07 -11.97
N2 NAG Z . 7.72 18.41 -14.24
O3 NAG Z . 8.86 20.16 -16.13
O4 NAG Z . 8.76 19.29 -18.85
O5 NAG Z . 8.41 16.15 -17.02
O6 NAG Z . 10.39 16.44 -19.03
O7 NAG Z . 8.78 17.01 -12.91
C1 NAG Z . 9.97 20.03 -19.04
C2 NAG Z . 9.92 20.76 -20.37
C3 NAG Z . 11.21 21.53 -20.59
C4 NAG Z . 11.39 22.48 -19.43
C5 NAG Z . 11.40 21.71 -18.13
C6 NAG Z . 11.51 22.68 -16.96
C7 NAG Z . 8.51 19.46 -21.84
C8 NAG Z . 8.45 18.32 -22.81
N2 NAG Z . 9.74 19.81 -21.46
O3 NAG Z . 11.13 22.28 -21.80
O4 NAG Z . 12.64 23.17 -19.58
O5 NAG Z . 10.19 20.98 -18.00
O6 NAG Z . 10.42 23.60 -17.03
O7 NAG Z . 7.52 20.04 -21.45
C1 BMA Z . 12.35 24.54 -19.87
C2 BMA Z . 13.33 25.44 -19.12
C3 BMA Z . 12.98 26.89 -19.37
C4 BMA Z . 12.99 27.13 -20.86
C5 BMA Z . 12.02 26.17 -21.55
C6 BMA Z . 12.05 26.38 -23.05
O2 BMA Z . 14.66 25.18 -19.59
O3 BMA Z . 13.93 27.74 -18.74
O4 BMA Z . 12.60 28.47 -21.12
O5 BMA Z . 12.38 24.82 -21.26
O6 BMA Z . 13.37 26.10 -23.54
C1 NAG AA . -14.52 23.91 -21.91
C2 NAG AA . -13.98 24.80 -20.81
C3 NAG AA . -15.00 25.88 -20.52
C4 NAG AA . -15.31 26.62 -21.81
C5 NAG AA . -15.77 25.65 -22.88
C6 NAG AA . -16.05 26.34 -24.20
C7 NAG AA . -12.48 23.69 -19.28
C8 NAG AA . -12.15 23.68 -17.82
N2 NAG AA . -13.72 24.06 -19.60
O3 NAG AA . -14.48 26.78 -19.54
O4 NAG AA . -16.34 27.60 -21.53
O5 NAG AA . -14.75 24.68 -23.09
O6 NAG AA . -14.86 26.98 -24.65
O7 NAG AA . -11.68 23.39 -20.14
C1 NAG AA . -15.94 28.91 -21.99
C2 NAG AA . -14.41 29.03 -22.02
C3 NAG AA . -13.94 30.29 -22.72
C4 NAG AA . -14.68 30.51 -24.02
C5 NAG AA . -16.18 30.47 -23.76
C6 NAG AA . -16.97 30.73 -25.02
C7 NAG AA . -12.59 29.04 -20.40
C8 NAG AA . -12.19 29.94 -19.28
N2 NAG AA . -13.90 29.00 -20.67
O3 NAG AA . -12.53 30.19 -23.02
O4 NAG AA . -14.34 31.79 -24.57
O5 NAG AA . -16.50 29.17 -23.27
O6 NAG AA . -18.38 30.70 -24.72
O7 NAG AA . -11.79 28.38 -21.03
C1 NAG BA . 10.34 -30.72 17.12
C2 NAG BA . 11.78 -30.51 17.65
C3 NAG BA . 12.68 -31.62 17.15
C4 NAG BA . 12.08 -32.95 17.56
C5 NAG BA . 10.66 -33.07 17.04
C6 NAG BA . 10.05 -34.39 17.50
C7 NAG BA . 13.49 -28.93 16.78
C8 NAG BA . 13.52 -28.43 15.38
N2 NAG BA . 12.28 -29.20 17.27
O3 NAG BA . 13.98 -31.50 17.74
O4 NAG BA . 12.87 -34.00 17.01
O5 NAG BA . 9.85 -31.99 17.51
O6 NAG BA . 9.92 -34.39 18.93
O7 NAG BA . 14.51 -29.09 17.42
C1 NAG CA . 18.28 -18.48 -6.59
C2 NAG CA . 18.93 -19.67 -7.30
C3 NAG CA . 19.88 -19.19 -8.39
C4 NAG CA . 19.15 -18.24 -9.33
C5 NAG CA . 18.54 -17.11 -8.51
C6 NAG CA . 17.78 -16.11 -9.35
C7 NAG CA . 19.32 -21.79 -6.06
C8 NAG CA . 20.22 -22.46 -5.04
N2 NAG CA . 19.63 -20.51 -6.37
O3 NAG CA . 20.38 -20.32 -9.06
O4 NAG CA . 20.11 -17.76 -10.25
O5 NAG CA . 17.65 -17.67 -7.55
O6 NAG CA . 18.68 -15.41 -10.18
O7 NAG CA . 18.39 -22.40 -6.56
C1 NAG DA . 6.29 34.56 35.32
C2 NAG DA . 5.42 35.73 35.79
C3 NAG DA . 5.03 36.59 34.60
C4 NAG DA . 6.28 37.04 33.87
C5 NAG DA . 7.13 35.82 33.51
C6 NAG DA . 8.42 36.17 32.82
C7 NAG DA . 3.30 34.47 36.00
C8 NAG DA . 2.18 34.12 36.96
N2 NAG DA . 4.26 35.27 36.51
O3 NAG DA . 4.27 37.68 35.06
O4 NAG DA . 5.86 37.73 32.72
O5 NAG DA . 7.43 35.08 34.68
O6 NAG DA . 8.13 36.89 31.63
O7 NAG DA . 3.30 34.06 34.86
C1 NAG EA . -5.95 26.60 38.45
C2 NAG EA . -4.56 26.05 38.79
C3 NAG EA . -3.72 27.20 39.32
C4 NAG EA . -3.62 28.28 38.24
C5 NAG EA . -5.02 28.68 37.75
C6 NAG EA . -4.97 29.56 36.51
C7 NAG EA . -5.16 25.05 40.98
C8 NAG EA . -5.08 23.78 41.81
N2 NAG EA . -4.60 24.98 39.75
O3 NAG EA . -2.46 26.70 39.67
O4 NAG EA . -2.97 29.37 38.84
O5 NAG EA . -5.80 27.55 37.41
O6 NAG EA . -4.33 30.78 36.82
O7 NAG EA . -5.70 26.06 41.42
C1 NAG FA . -9.71 0.72 39.56
C2 NAG FA . -9.83 0.59 41.08
C3 NAG FA . -9.57 -0.84 41.49
C4 NAG FA . -10.49 -1.78 40.72
C5 NAG FA . -10.36 -1.51 39.22
C6 NAG FA . -11.27 -2.36 38.36
C7 NAG FA . -7.61 1.57 41.58
C8 NAG FA . -6.89 2.62 42.41
N2 NAG FA . -8.94 1.51 41.76
O3 NAG FA . -9.76 -0.94 42.88
O4 NAG FA . -10.12 -3.09 41.03
O5 NAG FA . -10.63 -0.14 38.96
O6 NAG FA . -10.96 -3.72 38.56
O7 NAG FA . -6.99 0.85 40.81
C1 NAG GA . 25.56 21.29 -14.54
C2 NAG GA . 26.84 21.12 -15.35
C3 NAG GA . 28.02 21.72 -14.60
C4 NAG GA . 27.70 23.14 -14.13
C5 NAG GA . 26.38 23.13 -13.38
C6 NAG GA . 25.98 24.48 -12.82
C7 NAG GA . 26.89 18.96 -16.71
C8 NAG GA . 26.36 19.59 -17.98
N2 NAG GA . 27.09 19.71 -15.60
O3 NAG GA . 29.14 21.69 -15.43
O4 NAG GA . 28.77 23.56 -13.32
O5 NAG GA . 25.37 22.64 -14.23
O6 NAG GA . 24.83 24.35 -12.03
O7 NAG GA . 27.16 17.77 -16.71
C1 NAG HA . 10.09 37.21 0.25
C2 NAG HA . 9.17 38.35 -0.19
C3 NAG HA . 8.92 39.30 0.97
C4 NAG HA . 8.43 38.52 2.18
C5 NAG HA . 9.41 37.38 2.49
C6 NAG HA . 9.01 36.53 3.68
C7 NAG HA . 10.75 39.72 -1.67
C8 NAG HA . 11.81 40.01 -0.61
N2 NAG HA . 9.64 39.00 -1.40
O3 NAG HA . 7.99 40.27 0.55
O4 NAG HA . 8.34 39.44 3.25
O5 NAG HA . 9.52 36.54 1.35
O6 NAG HA . 9.92 35.47 3.82
O7 NAG HA . 10.93 40.18 -2.79
C1 NAG IA . 35.18 19.83 16.33
C2 NAG IA . 35.10 20.07 17.85
C3 NAG IA . 36.45 19.89 18.56
C4 NAG IA . 37.19 18.68 18.03
C5 NAG IA . 37.24 18.78 16.51
C6 NAG IA . 38.13 17.76 15.87
C7 NAG IA . 33.45 21.76 18.62
C8 NAG IA . 33.25 23.24 18.75
N2 NAG IA . 34.63 21.41 18.09
O3 NAG IA . 36.20 19.81 19.93
O4 NAG IA . 38.48 18.69 18.60
O5 NAG IA . 35.92 18.67 16.03
O6 NAG IA . 39.42 17.86 16.44
O7 NAG IA . 32.61 20.94 18.98
C1 NAG JA . -8.82 -26.60 20.40
C2 NAG JA . -9.89 -26.63 21.50
C3 NAG JA . -9.42 -27.52 22.64
C4 NAG JA . -8.99 -28.88 22.12
C5 NAG JA . -7.96 -28.70 21.00
C6 NAG JA . -7.47 -29.98 20.39
C7 NAG JA . -11.19 -24.52 21.52
C8 NAG JA . -11.28 -23.15 22.15
N2 NAG JA . -10.17 -25.29 21.95
O3 NAG JA . -10.48 -27.62 23.56
O4 NAG JA . -8.45 -29.59 23.21
O5 NAG JA . -8.54 -27.91 19.98
O6 NAG JA . -6.61 -29.70 19.30
O7 NAG JA . -12.00 -24.88 20.67
C1 NAG KA . -16.85 -30.61 11.06
C2 NAG KA . -17.47 -31.13 12.33
C3 NAG KA . -16.70 -32.37 12.76
C4 NAG KA . -16.76 -33.37 11.63
C5 NAG KA . -16.17 -32.75 10.37
C6 NAG KA . -16.25 -33.73 9.21
C7 NAG KA . -18.47 -29.24 13.43
C8 NAG KA . -19.03 -29.02 14.80
N2 NAG KA . -17.47 -30.11 13.35
O3 NAG KA . -17.26 -32.92 13.96
O4 NAG KA . -16.04 -34.55 11.97
O5 NAG KA . -16.92 -31.58 10.04
O6 NAG KA . -17.63 -34.01 8.93
O7 NAG KA . -18.90 -28.64 12.46
C1 NAG LA . -26.45 30.62 19.37
C2 NAG LA . -26.33 30.84 20.88
C3 NAG LA . -27.53 30.21 21.59
C4 NAG LA . -28.82 30.74 20.99
C5 NAG LA . -28.80 30.51 19.48
C6 NAG LA . -30.04 31.02 18.77
C7 NAG LA . -24.01 30.99 21.73
C8 NAG LA . -22.83 30.17 22.23
N2 NAG LA . -25.10 30.27 21.38
O3 NAG LA . -27.42 30.51 22.96
O4 NAG LA . -29.88 30.07 21.60
O5 NAG LA . -27.67 31.15 18.92
O6 NAG LA . -30.23 32.38 19.06
O7 NAG LA . -23.94 32.20 21.65
C1 NAG MA . -14.25 34.75 20.32
C2 NAG MA . -13.78 35.73 19.26
C3 NAG MA . -12.92 36.76 19.99
C4 NAG MA . -13.76 37.39 21.09
C5 NAG MA . -14.24 36.32 22.06
C6 NAG MA . -15.09 36.87 23.19
C7 NAG MA . -12.37 33.92 18.36
C8 NAG MA . -11.02 34.05 18.98
N2 NAG MA . -13.05 35.05 18.20
O3 NAG MA . -12.46 37.77 19.10
O4 NAG MA . -12.97 38.37 21.78
O5 NAG MA . -15.02 35.38 21.34
O6 NAG MA . -15.48 35.77 24.02
O7 NAG MA . -12.81 32.84 18.01
C1 NAG NA . 14.95 7.76 -24.38
C2 NAG NA . 16.15 7.15 -23.64
C3 NAG NA . 17.40 7.38 -24.49
C4 NAG NA . 17.17 6.79 -25.88
C5 NAG NA . 15.88 7.36 -26.49
C6 NAG NA . 15.54 6.80 -27.84
C7 NAG NA . 16.51 8.83 -21.73
C8 NAG NA . 16.75 10.04 -22.60
N2 NAG NA . 16.26 7.61 -22.27
O3 NAG NA . 18.49 6.77 -23.84
O4 NAG NA . 18.29 7.14 -26.67
O5 NAG NA . 14.80 7.09 -25.61
O6 NAG NA . 14.30 7.29 -28.27
O7 NAG NA . 16.56 8.97 -20.52
C1 NAG OA . 2.98 12.63 -32.35
C2 NAG OA . 3.88 11.90 -33.33
C3 NAG OA . 4.47 12.89 -34.33
C4 NAG OA . 3.37 13.69 -34.98
C5 NAG OA . 2.48 14.33 -33.92
C6 NAG OA . 1.33 15.11 -34.56
C7 NAG OA . 5.53 11.69 -31.55
C8 NAG OA . 5.73 10.71 -30.43
N2 NAG OA . 4.94 11.19 -32.64
O3 NAG OA . 5.22 12.18 -35.33
O4 NAG OA . 3.93 14.71 -35.81
O5 NAG OA . 1.95 13.32 -33.06
O6 NAG OA . 0.63 15.83 -33.54
O7 NAG OA . 5.90 12.85 -31.47
#